data_7VLY
#
_entry.id   7VLY
#
_cell.length_a   1.00
_cell.length_b   1.00
_cell.length_c   1.00
_cell.angle_alpha   90.00
_cell.angle_beta   90.00
_cell.angle_gamma   90.00
#
_symmetry.space_group_name_H-M   'P 1'
#
loop_
_entity.id
_entity.type
_entity.pdbx_description
1 polymer 'Mannose/fructose/sorbose family PTS transporter subunit IIC'
2 polymer 'PTS mannose family transporter subunit IID'
3 polymer 'Bacteriocin pediocin PA-1'
4 non-polymer alpha-D-mannopyranose
5 water water
#
loop_
_entity_poly.entity_id
_entity_poly.type
_entity_poly.pdbx_seq_one_letter_code
_entity_poly.pdbx_strand_id
1 'polypeptide(L)'
;MSVISIILVVLIAFLAGIEGILDEFQFHQPLIACTLIGLVTGNLTACIILGGTLQMIALGWANIGAAVAPDAALASVASA
IILVLGGQGVAGIPSAIAIAIPLAVAGLFLTMIVRTLAVPIVHLMDRAAEKGNIRSVEWLHISAICMQGIRIAIPAAALL
FIPADSVQSFLEAMPAWLTDGMAIGGGMVVAVGYALVINMMATKEVWPFFVIGFVVAAISQLTLIAIGALGVALALIYLN
LSKMGGGNSNGGGGGNSRDPLGDILNDY
;
Y,C,F
2 'polypeptide(L)'
;MAEKIELSKRDRLRVAWRSTFIQGSWNYERMQNGGWAFSMIPAIKKLYKTKEDRSSALKRHLEFFNTHPYIASPILGVTL
ALEEERANGAEVDDVAIQGVKVGMMGPLAGVGDPVFWFTIRPMLGALGASLALSGNILGPILFFVAWNVIRWGFMWYTQE
FGYKAGSKITDDLSGGLLQDITKGASILGMFVLAALVQRWVNIQFAPIISKVKLDEGAYIDWSHLPQGAQGIKTALQQQQ
AGLALSEIKVTTLQNNLDNLIPGLAAVALTFLCMWLLKKKISPIIIILGLFVVGIVGHLIGLL
;
Z,D,G
3 'polypeptide(L)' PHMKYYGNGVTCGKHSCSVDWGKATTCIINNGAMAWATGGHQGNHKC A,E,H
#
# COMPACT_ATOMS: atom_id res chain seq x y z
N MET A 1 -28.67 -5.12 56.32
CA MET A 1 -29.44 -5.57 55.17
C MET A 1 -30.43 -6.66 55.57
N SER A 2 -31.66 -6.56 55.07
CA SER A 2 -32.68 -7.53 55.40
C SER A 2 -32.36 -8.90 54.80
N VAL A 3 -32.85 -9.96 55.46
CA VAL A 3 -32.61 -11.31 54.97
C VAL A 3 -33.32 -11.54 53.65
N ILE A 4 -34.49 -10.94 53.45
CA ILE A 4 -35.20 -11.07 52.19
C ILE A 4 -34.36 -10.46 51.05
N SER A 5 -33.69 -9.36 51.33
CA SER A 5 -32.79 -8.78 50.33
C SER A 5 -31.66 -9.74 49.98
N ILE A 6 -31.14 -10.45 50.99
CA ILE A 6 -30.09 -11.44 50.73
C ILE A 6 -30.62 -12.56 49.83
N ILE A 7 -31.83 -13.04 50.13
CA ILE A 7 -32.41 -14.10 49.32
C ILE A 7 -32.58 -13.63 47.88
N LEU A 8 -33.11 -12.41 47.70
CA LEU A 8 -33.32 -11.90 46.35
C LEU A 8 -32.02 -11.68 45.59
N VAL A 9 -30.98 -11.19 46.26
CA VAL A 9 -29.72 -10.97 45.54
C VAL A 9 -29.07 -12.31 45.19
N VAL A 10 -29.23 -13.32 46.04
CA VAL A 10 -28.73 -14.65 45.70
C VAL A 10 -29.49 -15.22 44.50
N LEU A 11 -30.81 -15.04 44.47
CA LEU A 11 -31.58 -15.50 43.32
C LEU A 11 -31.19 -14.77 42.03
N ILE A 12 -30.95 -13.46 42.13
CA ILE A 12 -30.52 -12.70 40.96
C ILE A 12 -29.14 -13.14 40.50
N ALA A 13 -28.25 -13.45 41.44
CA ALA A 13 -26.93 -13.98 41.08
C ALA A 13 -27.06 -15.33 40.38
N PHE A 14 -27.96 -16.19 40.87
CA PHE A 14 -28.18 -17.48 40.22
C PHE A 14 -28.73 -17.29 38.81
N LEU A 15 -29.66 -16.35 38.64
CA LEU A 15 -30.21 -16.08 37.30
C LEU A 15 -29.13 -15.55 36.37
N ALA A 16 -28.26 -14.66 36.88
CA ALA A 16 -27.17 -14.14 36.06
C ALA A 16 -26.19 -15.26 35.70
N GLY A 17 -25.92 -16.17 36.63
CA GLY A 17 -25.07 -17.31 36.31
C GLY A 17 -25.65 -18.19 35.23
N ILE A 18 -26.96 -18.45 35.30
CA ILE A 18 -27.62 -19.23 34.25
C ILE A 18 -27.55 -18.52 32.91
N GLU A 19 -27.88 -17.23 32.88
CA GLU A 19 -27.91 -16.51 31.61
C GLU A 19 -26.54 -16.16 31.08
N GLY A 20 -25.48 -16.29 31.89
CA GLY A 20 -24.14 -16.15 31.37
C GLY A 20 -23.82 -17.20 30.34
N ILE A 21 -24.28 -18.43 30.55
CA ILE A 21 -24.10 -19.49 29.58
C ILE A 21 -25.26 -19.55 28.58
N LEU A 22 -26.49 -19.29 29.02
CA LEU A 22 -27.60 -19.25 28.08
C LEU A 22 -27.45 -18.10 27.10
N ASP A 23 -27.20 -16.90 27.61
CA ASP A 23 -26.96 -15.71 26.80
C ASP A 23 -28.13 -15.44 25.85
N GLU A 24 -29.35 -15.58 26.36
CA GLU A 24 -30.54 -15.28 25.56
C GLU A 24 -31.38 -14.15 26.15
N PHE A 25 -31.78 -14.25 27.41
CA PHE A 25 -32.57 -13.19 28.03
C PHE A 25 -31.70 -12.03 28.48
N GLN A 26 -30.38 -12.23 28.55
CA GLN A 26 -29.43 -11.20 28.96
C GLN A 26 -29.69 -10.69 30.38
N PHE A 27 -29.98 -11.63 31.28
CA PHE A 27 -29.98 -11.31 32.70
C PHE A 27 -28.57 -11.12 33.25
N HIS A 28 -27.55 -11.54 32.50
CA HIS A 28 -26.16 -11.40 32.91
C HIS A 28 -25.53 -10.08 32.48
N GLN A 29 -26.24 -9.30 31.67
CA GLN A 29 -25.71 -8.00 31.26
C GLN A 29 -25.74 -7.04 32.44
N PRO A 30 -24.75 -6.15 32.55
CA PRO A 30 -24.76 -5.17 33.66
C PRO A 30 -26.02 -4.31 33.68
N LEU A 31 -26.51 -3.94 32.51
CA LEU A 31 -27.66 -3.04 32.42
C LEU A 31 -28.89 -3.60 33.12
N ILE A 32 -29.02 -4.92 33.17
CA ILE A 32 -30.13 -5.56 33.85
C ILE A 32 -29.75 -6.05 35.24
N ALA A 33 -28.58 -6.67 35.36
CA ALA A 33 -28.17 -7.26 36.63
C ALA A 33 -28.00 -6.21 37.71
N CYS A 34 -27.36 -5.08 37.37
CA CYS A 34 -27.11 -4.06 38.39
C CYS A 34 -28.42 -3.46 38.91
N THR A 35 -29.34 -3.12 38.01
CA THR A 35 -30.62 -2.57 38.46
C THR A 35 -31.46 -3.59 39.19
N LEU A 36 -31.38 -4.87 38.80
CA LEU A 36 -32.09 -5.90 39.55
C LEU A 36 -31.54 -6.02 40.97
N ILE A 37 -30.22 -5.97 41.12
CA ILE A 37 -29.60 -6.06 42.44
C ILE A 37 -29.92 -4.83 43.28
N GLY A 38 -29.98 -3.65 42.67
CA GLY A 38 -30.24 -2.43 43.42
C GLY A 38 -31.71 -2.21 43.73
N LEU A 39 -32.59 -2.83 42.94
CA LEU A 39 -34.03 -2.66 43.17
C LEU A 39 -34.49 -3.41 44.41
N VAL A 40 -33.88 -4.57 44.68
CA VAL A 40 -34.29 -5.42 45.79
C VAL A 40 -33.58 -4.99 47.07
N THR A 41 -32.78 -3.92 46.99
CA THR A 41 -32.05 -3.42 48.13
C THR A 41 -32.30 -1.95 48.44
N GLY A 42 -32.95 -1.21 47.56
CA GLY A 42 -33.25 0.19 47.76
C GLY A 42 -32.27 1.13 47.07
N ASN A 43 -31.11 0.64 46.65
CA ASN A 43 -30.13 1.45 45.92
C ASN A 43 -30.41 1.36 44.42
N LEU A 44 -31.55 1.93 44.04
CA LEU A 44 -32.04 1.76 42.67
C LEU A 44 -31.26 2.62 41.69
N THR A 45 -31.28 3.95 41.88
CA THR A 45 -30.68 4.86 40.91
C THR A 45 -29.17 4.68 40.84
N ALA A 46 -28.51 4.49 41.98
CA ALA A 46 -27.06 4.30 41.96
C ALA A 46 -26.67 3.04 41.19
N CYS A 47 -27.42 1.96 41.39
CA CYS A 47 -27.15 0.74 40.64
C CYS A 47 -27.49 0.91 39.17
N ILE A 48 -28.48 1.73 38.84
CA ILE A 48 -28.76 2.03 37.43
C ILE A 48 -27.58 2.75 36.80
N ILE A 49 -26.99 3.72 37.51
CA ILE A 49 -25.81 4.42 36.98
C ILE A 49 -24.66 3.44 36.80
N LEU A 50 -24.43 2.59 37.80
CA LEU A 50 -23.34 1.62 37.70
C LEU A 50 -23.55 0.65 36.54
N GLY A 51 -24.79 0.18 36.35
CA GLY A 51 -25.07 -0.72 35.25
C GLY A 51 -24.88 -0.05 33.91
N GLY A 52 -25.34 1.20 33.78
CA GLY A 52 -25.12 1.92 32.54
C GLY A 52 -23.64 2.10 32.22
N THR A 53 -22.85 2.48 33.24
CA THR A 53 -21.41 2.66 33.03
C THR A 53 -20.75 1.35 32.64
N LEU A 54 -21.08 0.26 33.33
CA LEU A 54 -20.45 -1.02 33.04
C LEU A 54 -20.88 -1.54 31.66
N GLN A 55 -22.14 -1.35 31.29
CA GLN A 55 -22.59 -1.74 29.96
C GLN A 55 -21.88 -0.94 28.89
N MET A 56 -21.67 0.36 29.13
CA MET A 56 -20.86 1.15 28.21
C MET A 56 -19.45 0.59 28.11
N ILE A 57 -18.90 0.12 29.23
CA ILE A 57 -17.60 -0.53 29.19
C ILE A 57 -17.66 -1.89 28.49
N ALA A 58 -18.63 -2.72 28.84
CA ALA A 58 -18.73 -4.09 28.32
C ALA A 58 -19.65 -4.17 27.11
N LEU A 59 -19.38 -3.36 26.08
CA LEU A 59 -20.19 -3.36 24.86
C LEU A 59 -19.75 -4.46 23.88
N GLY A 60 -18.53 -4.96 24.01
CA GLY A 60 -18.02 -5.92 23.04
C GLY A 60 -17.61 -7.26 23.61
N TRP A 61 -18.12 -7.61 24.79
CA TRP A 61 -17.78 -8.88 25.43
C TRP A 61 -18.78 -9.93 24.97
N ALA A 62 -18.39 -10.70 23.95
CA ALA A 62 -19.23 -11.77 23.40
C ALA A 62 -18.42 -13.05 23.27
N ASN A 63 -19.06 -14.17 23.60
CA ASN A 63 -18.46 -15.49 23.43
C ASN A 63 -18.55 -15.89 21.96
N ILE A 64 -17.41 -16.24 21.38
CA ILE A 64 -17.32 -16.63 19.97
C ILE A 64 -16.56 -17.96 19.93
N GLY A 65 -17.27 -19.04 19.66
CA GLY A 65 -16.64 -20.36 19.64
C GLY A 65 -16.06 -20.69 21.01
N ALA A 66 -14.83 -21.20 21.00
CA ALA A 66 -14.15 -21.55 22.25
C ALA A 66 -13.44 -20.36 22.88
N ALA A 67 -13.51 -19.18 22.27
CA ALA A 67 -12.93 -17.96 22.83
C ALA A 67 -13.97 -17.31 23.73
N VAL A 68 -13.88 -17.63 25.03
CA VAL A 68 -14.86 -17.13 25.99
C VAL A 68 -14.66 -15.63 26.20
N ALA A 69 -15.76 -14.95 26.45
CA ALA A 69 -15.79 -13.52 26.71
C ALA A 69 -15.39 -13.24 28.15
N PRO A 70 -15.02 -11.99 28.47
CA PRO A 70 -14.62 -11.67 29.85
C PRO A 70 -15.70 -11.86 30.90
N ASP A 71 -16.86 -12.39 30.53
CA ASP A 71 -17.90 -12.81 31.47
C ASP A 71 -18.36 -11.63 32.34
N ALA A 72 -19.05 -10.70 31.68
CA ALA A 72 -19.54 -9.48 32.31
C ALA A 72 -20.50 -9.77 33.45
N ALA A 73 -21.02 -11.00 33.51
CA ALA A 73 -21.99 -11.38 34.53
C ALA A 73 -21.44 -11.27 35.96
N LEU A 74 -20.28 -11.86 36.22
CA LEU A 74 -19.73 -11.82 37.57
C LEU A 74 -19.39 -10.40 37.98
N ALA A 75 -18.80 -9.61 37.07
CA ALA A 75 -18.55 -8.22 37.37
C ALA A 75 -19.83 -7.49 37.70
N SER A 76 -20.87 -7.69 36.89
CA SER A 76 -22.13 -6.99 37.08
C SER A 76 -22.75 -7.29 38.44
N VAL A 77 -22.76 -8.58 38.83
CA VAL A 77 -23.32 -8.92 40.13
C VAL A 77 -22.43 -8.41 41.27
N ALA A 78 -21.12 -8.69 41.21
CA ALA A 78 -20.27 -8.47 42.38
C ALA A 78 -19.99 -6.99 42.61
N SER A 79 -19.70 -6.23 41.55
CA SER A 79 -19.48 -4.80 41.71
C SER A 79 -20.71 -4.11 42.27
N ALA A 80 -21.90 -4.50 41.79
CA ALA A 80 -23.14 -3.93 42.31
C ALA A 80 -23.36 -4.31 43.76
N ILE A 81 -23.05 -5.57 44.13
CA ILE A 81 -23.21 -5.99 45.52
C ILE A 81 -22.28 -5.19 46.44
N ILE A 82 -21.02 -5.02 46.02
CA ILE A 82 -20.05 -4.30 46.83
C ILE A 82 -20.43 -2.82 46.92
N LEU A 83 -20.97 -2.25 45.84
CA LEU A 83 -21.47 -0.88 45.89
C LEU A 83 -22.64 -0.77 46.87
N VAL A 84 -23.54 -1.75 46.87
CA VAL A 84 -24.71 -1.69 47.75
C VAL A 84 -24.28 -1.77 49.21
N LEU A 85 -23.48 -2.76 49.58
CA LEU A 85 -23.11 -2.91 50.98
C LEU A 85 -21.79 -2.21 51.30
N GLY A 86 -21.65 -0.97 50.88
CA GLY A 86 -20.49 -0.17 51.21
C GLY A 86 -20.82 1.30 51.38
N GLY A 87 -22.11 1.64 51.35
CA GLY A 87 -22.48 3.03 51.33
C GLY A 87 -22.03 3.68 50.04
N GLN A 88 -21.91 5.00 50.07
CA GLN A 88 -21.42 5.80 48.93
C GLN A 88 -22.17 5.42 47.65
N GLY A 89 -23.47 5.69 47.67
CA GLY A 89 -24.36 5.32 46.58
C GLY A 89 -23.86 5.70 45.20
N VAL A 90 -23.74 7.01 44.93
CA VAL A 90 -23.31 7.49 43.63
C VAL A 90 -21.80 7.69 43.57
N ALA A 91 -21.17 8.14 44.66
CA ALA A 91 -19.74 8.41 44.65
C ALA A 91 -18.88 7.15 44.71
N GLY A 92 -19.46 6.02 45.12
CA GLY A 92 -18.72 4.78 45.16
C GLY A 92 -18.66 4.03 43.86
N ILE A 93 -19.27 4.57 42.80
CA ILE A 93 -19.29 3.88 41.51
C ILE A 93 -17.89 3.70 40.93
N PRO A 94 -16.99 4.68 40.93
CA PRO A 94 -15.66 4.45 40.35
C PRO A 94 -14.86 3.35 41.02
N SER A 95 -15.13 3.03 42.29
CA SER A 95 -14.48 1.89 42.92
C SER A 95 -15.04 0.56 42.43
N ALA A 96 -16.36 0.47 42.27
CA ALA A 96 -16.95 -0.73 41.71
C ALA A 96 -16.48 -0.97 40.28
N ILE A 97 -16.41 0.11 39.48
CA ILE A 97 -15.91 -0.02 38.12
C ILE A 97 -14.46 -0.49 38.13
N ALA A 98 -13.65 0.07 39.03
CA ALA A 98 -12.24 -0.31 39.09
C ALA A 98 -12.06 -1.77 39.47
N ILE A 99 -12.86 -2.25 40.43
CA ILE A 99 -12.72 -3.64 40.87
C ILE A 99 -13.42 -4.62 39.93
N ALA A 100 -14.30 -4.15 39.05
CA ALA A 100 -15.03 -5.05 38.17
C ALA A 100 -14.11 -5.75 37.17
N ILE A 101 -13.11 -5.02 36.63
CA ILE A 101 -12.33 -5.56 35.51
C ILE A 101 -11.54 -6.80 35.89
N PRO A 102 -10.75 -6.83 36.97
CA PRO A 102 -10.10 -8.10 37.35
C PRO A 102 -11.07 -9.19 37.71
N LEU A 103 -12.21 -8.85 38.31
CA LEU A 103 -13.23 -9.83 38.61
C LEU A 103 -13.87 -10.40 37.37
N ALA A 104 -13.89 -9.64 36.26
CA ALA A 104 -14.31 -10.19 34.99
C ALA A 104 -13.36 -11.30 34.53
N VAL A 105 -12.05 -11.09 34.69
CA VAL A 105 -11.09 -12.13 34.34
C VAL A 105 -11.25 -13.34 35.25
N ALA A 106 -11.50 -13.10 36.54
CA ALA A 106 -11.75 -14.22 37.45
C ALA A 106 -12.99 -15.01 37.03
N GLY A 107 -14.06 -14.31 36.64
CA GLY A 107 -15.24 -15.00 36.14
C GLY A 107 -14.98 -15.75 34.85
N LEU A 108 -14.12 -15.20 33.99
CA LEU A 108 -13.72 -15.90 32.78
C LEU A 108 -13.02 -17.22 33.13
N PHE A 109 -12.11 -17.17 34.10
CA PHE A 109 -11.44 -18.40 34.54
C PHE A 109 -12.44 -19.40 35.10
N LEU A 110 -13.39 -18.93 35.92
CA LEU A 110 -14.38 -19.82 36.51
C LEU A 110 -15.25 -20.46 35.45
N THR A 111 -15.71 -19.68 34.47
CA THR A 111 -16.58 -20.23 33.43
C THR A 111 -15.80 -21.16 32.51
N MET A 112 -14.51 -20.89 32.28
CA MET A 112 -13.70 -21.84 31.54
C MET A 112 -13.57 -23.16 32.29
N ILE A 113 -13.39 -23.09 33.61
CA ILE A 113 -13.30 -24.30 34.42
C ILE A 113 -14.61 -25.09 34.33
N VAL A 114 -15.75 -24.40 34.42
CA VAL A 114 -17.03 -25.10 34.35
C VAL A 114 -17.30 -25.67 32.96
N ARG A 115 -16.95 -24.95 31.89
CA ARG A 115 -17.10 -25.51 30.55
C ARG A 115 -16.20 -26.72 30.35
N THR A 116 -15.01 -26.72 30.95
CA THR A 116 -14.18 -27.93 30.94
C THR A 116 -14.86 -29.07 31.70
N LEU A 117 -15.43 -28.77 32.87
CA LEU A 117 -16.13 -29.76 33.66
C LEU A 117 -17.39 -30.30 32.99
N ALA A 118 -17.92 -29.58 32.00
CA ALA A 118 -19.15 -30.02 31.35
C ALA A 118 -18.96 -31.24 30.44
N VAL A 119 -17.73 -31.65 30.17
CA VAL A 119 -17.46 -32.75 29.25
C VAL A 119 -17.92 -34.09 29.82
N PRO A 120 -17.60 -34.44 31.07
CA PRO A 120 -18.17 -35.69 31.61
C PRO A 120 -19.68 -35.69 31.66
N ILE A 121 -20.32 -34.51 31.77
CA ILE A 121 -21.77 -34.45 31.75
C ILE A 121 -22.32 -34.97 30.43
N VAL A 122 -21.77 -34.50 29.30
CA VAL A 122 -22.27 -34.98 28.02
C VAL A 122 -21.81 -36.40 27.76
N HIS A 123 -20.71 -36.84 28.37
CA HIS A 123 -20.35 -38.25 28.29
C HIS A 123 -21.40 -39.13 28.96
N LEU A 124 -21.86 -38.74 30.16
CA LEU A 124 -22.94 -39.47 30.81
C LEU A 124 -24.24 -39.36 30.01
N MET A 125 -24.45 -38.22 29.34
CA MET A 125 -25.61 -38.07 28.49
C MET A 125 -25.57 -39.07 27.33
N ASP A 126 -24.41 -39.25 26.72
CA ASP A 126 -24.26 -40.25 25.66
C ASP A 126 -24.50 -41.66 26.22
N ARG A 127 -23.94 -41.96 27.38
CA ARG A 127 -24.12 -43.28 27.98
C ARG A 127 -25.60 -43.54 28.31
N ALA A 128 -26.33 -42.52 28.72
CA ALA A 128 -27.76 -42.67 28.99
C ALA A 128 -28.55 -42.76 27.69
N ALA A 129 -28.10 -42.09 26.63
CA ALA A 129 -28.75 -42.21 25.33
C ALA A 129 -28.63 -43.63 24.80
N GLU A 130 -27.48 -44.27 25.01
CA GLU A 130 -27.34 -45.67 24.60
C GLU A 130 -28.25 -46.60 25.39
N LYS A 131 -28.72 -46.17 26.56
CA LYS A 131 -29.64 -46.97 27.36
C LYS A 131 -31.10 -46.68 27.06
N GLY A 132 -31.40 -45.71 26.21
CA GLY A 132 -32.77 -45.39 25.86
C GLY A 132 -33.55 -44.63 26.91
N ASN A 133 -32.87 -43.92 27.81
CA ASN A 133 -33.54 -43.14 28.85
C ASN A 133 -33.62 -41.69 28.39
N ILE A 134 -34.83 -41.24 28.07
CA ILE A 134 -35.00 -39.91 27.49
C ILE A 134 -35.05 -38.81 28.54
N ARG A 135 -35.36 -39.14 29.80
CA ARG A 135 -35.51 -38.12 30.83
C ARG A 135 -34.20 -37.81 31.55
N SER A 136 -33.30 -38.79 31.65
CA SER A 136 -32.04 -38.56 32.34
C SER A 136 -31.13 -37.61 31.56
N VAL A 137 -31.25 -37.59 30.23
CA VAL A 137 -30.52 -36.61 29.43
C VAL A 137 -30.98 -35.20 29.77
N GLU A 138 -32.31 -35.01 29.87
CA GLU A 138 -32.84 -33.72 30.30
C GLU A 138 -32.36 -33.37 31.70
N TRP A 139 -32.35 -34.36 32.61
CA TRP A 139 -31.88 -34.11 33.97
C TRP A 139 -30.43 -33.66 33.98
N LEU A 140 -29.58 -34.30 33.18
CA LEU A 140 -28.18 -33.92 33.13
C LEU A 140 -28.00 -32.53 32.51
N HIS A 141 -28.80 -32.20 31.49
CA HIS A 141 -28.74 -30.86 30.91
C HIS A 141 -29.14 -29.80 31.93
N ILE A 142 -30.20 -30.06 32.70
CA ILE A 142 -30.62 -29.12 33.74
C ILE A 142 -29.56 -29.02 34.83
N SER A 143 -28.91 -30.13 35.17
CA SER A 143 -27.83 -30.11 36.15
C SER A 143 -26.66 -29.27 35.64
N ALA A 144 -26.34 -29.38 34.35
CA ALA A 144 -25.29 -28.55 33.77
C ALA A 144 -25.66 -27.07 33.82
N ILE A 145 -26.93 -26.75 33.55
CA ILE A 145 -27.38 -25.36 33.67
C ILE A 145 -27.24 -24.86 35.10
N CYS A 146 -27.68 -25.68 36.07
CA CYS A 146 -27.59 -25.30 37.47
C CYS A 146 -26.16 -25.16 37.95
N MET A 147 -25.23 -25.93 37.38
CA MET A 147 -23.83 -25.79 37.75
C MET A 147 -23.30 -24.40 37.36
N GLN A 148 -23.62 -23.94 36.16
CA GLN A 148 -23.19 -22.61 35.75
C GLN A 148 -23.92 -21.52 36.52
N GLY A 149 -25.18 -21.77 36.92
CA GLY A 149 -25.85 -20.84 37.80
C GLY A 149 -25.18 -20.71 39.15
N ILE A 150 -24.82 -21.85 39.75
CA ILE A 150 -24.12 -21.88 41.02
C ILE A 150 -22.74 -21.23 40.92
N ARG A 151 -22.08 -21.38 39.77
CA ARG A 151 -20.78 -20.76 39.54
C ARG A 151 -20.75 -19.29 39.94
N ILE A 152 -21.84 -18.57 39.75
CA ILE A 152 -21.95 -17.18 40.19
C ILE A 152 -22.79 -17.02 41.43
N ALA A 153 -23.72 -17.95 41.72
CA ALA A 153 -24.50 -17.84 42.96
C ALA A 153 -23.63 -17.96 44.19
N ILE A 154 -22.52 -18.70 44.12
CA ILE A 154 -21.66 -18.90 45.28
C ILE A 154 -20.82 -17.66 45.59
N PRO A 155 -20.06 -17.09 44.64
CA PRO A 155 -19.25 -15.91 45.00
C PRO A 155 -20.06 -14.73 45.48
N ALA A 156 -21.24 -14.51 44.90
CA ALA A 156 -22.08 -13.40 45.33
C ALA A 156 -22.60 -13.56 46.74
N ALA A 157 -22.93 -14.78 47.16
CA ALA A 157 -23.29 -15.06 48.54
C ALA A 157 -22.10 -15.00 49.49
N ALA A 158 -20.92 -15.42 49.03
CA ALA A 158 -19.72 -15.29 49.86
C ALA A 158 -19.38 -13.83 50.12
N LEU A 159 -19.56 -12.97 49.11
CA LEU A 159 -19.27 -11.55 49.28
C LEU A 159 -20.20 -10.90 50.30
N LEU A 160 -21.39 -11.47 50.50
CA LEU A 160 -22.38 -10.84 51.36
C LEU A 160 -21.99 -10.87 52.84
N PHE A 161 -21.18 -11.84 53.27
CA PHE A 161 -20.80 -11.98 54.66
C PHE A 161 -19.35 -11.57 54.93
N ILE A 162 -18.77 -10.76 54.07
CA ILE A 162 -17.41 -10.24 54.29
C ILE A 162 -17.45 -8.73 54.17
N PRO A 163 -16.48 -8.03 54.76
CA PRO A 163 -16.45 -6.56 54.66
C PRO A 163 -16.35 -6.11 53.21
N ALA A 164 -16.88 -4.92 52.95
CA ALA A 164 -16.97 -4.40 51.59
C ALA A 164 -15.60 -4.27 50.96
N ASP A 165 -14.64 -3.72 51.71
CA ASP A 165 -13.28 -3.51 51.19
C ASP A 165 -12.45 -4.78 51.43
N SER A 166 -12.93 -5.88 50.84
CA SER A 166 -12.22 -7.15 50.84
C SER A 166 -11.66 -7.50 49.48
N VAL A 167 -12.47 -7.37 48.42
CA VAL A 167 -11.98 -7.57 47.06
C VAL A 167 -10.96 -6.49 46.70
N GLN A 168 -11.28 -5.23 47.04
CA GLN A 168 -10.36 -4.14 46.76
C GLN A 168 -9.08 -4.28 47.56
N SER A 169 -9.18 -4.69 48.83
CA SER A 169 -8.00 -4.89 49.65
C SER A 169 -7.14 -6.02 49.10
N PHE A 170 -7.77 -7.11 48.66
CA PHE A 170 -7.02 -8.22 48.09
C PHE A 170 -6.34 -7.80 46.79
N LEU A 171 -7.02 -7.01 45.97
CA LEU A 171 -6.43 -6.51 44.73
C LEU A 171 -5.26 -5.55 45.00
N GLU A 172 -5.37 -4.70 46.01
CA GLU A 172 -4.30 -3.77 46.36
C GLU A 172 -3.13 -4.45 47.06
N ALA A 173 -3.40 -5.46 47.87
CA ALA A 173 -2.34 -6.24 48.51
C ALA A 173 -1.88 -7.35 47.57
N MET A 174 -1.53 -6.98 46.34
CA MET A 174 -1.06 -7.92 45.34
C MET A 174 0.29 -7.44 44.83
N PRO A 175 1.27 -8.32 44.67
CA PRO A 175 2.59 -7.89 44.22
C PRO A 175 2.53 -7.25 42.84
N ALA A 176 3.36 -6.24 42.62
CA ALA A 176 3.37 -5.51 41.37
C ALA A 176 3.78 -6.37 40.19
N TRP A 177 4.75 -7.27 40.37
CA TRP A 177 5.17 -8.13 39.28
C TRP A 177 4.05 -9.04 38.80
N LEU A 178 3.20 -9.53 39.73
CA LEU A 178 2.05 -10.32 39.32
C LEU A 178 1.09 -9.49 38.46
N THR A 179 0.82 -8.25 38.88
CA THR A 179 -0.09 -7.39 38.12
C THR A 179 0.46 -7.11 36.72
N ASP A 180 1.75 -6.80 36.62
CA ASP A 180 2.37 -6.57 35.32
C ASP A 180 2.42 -7.82 34.46
N GLY A 181 2.66 -9.00 35.05
CA GLY A 181 2.61 -10.22 34.29
C GLY A 181 1.23 -10.51 33.75
N MET A 182 0.20 -10.30 34.57
CA MET A 182 -1.18 -10.45 34.09
C MET A 182 -1.50 -9.48 32.97
N ALA A 183 -1.07 -8.23 33.11
CA ALA A 183 -1.31 -7.24 32.06
C ALA A 183 -0.61 -7.62 30.76
N ILE A 184 0.62 -8.11 30.86
CA ILE A 184 1.38 -8.51 29.67
C ILE A 184 0.72 -9.72 29.01
N GLY A 185 0.33 -10.71 29.83
CA GLY A 185 -0.29 -11.91 29.30
C GLY A 185 -1.69 -11.69 28.75
N GLY A 186 -2.36 -10.62 29.18
CA GLY A 186 -3.67 -10.31 28.65
C GLY A 186 -3.68 -9.75 27.25
N GLY A 187 -2.56 -9.18 26.80
CA GLY A 187 -2.46 -8.70 25.43
C GLY A 187 -2.10 -9.76 24.42
N MET A 188 -1.68 -10.94 24.87
CA MET A 188 -1.33 -12.04 23.98
C MET A 188 -2.41 -13.10 23.91
N VAL A 189 -3.42 -13.03 24.78
CA VAL A 189 -4.49 -14.03 24.81
C VAL A 189 -5.30 -14.00 23.52
N VAL A 190 -5.57 -12.79 22.99
CA VAL A 190 -6.42 -12.66 21.81
C VAL A 190 -5.84 -13.42 20.62
N ALA A 191 -4.52 -13.61 20.61
CA ALA A 191 -3.88 -14.36 19.54
C ALA A 191 -4.45 -15.77 19.47
N VAL A 192 -4.65 -16.41 20.63
CA VAL A 192 -5.31 -17.71 20.66
C VAL A 192 -6.67 -17.63 19.98
N GLY A 193 -7.45 -16.59 20.31
CA GLY A 193 -8.74 -16.41 19.67
C GLY A 193 -8.63 -16.29 18.17
N TYR A 194 -7.50 -15.75 17.67
CA TYR A 194 -7.30 -15.71 16.23
C TYR A 194 -6.94 -17.08 15.68
N ALA A 195 -6.11 -17.83 16.41
CA ALA A 195 -5.61 -19.11 15.91
C ALA A 195 -6.76 -20.07 15.62
N LEU A 196 -7.73 -20.16 16.55
CA LEU A 196 -8.88 -21.00 16.33
C LEU A 196 -9.58 -20.68 15.01
N VAL A 197 -9.67 -19.39 14.67
CA VAL A 197 -10.28 -19.02 13.40
C VAL A 197 -9.41 -19.47 12.24
N ILE A 198 -8.09 -19.26 12.36
CA ILE A 198 -7.20 -19.59 11.26
C ILE A 198 -7.24 -21.09 10.98
N ASN A 199 -7.32 -21.90 12.04
CA ASN A 199 -7.44 -23.33 11.84
C ASN A 199 -8.74 -23.69 11.14
N MET A 200 -9.81 -22.92 11.37
CA MET A 200 -11.09 -23.22 10.74
C MET A 200 -11.02 -23.03 9.23
N MET A 201 -10.53 -21.87 8.79
CA MET A 201 -10.46 -21.54 7.37
C MET A 201 -9.04 -21.14 7.01
N ALA A 202 -8.29 -22.08 6.42
CA ALA A 202 -6.95 -21.77 5.92
C ALA A 202 -6.62 -22.76 4.81
N THR A 203 -6.59 -22.27 3.57
CA THR A 203 -6.23 -23.07 2.41
C THR A 203 -5.05 -22.41 1.70
N LYS A 204 -4.43 -23.17 0.80
CA LYS A 204 -3.30 -22.66 0.03
C LYS A 204 -3.71 -21.53 -0.91
N GLU A 205 -5.00 -21.33 -1.14
CA GLU A 205 -5.49 -20.27 -2.01
C GLU A 205 -5.63 -18.93 -1.29
N VAL A 206 -5.83 -18.95 0.03
CA VAL A 206 -6.10 -17.71 0.77
C VAL A 206 -4.93 -17.26 1.63
N TRP A 207 -3.90 -18.08 1.79
CA TRP A 207 -2.72 -17.65 2.53
C TRP A 207 -2.06 -16.40 1.95
N PRO A 208 -1.91 -16.25 0.62
CA PRO A 208 -1.35 -14.99 0.10
C PRO A 208 -2.12 -13.76 0.54
N PHE A 209 -3.45 -13.85 0.67
CA PHE A 209 -4.22 -12.73 1.19
C PHE A 209 -3.86 -12.45 2.65
N PHE A 210 -3.62 -13.49 3.44
CA PHE A 210 -3.12 -13.29 4.79
C PHE A 210 -1.78 -12.55 4.78
N VAL A 211 -0.88 -12.94 3.87
CA VAL A 211 0.41 -12.27 3.79
C VAL A 211 0.25 -10.80 3.43
N ILE A 212 -0.62 -10.52 2.45
CA ILE A 212 -0.84 -9.12 2.04
C ILE A 212 -1.44 -8.32 3.18
N GLY A 213 -2.41 -8.89 3.90
CA GLY A 213 -3.00 -8.18 5.02
C GLY A 213 -1.99 -7.89 6.12
N PHE A 214 -1.16 -8.87 6.44
CA PHE A 214 -0.13 -8.68 7.46
C PHE A 214 0.85 -7.60 7.04
N VAL A 215 1.26 -7.59 5.78
CA VAL A 215 2.18 -6.55 5.30
C VAL A 215 1.51 -5.19 5.34
N VAL A 216 0.25 -5.10 4.88
CA VAL A 216 -0.45 -3.82 4.79
C VAL A 216 -0.70 -3.23 6.17
N ALA A 217 -0.93 -4.08 7.18
CA ALA A 217 -1.25 -3.59 8.52
C ALA A 217 -0.14 -2.73 9.11
N ALA A 218 1.10 -2.84 8.60
CA ALA A 218 2.19 -2.03 9.11
C ALA A 218 2.08 -0.56 8.72
N ILE A 219 1.21 -0.22 7.78
CA ILE A 219 1.01 1.17 7.36
C ILE A 219 0.02 1.81 8.32
N SER A 220 0.52 2.68 9.21
CA SER A 220 -0.30 3.28 10.24
C SER A 220 -1.33 4.27 9.70
N GLN A 221 -1.13 4.81 8.51
CA GLN A 221 -2.09 5.75 7.94
C GLN A 221 -3.36 5.08 7.45
N LEU A 222 -3.36 3.76 7.29
CA LEU A 222 -4.54 3.01 6.89
C LEU A 222 -5.31 2.58 8.14
N THR A 223 -6.57 2.95 8.20
CA THR A 223 -7.40 2.56 9.34
C THR A 223 -7.85 1.11 9.20
N LEU A 224 -8.53 0.62 10.24
CA LEU A 224 -9.04 -0.74 10.20
C LEU A 224 -10.17 -0.88 9.19
N ILE A 225 -11.02 0.15 9.09
CA ILE A 225 -12.07 0.15 8.07
C ILE A 225 -11.47 0.22 6.68
N ALA A 226 -10.40 0.97 6.50
CA ALA A 226 -9.72 1.01 5.20
C ALA A 226 -9.16 -0.36 4.84
N ILE A 227 -8.57 -1.06 5.82
CA ILE A 227 -8.03 -2.39 5.56
C ILE A 227 -9.16 -3.35 5.21
N GLY A 228 -10.29 -3.26 5.92
CA GLY A 228 -11.43 -4.10 5.58
C GLY A 228 -11.96 -3.83 4.18
N ALA A 229 -12.04 -2.55 3.80
CA ALA A 229 -12.48 -2.20 2.45
C ALA A 229 -11.52 -2.72 1.39
N LEU A 230 -10.22 -2.62 1.65
CA LEU A 230 -9.23 -3.18 0.73
C LEU A 230 -9.41 -4.69 0.59
N GLY A 231 -9.65 -5.38 1.71
CA GLY A 231 -9.90 -6.80 1.65
C GLY A 231 -11.15 -7.15 0.86
N VAL A 232 -12.22 -6.39 1.04
CA VAL A 232 -13.45 -6.62 0.29
C VAL A 232 -13.19 -6.43 -1.21
N ALA A 233 -12.48 -5.36 -1.57
CA ALA A 233 -12.21 -5.10 -2.97
C ALA A 233 -11.34 -6.21 -3.57
N LEU A 234 -10.33 -6.66 -2.83
CA LEU A 234 -9.48 -7.74 -3.32
C LEU A 234 -10.26 -9.03 -3.49
N ALA A 235 -11.14 -9.35 -2.54
CA ALA A 235 -11.97 -10.55 -2.67
C ALA A 235 -12.90 -10.46 -3.86
N LEU A 236 -13.49 -9.28 -4.09
CA LEU A 236 -14.38 -9.11 -5.23
C LEU A 236 -13.62 -9.26 -6.55
N ILE A 237 -12.42 -8.68 -6.65
CA ILE A 237 -11.63 -8.81 -7.86
C ILE A 237 -11.24 -10.27 -8.08
N TYR A 238 -10.86 -10.97 -7.00
CA TYR A 238 -10.47 -12.37 -7.12
C TYR A 238 -11.65 -13.21 -7.59
N LEU A 239 -12.83 -12.97 -7.03
CA LEU A 239 -14.03 -13.71 -7.45
C LEU A 239 -14.37 -13.42 -8.91
N ASN A 240 -14.27 -12.15 -9.32
CA ASN A 240 -14.55 -11.80 -10.71
C ASN A 240 -13.59 -12.49 -11.66
N LEU A 241 -12.30 -12.53 -11.31
CA LEU A 241 -11.30 -13.13 -12.17
C LEU A 241 -11.35 -14.66 -12.15
N SER A 242 -11.83 -15.26 -11.07
CA SER A 242 -11.88 -16.72 -11.00
C SER A 242 -12.92 -17.30 -11.95
N LYS A 243 -14.06 -16.64 -12.12
CA LYS A 243 -15.17 -17.18 -12.89
C LYS A 243 -15.22 -16.57 -14.30
N MET A 244 -14.12 -15.98 -14.75
CA MET A 244 -14.02 -15.49 -16.12
C MET A 244 -13.39 -16.51 -17.06
N GLY A 245 -12.55 -17.40 -16.54
CA GLY A 245 -11.96 -18.44 -17.34
C GLY A 245 -12.60 -19.80 -17.10
N GLY A 246 -13.17 -19.98 -15.91
CA GLY A 246 -13.85 -21.23 -15.61
C GLY A 246 -15.06 -21.47 -16.48
N GLY A 247 -15.84 -20.42 -16.73
CA GLY A 247 -17.03 -20.53 -17.56
C GLY A 247 -16.84 -19.96 -18.96
N LEU B 7 -45.85 -33.91 13.26
CA LEU B 7 -45.95 -33.04 14.42
C LEU B 7 -46.70 -31.76 14.10
N SER B 8 -47.52 -31.30 15.05
CA SER B 8 -48.33 -30.11 14.85
C SER B 8 -47.53 -28.86 15.22
N LYS B 9 -48.20 -27.70 15.12
CA LYS B 9 -47.57 -26.44 15.50
C LYS B 9 -47.26 -26.40 16.99
N ARG B 10 -48.04 -27.13 17.80
CA ARG B 10 -47.76 -27.18 19.24
C ARG B 10 -46.39 -27.79 19.51
N ASP B 11 -46.07 -28.89 18.82
CA ASP B 11 -44.77 -29.53 19.01
C ASP B 11 -43.63 -28.64 18.52
N ARG B 12 -43.83 -27.94 17.40
CA ARG B 12 -42.82 -27.01 16.91
C ARG B 12 -42.60 -25.85 17.87
N LEU B 13 -43.66 -25.29 18.45
CA LEU B 13 -43.50 -24.24 19.44
C LEU B 13 -42.83 -24.74 20.71
N ARG B 14 -43.14 -25.99 21.11
CA ARG B 14 -42.44 -26.59 22.24
C ARG B 14 -40.95 -26.72 21.96
N VAL B 15 -40.61 -27.16 20.75
CA VAL B 15 -39.20 -27.27 20.37
C VAL B 15 -38.53 -25.89 20.38
N ALA B 16 -39.22 -24.88 19.85
CA ALA B 16 -38.66 -23.54 19.82
C ALA B 16 -38.42 -23.00 21.23
N TRP B 17 -39.38 -23.20 22.13
CA TRP B 17 -39.20 -22.75 23.52
C TRP B 17 -38.07 -23.51 24.20
N ARG B 18 -37.97 -24.81 23.94
CA ARG B 18 -36.92 -25.62 24.55
C ARG B 18 -35.55 -25.32 23.94
N SER B 19 -35.51 -24.68 22.77
CA SER B 19 -34.26 -24.36 22.10
C SER B 19 -33.56 -23.13 22.69
N THR B 20 -34.20 -22.41 23.61
CA THR B 20 -33.54 -21.29 24.27
C THR B 20 -32.50 -21.73 25.29
N PHE B 21 -32.47 -23.03 25.64
CA PHE B 21 -31.45 -23.59 26.52
C PHE B 21 -30.42 -24.40 25.74
N ILE B 22 -30.20 -24.07 24.47
CA ILE B 22 -29.30 -24.84 23.62
C ILE B 22 -27.84 -24.71 24.03
N GLN B 23 -27.51 -23.72 24.86
CA GLN B 23 -26.14 -23.52 25.34
C GLN B 23 -25.98 -23.98 26.78
N GLY B 24 -26.92 -24.77 27.31
CA GLY B 24 -26.92 -25.07 28.74
C GLY B 24 -25.69 -25.81 29.22
N SER B 25 -25.20 -26.77 28.43
CA SER B 25 -24.03 -27.55 28.84
C SER B 25 -22.73 -26.91 28.35
N TRP B 26 -22.60 -26.75 27.04
CA TRP B 26 -21.42 -26.15 26.41
C TRP B 26 -20.12 -26.74 26.94
N ASN B 27 -19.92 -28.01 26.63
CA ASN B 27 -18.63 -28.65 26.86
C ASN B 27 -17.65 -28.23 25.77
N TYR B 28 -16.35 -28.40 26.07
CA TYR B 28 -15.31 -27.93 25.16
C TYR B 28 -15.09 -28.85 23.97
N GLU B 29 -15.51 -30.12 24.05
CA GLU B 29 -15.22 -31.08 23.00
C GLU B 29 -16.29 -31.05 21.91
N ARG B 30 -17.56 -31.19 22.31
CA ARG B 30 -18.71 -31.03 21.42
C ARG B 30 -19.58 -29.93 22.02
N MET B 31 -19.45 -28.71 21.50
CA MET B 31 -19.91 -27.51 22.18
C MET B 31 -21.41 -27.50 22.47
N GLN B 32 -22.26 -27.48 21.44
CA GLN B 32 -23.70 -27.38 21.66
C GLN B 32 -24.42 -28.69 21.36
N ASN B 33 -23.74 -29.83 21.46
CA ASN B 33 -24.39 -31.11 21.25
C ASN B 33 -25.49 -31.34 22.30
N GLY B 34 -25.21 -31.00 23.55
CA GLY B 34 -26.18 -31.24 24.61
C GLY B 34 -27.45 -30.44 24.44
N GLY B 35 -27.32 -29.14 24.15
CA GLY B 35 -28.49 -28.32 23.95
C GLY B 35 -29.28 -28.71 22.70
N TRP B 36 -28.56 -29.07 21.63
CA TRP B 36 -29.23 -29.53 20.42
C TRP B 36 -30.03 -30.80 20.68
N ALA B 37 -29.44 -31.75 21.40
CA ALA B 37 -30.16 -32.97 21.74
C ALA B 37 -31.33 -32.68 22.67
N PHE B 38 -31.17 -31.72 23.58
CA PHE B 38 -32.26 -31.34 24.48
C PHE B 38 -33.43 -30.76 23.71
N SER B 39 -33.16 -29.89 22.74
CA SER B 39 -34.23 -29.20 22.02
C SER B 39 -34.99 -30.15 21.10
N MET B 40 -34.39 -31.28 20.73
CA MET B 40 -35.05 -32.25 19.86
C MET B 40 -35.80 -33.34 20.61
N ILE B 41 -35.81 -33.30 21.94
CA ILE B 41 -36.44 -34.37 22.71
C ILE B 41 -37.93 -34.53 22.38
N PRO B 42 -38.77 -33.48 22.40
CA PRO B 42 -40.18 -33.68 22.05
C PRO B 42 -40.41 -34.16 20.63
N ALA B 43 -39.62 -33.71 19.66
CA ALA B 43 -39.76 -34.21 18.30
C ALA B 43 -39.42 -35.69 18.22
N ILE B 44 -38.34 -36.11 18.89
CA ILE B 44 -37.97 -37.53 18.90
C ILE B 44 -39.07 -38.36 19.55
N LYS B 45 -39.61 -37.87 20.67
CA LYS B 45 -40.69 -38.60 21.33
C LYS B 45 -41.95 -38.66 20.48
N LYS B 46 -42.19 -37.62 19.67
CA LYS B 46 -43.38 -37.61 18.82
C LYS B 46 -43.24 -38.54 17.64
N LEU B 47 -42.03 -38.64 17.06
CA LEU B 47 -41.83 -39.47 15.87
C LEU B 47 -41.52 -40.93 16.24
N TYR B 48 -40.45 -41.15 16.99
CA TYR B 48 -40.01 -42.50 17.34
C TYR B 48 -40.48 -42.83 18.75
N LYS B 49 -41.02 -44.04 18.93
CA LYS B 49 -41.71 -44.33 20.19
C LYS B 49 -41.43 -45.70 20.80
N THR B 50 -40.70 -46.60 20.15
CA THR B 50 -40.78 -47.96 20.67
C THR B 50 -39.69 -48.30 21.69
N LYS B 51 -38.46 -48.54 21.24
CA LYS B 51 -37.36 -48.63 22.20
C LYS B 51 -36.02 -48.17 21.63
N GLU B 52 -35.90 -48.15 20.30
CA GLU B 52 -34.60 -48.11 19.65
C GLU B 52 -34.42 -46.95 18.69
N ASP B 53 -35.44 -46.60 17.91
CA ASP B 53 -35.31 -45.46 17.02
C ASP B 53 -35.06 -44.17 17.79
N ARG B 54 -35.59 -44.09 19.01
CA ARG B 54 -35.27 -42.95 19.88
C ARG B 54 -33.79 -42.92 20.21
N SER B 55 -33.19 -44.08 20.48
CA SER B 55 -31.76 -44.14 20.77
C SER B 55 -30.93 -43.69 19.57
N SER B 56 -31.30 -44.16 18.38
CA SER B 56 -30.57 -43.76 17.17
C SER B 56 -30.72 -42.26 16.94
N ALA B 57 -31.90 -41.71 17.18
CA ALA B 57 -32.08 -40.27 17.07
C ALA B 57 -31.21 -39.53 18.09
N LEU B 58 -31.12 -40.05 19.30
CA LEU B 58 -30.28 -39.43 20.32
C LEU B 58 -28.81 -39.42 19.90
N LYS B 59 -28.32 -40.54 19.35
CA LYS B 59 -26.96 -40.55 18.81
C LYS B 59 -26.81 -39.55 17.67
N ARG B 60 -27.83 -39.44 16.81
CA ARG B 60 -27.75 -38.51 15.69
C ARG B 60 -27.63 -37.07 16.18
N HIS B 61 -28.40 -36.71 17.20
CA HIS B 61 -28.45 -35.32 17.67
C HIS B 61 -27.47 -35.04 18.80
N LEU B 62 -26.63 -36.00 19.18
CA LEU B 62 -25.59 -35.78 20.18
C LEU B 62 -24.21 -35.62 19.55
N GLU B 63 -24.15 -35.46 18.23
CA GLU B 63 -22.89 -35.21 17.54
C GLU B 63 -22.50 -33.74 17.68
N PHE B 64 -21.30 -33.42 17.22
CA PHE B 64 -20.77 -32.08 17.36
C PHE B 64 -21.68 -31.07 16.67
N PHE B 65 -21.98 -29.99 17.38
CA PHE B 65 -22.80 -28.91 16.84
C PHE B 65 -22.37 -27.60 17.49
N ASN B 66 -22.17 -26.58 16.68
CA ASN B 66 -21.85 -25.25 17.20
C ASN B 66 -22.21 -24.20 16.17
N THR B 67 -23.03 -23.24 16.58
CA THR B 67 -23.35 -22.07 15.78
C THR B 67 -23.85 -20.98 16.73
N HIS B 68 -24.21 -19.84 16.16
CA HIS B 68 -24.81 -18.79 16.98
C HIS B 68 -26.13 -19.29 17.53
N PRO B 69 -26.40 -19.11 18.82
CA PRO B 69 -27.59 -19.76 19.42
C PRO B 69 -28.91 -19.35 18.79
N TYR B 70 -29.05 -18.11 18.36
CA TYR B 70 -30.30 -17.65 17.76
C TYR B 70 -30.47 -18.13 16.32
N ILE B 71 -29.37 -18.38 15.61
CA ILE B 71 -29.43 -18.75 14.21
C ILE B 71 -29.52 -20.28 14.10
N ALA B 72 -29.60 -20.95 15.25
CA ALA B 72 -29.78 -22.40 15.27
C ALA B 72 -31.23 -22.82 15.08
N SER B 73 -32.15 -21.86 15.03
CA SER B 73 -33.58 -22.16 14.86
C SER B 73 -33.94 -22.58 13.44
N PRO B 74 -33.43 -21.93 12.38
CA PRO B 74 -33.73 -22.44 11.03
C PRO B 74 -33.22 -23.85 10.82
N ILE B 75 -31.98 -24.13 11.23
CA ILE B 75 -31.44 -25.49 11.12
C ILE B 75 -32.35 -26.47 11.83
N LEU B 76 -32.74 -26.15 13.07
CA LEU B 76 -33.71 -26.97 13.79
C LEU B 76 -34.94 -27.23 12.94
N GLY B 77 -35.49 -26.18 12.32
CA GLY B 77 -36.64 -26.36 11.46
C GLY B 77 -36.38 -27.36 10.35
N VAL B 78 -35.22 -27.24 9.69
CA VAL B 78 -34.86 -28.22 8.68
C VAL B 78 -34.76 -29.60 9.30
N THR B 79 -34.13 -29.69 10.48
CA THR B 79 -34.06 -30.97 11.17
C THR B 79 -35.45 -31.46 11.56
N LEU B 80 -36.38 -30.55 11.84
CA LEU B 80 -37.76 -30.96 12.05
C LEU B 80 -38.41 -31.44 10.75
N ALA B 81 -38.07 -30.80 9.63
CA ALA B 81 -38.70 -31.18 8.36
C ALA B 81 -38.15 -32.52 7.87
N LEU B 82 -36.83 -32.70 7.91
CA LEU B 82 -36.22 -33.91 7.39
C LEU B 82 -36.52 -35.13 8.24
N GLU B 83 -36.50 -34.98 9.58
CA GLU B 83 -36.73 -36.11 10.47
C GLU B 83 -38.15 -36.66 10.37
N GLU B 84 -39.14 -35.78 10.19
CA GLU B 84 -40.53 -36.23 10.14
C GLU B 84 -40.77 -37.21 8.99
N GLU B 85 -40.02 -37.08 7.90
CA GLU B 85 -40.12 -38.05 6.81
C GLU B 85 -39.67 -39.44 7.27
N ARG B 86 -38.58 -39.49 8.04
CA ARG B 86 -38.04 -40.79 8.47
C ARG B 86 -39.05 -41.58 9.28
N ALA B 87 -39.87 -40.90 10.09
CA ALA B 87 -40.95 -41.59 10.80
C ALA B 87 -41.95 -42.18 9.82
N ASN B 88 -42.32 -41.41 8.79
CA ASN B 88 -43.21 -41.94 7.76
C ASN B 88 -42.47 -42.89 6.83
N GLY B 89 -41.25 -42.53 6.44
CA GLY B 89 -40.45 -43.33 5.56
C GLY B 89 -40.14 -42.63 4.24
N ALA B 90 -38.87 -42.27 4.04
CA ALA B 90 -38.47 -41.60 2.81
C ALA B 90 -37.12 -42.08 2.29
N GLU B 91 -36.53 -43.11 2.89
CA GLU B 91 -35.24 -43.70 2.55
C GLU B 91 -34.07 -42.74 2.76
N VAL B 92 -34.30 -41.54 3.28
CA VAL B 92 -33.22 -40.60 3.58
C VAL B 92 -32.90 -40.75 5.06
N ASP B 93 -31.98 -41.64 5.38
CA ASP B 93 -31.57 -41.89 6.76
C ASP B 93 -30.08 -41.72 6.89
N ASP B 94 -29.66 -40.84 7.81
CA ASP B 94 -28.26 -40.52 8.07
C ASP B 94 -27.53 -40.01 6.82
N VAL B 95 -28.29 -39.59 5.81
CA VAL B 95 -27.70 -39.08 4.57
C VAL B 95 -27.52 -37.58 4.67
N ALA B 96 -28.60 -36.85 4.89
CA ALA B 96 -28.58 -35.40 4.93
C ALA B 96 -28.73 -34.81 6.32
N ILE B 97 -29.18 -35.61 7.31
CA ILE B 97 -29.35 -35.08 8.66
C ILE B 97 -28.00 -34.63 9.22
N GLN B 98 -26.92 -35.34 8.90
CA GLN B 98 -25.58 -34.89 9.23
C GLN B 98 -24.99 -33.98 8.17
N GLY B 99 -25.71 -33.71 7.10
CA GLY B 99 -25.21 -32.85 6.05
C GLY B 99 -25.62 -31.40 6.21
N VAL B 100 -26.92 -31.15 6.44
CA VAL B 100 -27.40 -29.78 6.56
C VAL B 100 -26.83 -29.13 7.82
N LYS B 101 -26.69 -29.88 8.91
CA LYS B 101 -26.17 -29.30 10.15
C LYS B 101 -24.75 -28.76 9.95
N VAL B 102 -23.88 -29.57 9.36
CA VAL B 102 -22.49 -29.12 9.18
C VAL B 102 -22.40 -28.11 8.04
N GLY B 103 -23.29 -28.18 7.06
CA GLY B 103 -23.28 -27.19 6.00
C GLY B 103 -23.86 -25.85 6.38
N MET B 104 -24.59 -25.78 7.49
CA MET B 104 -25.22 -24.55 7.93
C MET B 104 -24.59 -23.96 9.19
N MET B 105 -23.99 -24.78 10.05
CA MET B 105 -23.51 -24.29 11.34
C MET B 105 -22.39 -23.27 11.17
N GLY B 106 -21.61 -23.39 10.10
CA GLY B 106 -20.50 -22.49 9.87
C GLY B 106 -20.91 -21.16 9.25
N PRO B 107 -21.44 -21.22 8.01
CA PRO B 107 -21.84 -19.96 7.35
C PRO B 107 -22.91 -19.19 8.10
N LEU B 108 -23.84 -19.86 8.78
CA LEU B 108 -24.87 -19.15 9.51
C LEU B 108 -24.33 -18.51 10.79
N ALA B 109 -23.39 -19.18 11.46
CA ALA B 109 -22.73 -18.54 12.59
C ALA B 109 -21.91 -17.34 12.15
N GLY B 110 -21.24 -17.44 11.01
CA GLY B 110 -20.44 -16.35 10.49
C GLY B 110 -21.21 -15.09 10.19
N VAL B 111 -22.53 -15.17 10.05
CA VAL B 111 -23.37 -14.00 9.89
C VAL B 111 -24.18 -13.66 11.13
N GLY B 112 -24.56 -14.65 11.95
CA GLY B 112 -25.29 -14.38 13.17
C GLY B 112 -24.45 -13.80 14.28
N ASP B 113 -23.16 -14.14 14.35
CA ASP B 113 -22.29 -13.53 15.35
C ASP B 113 -22.13 -12.03 15.13
N PRO B 114 -21.81 -11.53 13.94
CA PRO B 114 -21.76 -10.07 13.76
C PRO B 114 -23.11 -9.39 13.91
N VAL B 115 -24.21 -10.07 13.61
CA VAL B 115 -25.51 -9.43 13.62
C VAL B 115 -26.01 -9.22 15.04
N PHE B 116 -25.99 -10.27 15.87
CA PHE B 116 -26.56 -10.18 17.20
C PHE B 116 -25.54 -9.72 18.24
N TRP B 117 -24.32 -10.25 18.19
CA TRP B 117 -23.34 -9.95 19.23
C TRP B 117 -22.68 -8.58 19.03
N PHE B 118 -22.50 -8.17 17.78
CA PHE B 118 -21.71 -6.97 17.49
C PHE B 118 -22.45 -5.90 16.70
N THR B 119 -23.69 -6.14 16.28
CA THR B 119 -24.48 -5.13 15.59
C THR B 119 -25.70 -4.70 16.39
N ILE B 120 -26.53 -5.65 16.82
CA ILE B 120 -27.76 -5.29 17.53
C ILE B 120 -27.46 -4.98 18.99
N ARG B 121 -26.72 -5.88 19.66
CA ARG B 121 -26.46 -5.74 21.09
C ARG B 121 -25.67 -4.48 21.44
N PRO B 122 -24.59 -4.12 20.73
CA PRO B 122 -23.89 -2.88 21.09
C PRO B 122 -24.76 -1.63 20.98
N MET B 123 -25.55 -1.51 19.90
CA MET B 123 -26.41 -0.33 19.77
C MET B 123 -27.50 -0.32 20.80
N LEU B 124 -28.12 -1.48 21.08
CA LEU B 124 -29.16 -1.54 22.10
C LEU B 124 -28.59 -1.21 23.47
N GLY B 125 -27.40 -1.72 23.78
CA GLY B 125 -26.78 -1.42 25.06
C GLY B 125 -26.39 0.04 25.20
N ALA B 126 -25.88 0.64 24.12
CA ALA B 126 -25.57 2.07 24.16
C ALA B 126 -26.83 2.90 24.36
N LEU B 127 -27.91 2.55 23.66
CA LEU B 127 -29.17 3.28 23.81
C LEU B 127 -29.70 3.16 25.23
N GLY B 128 -29.63 1.95 25.80
CA GLY B 128 -30.09 1.78 27.17
C GLY B 128 -29.21 2.50 28.18
N ALA B 129 -27.90 2.47 27.97
CA ALA B 129 -26.98 3.13 28.90
C ALA B 129 -27.12 4.64 28.83
N SER B 130 -27.50 5.18 27.66
CA SER B 130 -27.75 6.61 27.55
C SER B 130 -28.78 7.07 28.56
N LEU B 131 -29.89 6.33 28.66
CA LEU B 131 -30.92 6.65 29.66
C LEU B 131 -30.50 6.23 31.07
N ALA B 132 -29.73 5.14 31.18
CA ALA B 132 -29.37 4.62 32.49
C ALA B 132 -28.38 5.52 33.22
N LEU B 133 -27.52 6.23 32.48
CA LEU B 133 -26.55 7.12 33.12
C LEU B 133 -27.21 8.32 33.78
N SER B 134 -28.46 8.62 33.46
CA SER B 134 -29.22 9.68 34.13
C SER B 134 -30.12 9.13 35.23
N GLY B 135 -30.09 7.82 35.47
CA GLY B 135 -30.92 7.22 36.49
C GLY B 135 -32.29 6.79 36.03
N ASN B 136 -32.55 6.82 34.73
CA ASN B 136 -33.84 6.43 34.18
C ASN B 136 -33.93 4.91 34.10
N ILE B 137 -34.98 4.35 34.70
CA ILE B 137 -35.23 2.91 34.63
C ILE B 137 -35.61 2.48 33.21
N LEU B 138 -35.99 3.43 32.36
CA LEU B 138 -36.43 3.09 31.00
C LEU B 138 -35.31 2.50 30.15
N GLY B 139 -34.05 2.75 30.50
CA GLY B 139 -32.94 2.21 29.75
C GLY B 139 -32.86 0.70 29.76
N PRO B 140 -32.66 0.12 30.95
CA PRO B 140 -32.64 -1.35 31.04
C PRO B 140 -33.93 -2.01 30.57
N ILE B 141 -35.08 -1.39 30.84
CA ILE B 141 -36.36 -1.97 30.40
C ILE B 141 -36.43 -1.99 28.88
N LEU B 142 -36.05 -0.88 28.25
CA LEU B 142 -36.05 -0.82 26.79
C LEU B 142 -35.09 -1.84 26.20
N PHE B 143 -33.89 -1.95 26.77
CA PHE B 143 -32.92 -2.91 26.25
C PHE B 143 -33.45 -4.34 26.38
N PHE B 144 -33.99 -4.67 27.55
CA PHE B 144 -34.50 -6.02 27.80
C PHE B 144 -35.63 -6.37 26.83
N VAL B 145 -36.62 -5.47 26.71
CA VAL B 145 -37.78 -5.77 25.87
C VAL B 145 -37.38 -5.83 24.40
N ALA B 146 -36.62 -4.84 23.93
CA ALA B 146 -36.21 -4.81 22.53
C ALA B 146 -35.35 -6.01 22.16
N TRP B 147 -34.48 -6.47 23.05
CA TRP B 147 -33.67 -7.63 22.74
C TRP B 147 -34.50 -8.91 22.75
N ASN B 148 -35.35 -9.08 23.76
CA ASN B 148 -36.06 -10.35 23.89
C ASN B 148 -37.15 -10.52 22.84
N VAL B 149 -37.89 -9.47 22.53
CA VAL B 149 -38.93 -9.57 21.50
C VAL B 149 -38.30 -9.93 20.16
N ILE B 150 -37.22 -9.23 19.79
CA ILE B 150 -36.54 -9.50 18.52
C ILE B 150 -35.98 -10.92 18.51
N ARG B 151 -35.36 -11.35 19.61
CA ARG B 151 -34.77 -12.68 19.67
C ARG B 151 -35.84 -13.76 19.50
N TRP B 152 -36.92 -13.68 20.27
CA TRP B 152 -37.96 -14.71 20.18
C TRP B 152 -38.64 -14.69 18.82
N GLY B 153 -38.93 -13.51 18.27
CA GLY B 153 -39.54 -13.43 16.96
C GLY B 153 -38.65 -14.03 15.89
N PHE B 154 -37.35 -13.71 15.92
CA PHE B 154 -36.42 -14.28 14.97
C PHE B 154 -36.38 -15.80 15.08
N MET B 155 -36.25 -16.31 16.31
CA MET B 155 -36.19 -17.76 16.49
C MET B 155 -37.42 -18.44 15.93
N TRP B 156 -38.61 -17.96 16.32
CA TRP B 156 -39.84 -18.61 15.89
C TRP B 156 -40.03 -18.51 14.37
N TYR B 157 -39.80 -17.31 13.81
CA TYR B 157 -40.03 -17.12 12.37
C TYR B 157 -39.06 -17.96 11.55
N THR B 158 -37.77 -17.97 11.94
CA THR B 158 -36.81 -18.77 11.19
C THR B 158 -37.02 -20.26 11.36
N GLN B 159 -37.42 -20.73 12.55
CA GLN B 159 -37.73 -22.14 12.70
C GLN B 159 -38.93 -22.55 11.85
N GLU B 160 -39.97 -21.71 11.82
CA GLU B 160 -41.12 -22.00 10.99
C GLU B 160 -40.76 -22.01 9.51
N PHE B 161 -39.94 -21.04 9.08
CA PHE B 161 -39.51 -21.00 7.68
C PHE B 161 -38.67 -22.23 7.32
N GLY B 162 -37.77 -22.63 8.21
CA GLY B 162 -36.96 -23.81 7.95
C GLY B 162 -37.78 -25.08 7.89
N TYR B 163 -38.77 -25.20 8.77
CA TYR B 163 -39.63 -26.39 8.74
C TYR B 163 -40.50 -26.42 7.48
N LYS B 164 -41.08 -25.27 7.11
CA LYS B 164 -41.94 -25.24 5.94
C LYS B 164 -41.14 -25.49 4.66
N ALA B 165 -40.04 -24.78 4.48
CA ALA B 165 -39.17 -24.98 3.33
C ALA B 165 -38.03 -25.95 3.65
N GLY B 166 -38.41 -27.12 4.19
CA GLY B 166 -37.39 -28.10 4.56
C GLY B 166 -36.67 -28.68 3.36
N SER B 167 -37.41 -29.03 2.31
CA SER B 167 -36.83 -29.63 1.12
C SER B 167 -36.25 -28.60 0.15
N LYS B 168 -36.87 -27.43 0.06
CA LYS B 168 -36.43 -26.40 -0.88
C LYS B 168 -35.05 -25.86 -0.54
N ILE B 169 -34.59 -26.03 0.71
CA ILE B 169 -33.33 -25.42 1.14
C ILE B 169 -32.24 -26.45 1.44
N THR B 170 -32.57 -27.73 1.63
CA THR B 170 -31.53 -28.71 1.91
C THR B 170 -30.69 -29.00 0.68
N ASP B 171 -31.30 -28.97 -0.50
CA ASP B 171 -30.59 -29.22 -1.75
C ASP B 171 -30.03 -27.95 -2.40
N ASP B 172 -30.61 -26.79 -2.10
CA ASP B 172 -30.09 -25.52 -2.62
C ASP B 172 -28.78 -25.12 -1.97
N LEU B 173 -28.34 -25.81 -0.90
CA LEU B 173 -27.06 -25.49 -0.29
C LEU B 173 -25.91 -25.71 -1.27
N SER B 174 -26.02 -26.74 -2.11
CA SER B 174 -25.03 -26.99 -3.16
C SER B 174 -25.34 -26.08 -4.34
N GLY B 175 -24.92 -24.81 -4.20
CA GLY B 175 -25.17 -23.82 -5.22
C GLY B 175 -24.05 -22.82 -5.28
N GLY B 176 -24.03 -22.06 -6.39
CA GLY B 176 -22.98 -21.10 -6.62
C GLY B 176 -22.95 -19.95 -5.64
N LEU B 177 -24.11 -19.47 -5.19
CA LEU B 177 -24.16 -18.33 -4.29
C LEU B 177 -23.50 -18.66 -2.95
N LEU B 178 -23.82 -19.83 -2.38
CA LEU B 178 -23.27 -20.18 -1.08
C LEU B 178 -21.76 -20.34 -1.14
N GLN B 179 -21.24 -21.03 -2.17
CA GLN B 179 -19.81 -21.23 -2.26
C GLN B 179 -19.08 -19.92 -2.56
N ASP B 180 -19.69 -19.06 -3.39
CA ASP B 180 -19.08 -17.75 -3.64
C ASP B 180 -19.02 -16.92 -2.37
N ILE B 181 -20.09 -16.93 -1.58
CA ILE B 181 -20.09 -16.20 -0.30
C ILE B 181 -19.03 -16.77 0.62
N THR B 182 -18.92 -18.09 0.69
CA THR B 182 -17.92 -18.72 1.56
C THR B 182 -16.51 -18.35 1.13
N LYS B 183 -16.23 -18.36 -0.17
CA LYS B 183 -14.90 -18.04 -0.67
C LYS B 183 -14.55 -16.58 -0.38
N GLY B 184 -15.48 -15.67 -0.68
CA GLY B 184 -15.22 -14.26 -0.42
C GLY B 184 -15.05 -13.98 1.06
N ALA B 185 -15.88 -14.62 1.90
CA ALA B 185 -15.75 -14.45 3.34
C ALA B 185 -14.43 -14.99 3.85
N SER B 186 -13.96 -16.12 3.29
CA SER B 186 -12.67 -16.66 3.69
C SER B 186 -11.54 -15.71 3.33
N ILE B 187 -11.57 -15.13 2.13
CA ILE B 187 -10.52 -14.21 1.72
C ILE B 187 -10.52 -12.97 2.61
N LEU B 188 -11.70 -12.37 2.80
CA LEU B 188 -11.81 -11.18 3.63
C LEU B 188 -11.38 -11.45 5.06
N GLY B 189 -11.79 -12.60 5.61
CA GLY B 189 -11.42 -12.95 6.95
C GLY B 189 -9.92 -13.16 7.11
N MET B 190 -9.29 -13.84 6.14
CA MET B 190 -7.85 -14.02 6.21
C MET B 190 -7.14 -12.68 6.20
N PHE B 191 -7.55 -11.78 5.31
CA PHE B 191 -6.95 -10.45 5.22
C PHE B 191 -7.09 -9.69 6.55
N VAL B 192 -8.32 -9.58 7.03
CA VAL B 192 -8.58 -8.75 8.21
C VAL B 192 -7.99 -9.38 9.46
N LEU B 193 -8.01 -10.71 9.57
CA LEU B 193 -7.40 -11.37 10.71
C LEU B 193 -5.89 -11.25 10.70
N ALA B 194 -5.26 -11.23 9.52
CA ALA B 194 -3.84 -10.93 9.46
C ALA B 194 -3.57 -9.52 9.96
N ALA B 195 -4.39 -8.55 9.54
CA ALA B 195 -4.22 -7.19 10.03
C ALA B 195 -4.41 -7.11 11.54
N LEU B 196 -5.39 -7.84 12.08
CA LEU B 196 -5.65 -7.83 13.51
C LEU B 196 -4.55 -8.54 14.30
N VAL B 197 -3.97 -9.61 13.74
CA VAL B 197 -2.82 -10.24 14.37
C VAL B 197 -1.66 -9.25 14.45
N GLN B 198 -1.44 -8.50 13.36
CA GLN B 198 -0.36 -7.53 13.36
C GLN B 198 -0.60 -6.40 14.35
N ARG B 199 -1.83 -5.91 14.46
CA ARG B 199 -2.07 -4.66 15.17
C ARG B 199 -2.56 -4.85 16.62
N TRP B 200 -3.29 -5.92 16.92
CA TRP B 200 -3.93 -6.07 18.22
C TRP B 200 -3.22 -7.05 19.14
N VAL B 201 -2.32 -7.88 18.62
CA VAL B 201 -1.54 -8.79 19.46
C VAL B 201 -0.31 -8.03 19.93
N ASN B 202 -0.29 -7.68 21.22
CA ASN B 202 0.72 -6.79 21.77
C ASN B 202 1.80 -7.63 22.45
N ILE B 203 2.98 -7.68 21.82
CA ILE B 203 4.16 -8.32 22.38
C ILE B 203 5.29 -7.31 22.24
N GLN B 204 5.69 -6.70 23.36
CA GLN B 204 6.75 -5.70 23.37
C GLN B 204 7.89 -6.21 24.25
N PHE B 205 9.05 -6.42 23.65
CA PHE B 205 10.24 -6.84 24.38
C PHE B 205 10.97 -5.61 24.93
N ALA B 206 11.53 -5.76 26.12
CA ALA B 206 12.34 -4.68 26.66
C ALA B 206 13.72 -5.10 27.15
N PRO B 207 14.51 -5.87 26.37
CA PRO B 207 15.94 -5.96 26.67
C PRO B 207 16.73 -4.97 25.82
N ILE B 208 17.74 -4.33 26.41
CA ILE B 208 18.60 -3.43 25.66
C ILE B 208 19.74 -4.24 25.05
N ILE B 209 19.91 -4.11 23.74
CA ILE B 209 20.89 -4.92 23.01
C ILE B 209 22.22 -4.20 22.87
N SER B 210 22.21 -3.00 22.31
CA SER B 210 23.43 -2.25 22.09
C SER B 210 23.24 -0.82 22.59
N LYS B 211 24.35 -0.23 23.07
CA LYS B 211 24.37 1.14 23.57
C LYS B 211 25.59 1.88 23.02
N VAL B 212 25.84 1.71 21.73
CA VAL B 212 26.98 2.36 21.09
C VAL B 212 26.75 3.87 21.08
N LYS B 213 27.77 4.63 21.48
CA LYS B 213 27.66 6.08 21.51
C LYS B 213 27.80 6.65 20.10
N LEU B 214 27.17 7.80 19.89
CA LEU B 214 27.22 8.45 18.59
C LEU B 214 28.48 9.30 18.45
N ASP B 215 28.91 9.49 17.21
CA ASP B 215 30.03 10.36 16.93
C ASP B 215 29.67 11.81 17.22
N GLU B 216 30.69 12.64 17.41
CA GLU B 216 30.44 14.04 17.73
C GLU B 216 30.14 14.85 16.48
N GLY B 217 29.23 14.34 15.65
CA GLY B 217 28.71 15.07 14.52
C GLY B 217 27.26 14.71 14.26
N ALA B 218 26.67 13.94 15.17
CA ALA B 218 25.34 13.39 14.98
C ALA B 218 24.35 13.73 16.08
N TYR B 219 24.81 14.14 17.26
CA TYR B 219 23.91 14.56 18.32
C TYR B 219 23.94 16.08 18.48
N ILE B 220 22.88 16.60 19.10
CA ILE B 220 22.68 18.04 19.18
C ILE B 220 23.72 18.72 20.08
N ASP B 221 24.27 18.01 21.07
CA ASP B 221 25.34 18.52 21.92
C ASP B 221 24.90 19.78 22.67
N TRP B 222 23.96 19.56 23.59
CA TRP B 222 23.37 20.67 24.35
C TRP B 222 24.34 21.21 25.39
N SER B 223 25.54 21.58 24.96
CA SER B 223 26.48 22.25 25.85
C SER B 223 27.19 23.42 25.19
N HIS B 224 26.98 23.66 23.88
CA HIS B 224 27.55 24.80 23.17
C HIS B 224 26.52 25.42 22.25
N LEU B 225 25.29 25.56 22.72
CA LEU B 225 24.15 25.97 21.90
C LEU B 225 23.80 27.42 22.17
N PRO B 226 23.21 28.13 21.19
CA PRO B 226 22.76 29.51 21.45
C PRO B 226 21.87 29.63 22.68
N GLN B 227 21.88 30.78 23.33
CA GLN B 227 21.20 30.98 24.59
C GLN B 227 20.13 32.06 24.43
N GLY B 228 18.87 31.65 24.39
CA GLY B 228 17.77 32.60 24.37
C GLY B 228 17.15 32.82 23.00
N ALA B 229 16.02 32.16 22.74
CA ALA B 229 15.20 32.39 21.55
C ALA B 229 15.90 31.93 20.27
N GLN B 230 17.15 31.48 20.39
CA GLN B 230 17.87 30.98 19.22
C GLN B 230 18.27 29.52 19.40
N GLY B 231 18.51 29.11 20.63
CA GLY B 231 18.82 27.72 20.93
C GLY B 231 17.67 26.80 20.57
N ILE B 232 16.44 27.23 20.85
CA ILE B 232 15.26 26.44 20.50
C ILE B 232 15.18 26.27 18.98
N LYS B 233 15.36 27.36 18.25
CA LYS B 233 15.28 27.33 16.80
C LYS B 233 16.35 26.42 16.20
N THR B 234 17.58 26.54 16.71
CA THR B 234 18.67 25.74 16.16
C THR B 234 18.51 24.27 16.54
N ALA B 235 17.95 23.99 17.72
CA ALA B 235 17.69 22.61 18.11
C ALA B 235 16.61 21.99 17.23
N LEU B 236 15.56 22.75 16.93
CA LEU B 236 14.51 22.25 16.04
C LEU B 236 15.07 22.02 14.64
N GLN B 237 15.93 22.92 14.16
CA GLN B 237 16.53 22.72 12.84
C GLN B 237 17.45 21.52 12.81
N GLN B 238 18.20 21.29 13.89
CA GLN B 238 19.05 20.11 13.97
C GLN B 238 18.22 18.83 14.00
N GLN B 239 17.12 18.82 14.76
CA GLN B 239 16.23 17.67 14.76
C GLN B 239 15.63 17.44 13.38
N GLN B 240 15.30 18.51 12.66
CA GLN B 240 14.82 18.37 11.29
C GLN B 240 15.89 17.79 10.37
N ALA B 241 17.16 18.08 10.64
CA ALA B 241 18.24 17.51 9.85
C ALA B 241 18.47 16.04 10.14
N GLY B 242 17.84 15.48 11.17
CA GLY B 242 17.97 14.09 11.50
C GLY B 242 18.93 13.79 12.64
N LEU B 243 19.55 14.80 13.23
CA LEU B 243 20.45 14.58 14.36
C LEU B 243 19.67 14.14 15.58
N ALA B 244 20.33 13.38 16.45
CA ALA B 244 19.69 12.76 17.61
C ALA B 244 19.76 13.68 18.83
N LEU B 245 18.81 13.46 19.74
CA LEU B 245 18.75 14.26 20.96
C LEU B 245 19.86 13.88 21.93
N SER B 246 20.09 12.58 22.11
CA SER B 246 21.06 12.07 23.06
C SER B 246 22.33 11.66 22.33
N GLU B 247 23.46 11.78 23.03
CA GLU B 247 24.75 11.42 22.46
C GLU B 247 24.99 9.92 22.39
N ILE B 248 24.18 9.12 23.08
CA ILE B 248 24.28 7.67 23.05
C ILE B 248 23.06 7.11 22.34
N LYS B 249 23.28 6.11 21.50
CA LYS B 249 22.20 5.47 20.75
C LYS B 249 21.86 4.14 21.40
N VAL B 250 20.61 4.00 21.84
CA VAL B 250 20.13 2.78 22.49
C VAL B 250 19.29 1.99 21.50
N THR B 251 19.68 0.74 21.27
CA THR B 251 18.94 -0.17 20.40
C THR B 251 18.46 -1.36 21.22
N THR B 252 17.15 -1.61 21.17
CA THR B 252 16.53 -2.68 21.93
C THR B 252 16.27 -3.89 21.03
N LEU B 253 15.88 -5.00 21.68
CA LEU B 253 15.51 -6.19 20.92
C LEU B 253 14.28 -5.92 20.05
N GLN B 254 13.35 -5.12 20.55
CA GLN B 254 12.18 -4.76 19.75
C GLN B 254 12.58 -3.98 18.50
N ASN B 255 13.59 -3.11 18.60
CA ASN B 255 14.05 -2.38 17.42
C ASN B 255 14.62 -3.32 16.38
N ASN B 256 15.42 -4.30 16.81
CA ASN B 256 15.99 -5.26 15.87
C ASN B 256 14.91 -6.15 15.26
N LEU B 257 13.89 -6.50 16.04
CA LEU B 257 12.79 -7.29 15.49
C LEU B 257 11.98 -6.50 14.48
N ASP B 258 11.76 -5.22 14.75
CA ASP B 258 11.05 -4.34 13.82
C ASP B 258 11.87 -4.03 12.58
N ASN B 259 13.21 -4.11 12.67
CA ASN B 259 14.04 -3.91 11.49
C ASN B 259 13.78 -4.98 10.45
N LEU B 260 13.48 -6.22 10.87
CA LEU B 260 13.12 -7.26 9.92
C LEU B 260 11.70 -7.03 9.38
N ILE B 261 10.71 -7.07 10.27
CA ILE B 261 9.33 -6.77 9.92
C ILE B 261 8.54 -6.53 11.21
N PRO B 262 7.67 -5.51 11.25
CA PRO B 262 6.83 -5.32 12.43
C PRO B 262 5.87 -6.48 12.63
N GLY B 263 5.62 -6.81 13.89
CA GLY B 263 4.67 -7.84 14.24
C GLY B 263 5.14 -9.26 14.04
N LEU B 264 6.46 -9.48 13.93
CA LEU B 264 6.97 -10.83 13.73
C LEU B 264 6.67 -11.73 14.94
N ALA B 265 6.84 -11.19 16.15
CA ALA B 265 6.55 -11.97 17.34
C ALA B 265 5.07 -12.33 17.44
N ALA B 266 4.19 -11.40 17.05
CA ALA B 266 2.75 -11.67 17.09
C ALA B 266 2.38 -12.82 16.16
N VAL B 267 2.87 -12.78 14.92
CA VAL B 267 2.54 -13.84 13.97
C VAL B 267 3.19 -15.16 14.37
N ALA B 268 4.40 -15.10 14.93
CA ALA B 268 5.04 -16.34 15.40
C ALA B 268 4.25 -16.97 16.53
N LEU B 269 3.77 -16.15 17.49
CA LEU B 269 2.94 -16.67 18.56
C LEU B 269 1.64 -17.23 18.03
N THR B 270 1.05 -16.56 17.03
CA THR B 270 -0.20 -17.06 16.45
C THR B 270 0.01 -18.41 15.78
N PHE B 271 1.11 -18.58 15.04
CA PHE B 271 1.39 -19.87 14.42
C PHE B 271 1.68 -20.95 15.44
N LEU B 272 2.39 -20.59 16.53
CA LEU B 272 2.62 -21.56 17.60
C LEU B 272 1.31 -21.99 18.25
N CYS B 273 0.39 -21.04 18.46
CA CYS B 273 -0.93 -21.39 18.99
C CYS B 273 -1.70 -22.27 18.02
N MET B 274 -1.59 -22.00 16.72
CA MET B 274 -2.24 -22.86 15.73
C MET B 274 -1.69 -24.28 15.81
N TRP B 275 -0.37 -24.42 15.93
CA TRP B 275 0.22 -25.75 16.05
C TRP B 275 -0.24 -26.46 17.32
N LEU B 276 -0.26 -25.73 18.44
CA LEU B 276 -0.69 -26.33 19.70
C LEU B 276 -2.15 -26.77 19.64
N LEU B 277 -3.01 -25.97 19.02
CA LEU B 277 -4.40 -26.36 18.85
C LEU B 277 -4.52 -27.57 17.94
N LYS B 278 -3.71 -27.63 16.88
CA LYS B 278 -3.69 -28.80 16.02
C LYS B 278 -3.19 -30.04 16.74
N LYS B 279 -2.41 -29.87 17.80
CA LYS B 279 -1.97 -30.99 18.63
C LYS B 279 -3.04 -31.45 19.62
N LYS B 280 -4.29 -31.04 19.42
CA LYS B 280 -5.42 -31.46 20.25
C LYS B 280 -5.24 -31.02 21.70
N ILE B 281 -4.67 -29.82 21.90
CA ILE B 281 -4.55 -29.22 23.21
C ILE B 281 -5.68 -28.21 23.39
N SER B 282 -6.37 -28.31 24.53
CA SER B 282 -7.52 -27.45 24.78
C SER B 282 -7.10 -25.98 24.88
N PRO B 283 -7.95 -25.07 24.41
CA PRO B 283 -7.59 -23.63 24.48
C PRO B 283 -7.40 -23.11 25.88
N ILE B 284 -8.04 -23.70 26.89
CA ILE B 284 -7.86 -23.23 28.26
C ILE B 284 -6.42 -23.42 28.71
N ILE B 285 -5.81 -24.55 28.34
CA ILE B 285 -4.41 -24.80 28.70
C ILE B 285 -3.51 -23.78 28.02
N ILE B 286 -3.81 -23.46 26.75
CA ILE B 286 -2.96 -22.51 26.03
C ILE B 286 -3.09 -21.10 26.62
N ILE B 287 -4.31 -20.71 27.01
CA ILE B 287 -4.50 -19.38 27.61
C ILE B 287 -3.79 -19.30 28.97
N LEU B 288 -3.95 -20.34 29.79
CA LEU B 288 -3.28 -20.36 31.09
C LEU B 288 -1.76 -20.44 30.95
N GLY B 289 -1.26 -21.06 29.88
CA GLY B 289 0.16 -21.03 29.61
C GLY B 289 0.66 -19.71 29.09
N LEU B 290 -0.14 -18.99 28.30
CA LEU B 290 0.24 -17.66 27.86
C LEU B 290 0.29 -16.67 29.02
N PHE B 291 -0.64 -16.76 29.96
CA PHE B 291 -0.57 -15.91 31.14
C PHE B 291 0.72 -16.18 31.93
N VAL B 292 1.05 -17.45 32.11
CA VAL B 292 2.26 -17.81 32.84
C VAL B 292 3.50 -17.36 32.07
N VAL B 293 3.48 -17.48 30.74
CA VAL B 293 4.59 -17.02 29.92
C VAL B 293 4.79 -15.53 30.06
N GLY B 294 3.71 -14.75 30.05
CA GLY B 294 3.83 -13.32 30.26
C GLY B 294 4.39 -12.99 31.64
N ILE B 295 3.92 -13.71 32.67
CA ILE B 295 4.42 -13.48 34.02
C ILE B 295 5.91 -13.77 34.09
N VAL B 296 6.34 -14.90 33.52
CA VAL B 296 7.75 -15.26 33.55
C VAL B 296 8.58 -14.26 32.77
N GLY B 297 8.12 -13.86 31.59
CA GLY B 297 8.85 -12.89 30.80
C GLY B 297 9.00 -11.55 31.47
N HIS B 298 7.98 -11.12 32.22
CA HIS B 298 8.15 -9.92 33.02
C HIS B 298 9.09 -10.16 34.20
N LEU B 299 9.11 -11.38 34.75
CA LEU B 299 9.99 -11.67 35.87
C LEU B 299 11.46 -11.68 35.46
N ILE B 300 11.76 -12.12 34.24
CA ILE B 300 13.14 -12.23 33.76
C ILE B 300 13.54 -11.05 32.88
N GLY B 301 12.68 -10.05 32.76
CA GLY B 301 12.99 -8.86 31.98
C GLY B 301 12.81 -9.00 30.49
N LEU B 302 12.45 -10.20 30.00
CA LEU B 302 12.25 -10.37 28.56
C LEU B 302 11.08 -9.52 28.06
N LEU B 303 9.99 -9.48 28.81
CA LEU B 303 8.81 -8.72 28.40
C LEU B 303 8.48 -7.65 29.44
N PRO C 1 -1.67 9.59 39.41
CA PRO C 1 -2.64 9.23 38.38
C PRO C 1 -4.03 8.95 38.94
N HIS C 2 -5.03 9.67 38.46
CA HIS C 2 -6.41 9.50 38.92
C HIS C 2 -7.43 9.41 37.80
N MET C 3 -7.05 9.67 36.55
CA MET C 3 -7.97 9.60 35.41
C MET C 3 -7.64 8.33 34.61
N LYS C 4 -8.34 7.25 34.95
CA LYS C 4 -8.15 5.99 34.25
C LYS C 4 -8.97 5.98 32.96
N TYR C 5 -8.72 4.96 32.13
CA TYR C 5 -9.46 4.72 30.91
C TYR C 5 -9.87 3.25 30.88
N TYR C 6 -11.14 2.99 30.59
CA TYR C 6 -11.68 1.64 30.60
C TYR C 6 -12.15 1.16 29.24
N GLY C 7 -11.89 1.93 28.17
CA GLY C 7 -12.32 1.56 26.85
C GLY C 7 -13.72 2.05 26.55
N ASN C 8 -14.03 2.12 25.24
CA ASN C 8 -15.31 2.61 24.74
C ASN C 8 -15.63 4.02 25.23
N GLY C 9 -14.60 4.82 25.50
CA GLY C 9 -14.81 6.18 25.93
C GLY C 9 -15.32 6.35 27.35
N VAL C 10 -14.93 5.46 28.26
CA VAL C 10 -15.33 5.54 29.65
C VAL C 10 -14.10 5.92 30.47
N THR C 11 -14.23 6.99 31.27
CA THR C 11 -13.11 7.49 32.06
C THR C 11 -13.17 7.02 33.50
N CYS C 12 -14.28 7.29 34.20
CA CYS C 12 -14.47 6.90 35.60
C CYS C 12 -13.38 7.48 36.49
N GLY C 13 -13.38 8.81 36.56
CA GLY C 13 -12.44 9.52 37.40
C GLY C 13 -12.63 9.22 38.86
N LYS C 14 -11.81 9.89 39.69
CA LYS C 14 -11.75 9.61 41.12
C LYS C 14 -13.05 9.98 41.82
N HIS C 15 -13.89 10.80 41.19
CA HIS C 15 -15.16 11.20 41.78
C HIS C 15 -16.38 10.82 40.96
N SER C 16 -16.28 10.72 39.64
CA SER C 16 -17.44 10.44 38.80
C SER C 16 -16.98 9.75 37.53
N CYS C 17 -17.94 9.16 36.83
CA CYS C 17 -17.70 8.51 35.55
C CYS C 17 -18.42 9.26 34.45
N SER C 18 -17.71 9.55 33.37
CA SER C 18 -18.27 10.26 32.23
C SER C 18 -17.91 9.50 30.95
N VAL C 19 -18.79 9.61 29.96
CA VAL C 19 -18.62 8.92 28.68
C VAL C 19 -18.58 9.99 27.59
N ASP C 20 -17.50 9.98 26.81
CA ASP C 20 -17.44 10.81 25.61
C ASP C 20 -17.96 9.98 24.43
N TRP C 21 -19.06 10.47 23.84
CA TRP C 21 -19.82 9.64 22.91
C TRP C 21 -19.18 9.53 21.54
N GLY C 22 -18.31 10.46 21.16
CA GLY C 22 -17.61 10.32 19.89
C GLY C 22 -16.70 9.11 19.86
N LYS C 23 -15.89 8.94 20.90
CA LYS C 23 -15.01 7.78 20.97
C LYS C 23 -15.81 6.49 21.12
N ALA C 24 -16.91 6.53 21.88
CA ALA C 24 -17.75 5.35 22.03
C ALA C 24 -18.35 4.93 20.69
N THR C 25 -18.85 5.89 19.92
CA THR C 25 -19.42 5.58 18.61
C THR C 25 -18.34 5.08 17.65
N THR C 26 -17.15 5.68 17.71
CA THR C 26 -16.05 5.20 16.86
C THR C 26 -15.69 3.75 17.22
N CYS C 27 -15.60 3.44 18.51
CA CYS C 27 -15.30 2.09 18.94
C CYS C 27 -16.39 1.11 18.47
N ILE C 28 -17.66 1.50 18.62
CA ILE C 28 -18.75 0.63 18.21
C ILE C 28 -18.69 0.36 16.71
N ILE C 29 -18.48 1.41 15.91
CA ILE C 29 -18.46 1.24 14.47
C ILE C 29 -17.27 0.40 14.04
N ASN C 30 -16.10 0.64 14.63
CA ASN C 30 -14.91 -0.13 14.26
C ASN C 30 -15.07 -1.59 14.65
N ASN C 31 -15.60 -1.87 15.85
CA ASN C 31 -15.80 -3.24 16.27
C ASN C 31 -16.82 -3.94 15.39
N GLY C 32 -17.89 -3.24 14.99
CA GLY C 32 -18.87 -3.84 14.09
C GLY C 32 -18.29 -4.14 12.73
N ALA C 33 -17.48 -3.20 12.19
CA ALA C 33 -16.83 -3.44 10.91
C ALA C 33 -15.89 -4.64 10.96
N MET C 34 -15.10 -4.74 12.04
CA MET C 34 -14.20 -5.88 12.18
C MET C 34 -14.97 -7.19 12.34
N ALA C 35 -16.08 -7.17 13.08
CA ALA C 35 -16.89 -8.38 13.22
C ALA C 35 -17.50 -8.81 11.91
N TRP C 36 -17.98 -7.85 11.10
CA TRP C 36 -18.55 -8.19 9.80
C TRP C 36 -17.49 -8.65 8.82
N ALA C 37 -16.27 -8.11 8.92
CA ALA C 37 -15.19 -8.54 8.04
C ALA C 37 -14.61 -9.89 8.44
N THR C 38 -14.65 -10.24 9.73
CA THR C 38 -14.08 -11.49 10.21
C THR C 38 -15.14 -12.50 10.65
N GLY C 39 -16.41 -12.24 10.38
CA GLY C 39 -17.46 -13.13 10.86
C GLY C 39 -17.65 -13.09 12.36
N GLY C 40 -17.33 -11.96 13.00
CA GLY C 40 -17.42 -11.87 14.44
C GLY C 40 -16.30 -12.55 15.19
N HIS C 41 -15.11 -12.59 14.60
CA HIS C 41 -13.96 -13.26 15.20
C HIS C 41 -12.83 -12.30 15.55
N GLN C 42 -13.10 -11.00 15.63
CA GLN C 42 -12.05 -10.01 15.83
C GLN C 42 -11.47 -10.04 17.23
N GLY C 43 -12.13 -10.70 18.17
CA GLY C 43 -11.64 -10.77 19.53
C GLY C 43 -12.02 -9.54 20.34
N ASN C 44 -11.62 -9.57 21.62
CA ASN C 44 -11.90 -8.48 22.55
C ASN C 44 -10.68 -7.57 22.61
N HIS C 45 -10.83 -6.34 22.13
CA HIS C 45 -9.77 -5.36 22.13
C HIS C 45 -10.26 -4.07 22.77
N LYS C 46 -9.44 -3.50 23.65
CA LYS C 46 -9.77 -2.24 24.33
C LYS C 46 -9.54 -1.09 23.36
N CYS C 47 -10.62 -0.59 22.77
CA CYS C 47 -10.53 0.47 21.77
C CYS C 47 -10.55 1.84 22.43
N MET D 1 -9.88 58.32 -22.55
CA MET D 1 -9.76 57.27 -23.56
C MET D 1 -10.62 57.58 -24.78
N SER D 2 -10.06 57.38 -25.97
CA SER D 2 -10.77 57.69 -27.20
C SER D 2 -11.97 56.78 -27.39
N VAL D 3 -12.96 57.29 -28.13
CA VAL D 3 -14.16 56.49 -28.43
C VAL D 3 -13.82 55.31 -29.33
N ILE D 4 -12.87 55.49 -30.25
CA ILE D 4 -12.46 54.38 -31.10
C ILE D 4 -11.85 53.26 -30.25
N SER D 5 -11.09 53.62 -29.21
CA SER D 5 -10.59 52.60 -28.29
C SER D 5 -11.72 51.86 -27.61
N ILE D 6 -12.79 52.58 -27.26
CA ILE D 6 -13.95 51.93 -26.65
C ILE D 6 -14.57 50.95 -27.64
N ILE D 7 -14.70 51.35 -28.90
CA ILE D 7 -15.29 50.47 -29.92
C ILE D 7 -14.46 49.21 -30.07
N LEU D 8 -13.14 49.36 -30.16
CA LEU D 8 -12.28 48.19 -30.31
C LEU D 8 -12.28 47.29 -29.07
N VAL D 9 -12.30 47.86 -27.86
CA VAL D 9 -12.31 47.00 -26.68
C VAL D 9 -13.64 46.26 -26.57
N VAL D 10 -14.75 46.91 -26.96
CA VAL D 10 -16.03 46.19 -26.99
C VAL D 10 -16.00 45.07 -28.02
N LEU D 11 -15.39 45.32 -29.19
CA LEU D 11 -15.28 44.28 -30.20
C LEU D 11 -14.43 43.11 -29.69
N ILE D 12 -13.33 43.40 -29.01
CA ILE D 12 -12.48 42.34 -28.48
C ILE D 12 -13.23 41.56 -27.40
N ALA D 13 -14.03 42.25 -26.58
CA ALA D 13 -14.84 41.57 -25.57
C ALA D 13 -15.86 40.65 -26.22
N PHE D 14 -16.49 41.12 -27.32
CA PHE D 14 -17.43 40.27 -28.04
C PHE D 14 -16.74 39.03 -28.61
N LEU D 15 -15.55 39.22 -29.18
CA LEU D 15 -14.79 38.08 -29.72
C LEU D 15 -14.42 37.09 -28.61
N ALA D 16 -14.02 37.62 -27.45
CA ALA D 16 -13.70 36.74 -26.32
C ALA D 16 -14.93 35.99 -25.84
N GLY D 17 -16.09 36.65 -25.82
CA GLY D 17 -17.32 35.96 -25.48
C GLY D 17 -17.66 34.85 -26.45
N ILE D 18 -17.47 35.09 -27.74
CA ILE D 18 -17.72 34.06 -28.74
C ILE D 18 -16.77 32.88 -28.55
N GLU D 19 -15.48 33.17 -28.35
CA GLU D 19 -14.53 32.07 -28.20
C GLU D 19 -14.56 31.42 -26.82
N GLY D 20 -15.29 32.00 -25.87
CA GLY D 20 -15.53 31.29 -24.63
C GLY D 20 -16.25 29.98 -24.85
N ILE D 21 -17.17 29.94 -25.80
CA ILE D 21 -17.85 28.69 -26.17
C ILE D 21 -17.17 28.02 -27.34
N LEU D 22 -16.79 28.78 -28.39
CA LEU D 22 -16.17 28.15 -29.55
C LEU D 22 -14.88 27.41 -29.18
N ASP D 23 -14.00 28.09 -28.44
CA ASP D 23 -12.79 27.47 -27.90
C ASP D 23 -11.89 26.89 -28.99
N GLU D 24 -11.81 27.58 -30.13
CA GLU D 24 -10.90 27.16 -31.19
C GLU D 24 -9.79 28.16 -31.46
N PHE D 25 -10.12 29.41 -31.76
CA PHE D 25 -9.08 30.40 -32.04
C PHE D 25 -8.42 30.92 -30.77
N GLN D 26 -9.02 30.65 -29.61
CA GLN D 26 -8.47 31.04 -28.31
C GLN D 26 -8.32 32.55 -28.19
N PHE D 27 -9.32 33.28 -28.67
CA PHE D 27 -9.39 34.71 -28.41
C PHE D 27 -9.80 35.00 -26.97
N HIS D 28 -10.28 34.01 -26.24
CA HIS D 28 -10.67 34.16 -24.85
C HIS D 28 -9.54 33.90 -23.87
N GLN D 29 -8.40 33.41 -24.35
CA GLN D 29 -7.28 33.17 -23.46
C GLN D 29 -6.66 34.50 -23.03
N PRO D 30 -6.16 34.60 -21.79
CA PRO D 30 -5.53 35.85 -21.36
C PRO D 30 -4.38 36.29 -22.24
N LEU D 31 -3.59 35.33 -22.72
CA LEU D 31 -2.40 35.64 -23.51
C LEU D 31 -2.73 36.43 -24.76
N ILE D 32 -3.92 36.23 -25.32
CA ILE D 32 -4.35 36.96 -26.50
C ILE D 32 -5.26 38.13 -26.14
N ALA D 33 -6.21 37.91 -25.23
CA ALA D 33 -7.20 38.94 -24.90
C ALA D 33 -6.54 40.16 -24.27
N CYS D 34 -5.60 39.95 -23.35
CA CYS D 34 -4.98 41.07 -22.66
C CYS D 34 -4.18 41.94 -23.63
N THR D 35 -3.38 41.31 -24.50
CA THR D 35 -2.61 42.09 -25.47
C THR D 35 -3.50 42.73 -26.52
N LEU D 36 -4.62 42.09 -26.88
CA LEU D 36 -5.54 42.74 -27.80
C LEU D 36 -6.17 43.97 -27.18
N ILE D 37 -6.53 43.90 -25.89
CA ILE D 37 -7.07 45.05 -25.20
C ILE D 37 -6.04 46.16 -25.04
N GLY D 38 -4.79 45.82 -24.73
CA GLY D 38 -3.76 46.81 -24.53
C GLY D 38 -3.21 47.41 -25.81
N LEU D 39 -3.37 46.70 -26.93
CA LEU D 39 -2.85 47.18 -28.20
C LEU D 39 -3.69 48.32 -28.76
N VAL D 40 -5.00 48.26 -28.54
CA VAL D 40 -5.91 49.26 -29.09
C VAL D 40 -6.05 50.42 -28.11
N THR D 41 -5.32 50.37 -27.01
CA THR D 41 -5.35 51.43 -26.00
C THR D 41 -3.99 52.05 -25.71
N GLY D 42 -2.90 51.49 -26.22
CA GLY D 42 -1.57 52.02 -26.01
C GLY D 42 -0.82 51.38 -24.86
N ASN D 43 -1.51 50.63 -23.99
CA ASN D 43 -0.87 49.93 -22.88
C ASN D 43 -0.46 48.52 -23.31
N LEU D 44 0.49 48.47 -24.25
CA LEU D 44 0.86 47.20 -24.86
C LEU D 44 1.63 46.31 -23.90
N THR D 45 2.79 46.78 -23.43
CA THR D 45 3.68 45.91 -22.64
C THR D 45 3.05 45.54 -21.31
N ALA D 46 2.37 46.48 -20.65
CA ALA D 46 1.74 46.17 -19.37
C ALA D 46 0.67 45.10 -19.52
N CYS D 47 -0.15 45.21 -20.57
CA CYS D 47 -1.16 44.19 -20.81
C CYS D 47 -0.54 42.87 -21.23
N ILE D 48 0.62 42.90 -21.89
CA ILE D 48 1.32 41.66 -22.21
C ILE D 48 1.78 40.96 -20.94
N ILE D 49 2.33 41.73 -19.98
CA ILE D 49 2.74 41.15 -18.71
C ILE D 49 1.53 40.58 -17.98
N LEU D 50 0.43 41.33 -17.95
CA LEU D 50 -0.78 40.85 -17.27
C LEU D 50 -1.30 39.57 -17.93
N GLY D 51 -1.32 39.52 -19.26
CA GLY D 51 -1.78 38.33 -19.95
C GLY D 51 -0.89 37.14 -19.69
N GLY D 52 0.43 37.35 -19.68
CA GLY D 52 1.34 36.26 -19.36
C GLY D 52 1.12 35.72 -17.95
N THR D 53 0.97 36.63 -16.98
CA THR D 53 0.74 36.21 -15.60
C THR D 53 -0.56 35.44 -15.47
N LEU D 54 -1.64 35.96 -16.08
CA LEU D 54 -2.94 35.30 -15.97
C LEU D 54 -2.94 33.95 -16.67
N GLN D 55 -2.29 33.87 -17.83
CA GLN D 55 -2.17 32.59 -18.54
C GLN D 55 -1.39 31.58 -17.71
N MET D 56 -0.32 32.04 -17.04
CA MET D 56 0.38 31.16 -16.12
C MET D 56 -0.55 30.70 -15.00
N ILE D 57 -1.42 31.58 -14.51
CA ILE D 57 -2.41 31.17 -13.52
C ILE D 57 -3.45 30.24 -14.14
N ALA D 58 -4.00 30.60 -15.30
CA ALA D 58 -5.09 29.86 -15.94
C ALA D 58 -4.59 28.83 -16.94
N LEU D 59 -3.70 27.94 -16.52
CA LEU D 59 -3.15 26.90 -17.39
C LEU D 59 -4.04 25.67 -17.45
N GLY D 60 -4.91 25.47 -16.46
CA GLY D 60 -5.71 24.25 -16.40
C GLY D 60 -7.21 24.47 -16.43
N TRP D 61 -7.65 25.63 -16.91
CA TRP D 61 -9.08 25.94 -16.96
C TRP D 61 -9.64 25.47 -18.30
N ALA D 62 -10.19 24.26 -18.31
CA ALA D 62 -10.77 23.66 -19.50
C ALA D 62 -12.17 23.13 -19.19
N ASN D 63 -13.09 23.35 -20.13
CA ASN D 63 -14.45 22.83 -20.02
C ASN D 63 -14.43 21.35 -20.40
N ILE D 64 -14.93 20.50 -19.51
CA ILE D 64 -14.97 19.05 -19.73
C ILE D 64 -16.40 18.62 -19.47
N GLY D 65 -17.11 18.24 -20.53
CA GLY D 65 -18.51 17.85 -20.40
C GLY D 65 -19.33 19.00 -19.83
N ALA D 66 -20.17 18.67 -18.85
CA ALA D 66 -21.00 19.68 -18.19
C ALA D 66 -20.27 20.40 -17.06
N ALA D 67 -19.01 20.05 -16.79
CA ALA D 67 -18.20 20.72 -15.78
C ALA D 67 -17.51 21.91 -16.43
N VAL D 68 -18.15 23.08 -16.31
CA VAL D 68 -17.64 24.28 -16.94
C VAL D 68 -16.40 24.78 -16.22
N ALA D 69 -15.47 25.32 -16.99
CA ALA D 69 -14.22 25.90 -16.51
C ALA D 69 -14.47 27.28 -15.92
N PRO D 70 -13.52 27.79 -15.12
CA PRO D 70 -13.70 29.12 -14.52
C PRO D 70 -13.82 30.27 -15.51
N ASP D 71 -13.85 29.98 -16.80
CA ASP D 71 -14.15 30.98 -17.84
C ASP D 71 -13.16 32.14 -17.79
N ALA D 72 -11.91 31.81 -18.14
CA ALA D 72 -10.80 32.76 -18.13
C ALA D 72 -11.06 33.98 -19.01
N ALA D 73 -12.07 33.91 -19.89
CA ALA D 73 -12.38 34.99 -20.82
C ALA D 73 -12.78 36.28 -20.11
N LEU D 74 -13.76 36.21 -19.19
CA LEU D 74 -14.21 37.41 -18.50
C LEU D 74 -13.11 38.01 -17.63
N ALA D 75 -12.36 37.16 -16.92
CA ALA D 75 -11.24 37.64 -16.13
C ALA D 75 -10.23 38.35 -17.03
N SER D 76 -9.86 37.72 -18.14
CA SER D 76 -8.87 38.28 -19.04
C SER D 76 -9.30 39.63 -19.58
N VAL D 77 -10.57 39.75 -19.99
CA VAL D 77 -11.05 41.01 -20.54
C VAL D 77 -11.14 42.08 -19.45
N ALA D 78 -11.76 41.74 -18.31
CA ALA D 78 -12.11 42.76 -17.32
C ALA D 78 -10.88 43.24 -16.54
N SER D 79 -9.99 42.31 -16.16
CA SER D 79 -8.78 42.72 -15.46
C SER D 79 -7.92 43.62 -16.35
N ALA D 80 -7.81 43.28 -17.63
CA ALA D 80 -7.06 44.12 -18.56
C ALA D 80 -7.71 45.49 -18.72
N ILE D 81 -9.04 45.54 -18.83
CA ILE D 81 -9.72 46.83 -18.97
C ILE D 81 -9.49 47.68 -17.74
N ILE D 82 -9.60 47.08 -16.54
CA ILE D 82 -9.44 47.84 -15.30
C ILE D 82 -8.00 48.31 -15.15
N LEU D 83 -7.04 47.48 -15.56
CA LEU D 83 -5.64 47.91 -15.55
C LEU D 83 -5.43 49.08 -16.50
N VAL D 84 -6.07 49.04 -17.67
CA VAL D 84 -5.89 50.11 -18.65
C VAL D 84 -6.46 51.42 -18.12
N LEU D 85 -7.72 51.41 -17.67
CA LEU D 85 -8.32 52.66 -17.21
C LEU D 85 -8.16 52.87 -15.71
N GLY D 86 -6.94 52.69 -15.22
CA GLY D 86 -6.64 52.95 -13.82
C GLY D 86 -5.24 53.48 -13.60
N GLY D 87 -4.54 53.77 -14.69
CA GLY D 87 -3.13 54.11 -14.57
C GLY D 87 -2.35 52.91 -14.06
N GLN D 88 -1.17 53.20 -13.50
CA GLN D 88 -0.32 52.18 -12.89
C GLN D 88 -0.11 51.00 -13.85
N GLY D 89 0.53 51.30 -14.98
CA GLY D 89 0.72 50.33 -16.04
C GLY D 89 1.26 48.99 -15.60
N VAL D 90 2.50 48.98 -15.09
CA VAL D 90 3.13 47.74 -14.65
C VAL D 90 2.89 47.45 -13.18
N ALA D 91 2.81 48.47 -12.33
CA ALA D 91 2.63 48.26 -10.90
C ALA D 91 1.20 47.93 -10.52
N GLY D 92 0.23 48.19 -11.39
CA GLY D 92 -1.16 47.83 -11.13
C GLY D 92 -1.53 46.41 -11.45
N ILE D 93 -0.58 45.62 -11.95
CA ILE D 93 -0.89 44.24 -12.33
C ILE D 93 -1.33 43.39 -11.14
N PRO D 94 -0.70 43.44 -9.97
CA PRO D 94 -1.17 42.59 -8.85
C PRO D 94 -2.61 42.87 -8.42
N SER D 95 -3.13 44.07 -8.64
CA SER D 95 -4.54 44.33 -8.34
C SER D 95 -5.46 43.69 -9.36
N ALA D 96 -5.10 43.77 -10.64
CA ALA D 96 -5.89 43.09 -11.67
C ALA D 96 -5.88 41.58 -11.47
N ILE D 97 -4.72 41.02 -11.13
CA ILE D 97 -4.64 39.59 -10.85
C ILE D 97 -5.51 39.23 -9.64
N ALA D 98 -5.48 40.05 -8.59
CA ALA D 98 -6.28 39.77 -7.41
C ALA D 98 -7.77 39.81 -7.70
N ILE D 99 -8.21 40.78 -8.50
CA ILE D 99 -9.64 40.89 -8.81
C ILE D 99 -10.09 39.92 -9.90
N ALA D 100 -9.15 39.32 -10.65
CA ALA D 100 -9.55 38.43 -11.73
C ALA D 100 -10.22 37.16 -11.21
N ILE D 101 -9.74 36.61 -10.11
CA ILE D 101 -10.19 35.28 -9.67
C ILE D 101 -11.68 35.26 -9.32
N PRO D 102 -12.21 36.16 -8.48
CA PRO D 102 -13.67 36.16 -8.25
C PRO D 102 -14.47 36.49 -9.50
N LEU D 103 -13.94 37.33 -10.39
CA LEU D 103 -14.62 37.63 -11.63
C LEU D 103 -14.64 36.43 -12.57
N ALA D 104 -13.65 35.53 -12.46
CA ALA D 104 -13.72 34.26 -13.19
C ALA D 104 -14.91 33.43 -12.72
N VAL D 105 -15.16 33.40 -11.41
CA VAL D 105 -16.31 32.67 -10.89
C VAL D 105 -17.61 33.33 -11.35
N ALA D 106 -17.64 34.66 -11.36
CA ALA D 106 -18.81 35.37 -11.88
C ALA D 106 -19.07 35.04 -13.35
N GLY D 107 -18.01 35.01 -14.16
CA GLY D 107 -18.17 34.62 -15.55
C GLY D 107 -18.60 33.18 -15.71
N LEU D 108 -18.12 32.30 -14.82
CA LEU D 108 -18.59 30.92 -14.81
C LEU D 108 -20.08 30.84 -14.56
N PHE D 109 -20.57 31.60 -13.57
CA PHE D 109 -22.01 31.64 -13.30
C PHE D 109 -22.77 32.16 -14.51
N LEU D 110 -22.27 33.21 -15.15
CA LEU D 110 -22.94 33.77 -16.31
C LEU D 110 -22.99 32.76 -17.46
N THR D 111 -21.89 32.05 -17.70
CA THR D 111 -21.85 31.11 -18.82
C THR D 111 -22.71 29.88 -18.55
N MET D 112 -22.81 29.44 -17.29
CA MET D 112 -23.77 28.38 -16.99
C MET D 112 -25.20 28.86 -17.17
N ILE D 113 -25.48 30.12 -16.81
CA ILE D 113 -26.82 30.66 -17.03
C ILE D 113 -27.16 30.67 -18.52
N VAL D 114 -26.23 31.12 -19.35
CA VAL D 114 -26.46 31.13 -20.79
C VAL D 114 -26.56 29.72 -21.38
N ARG D 115 -25.75 28.77 -20.89
CA ARG D 115 -25.87 27.39 -21.37
C ARG D 115 -27.23 26.80 -21.01
N THR D 116 -27.74 27.10 -19.81
CA THR D 116 -29.10 26.69 -19.46
C THR D 116 -30.12 27.35 -20.38
N LEU D 117 -29.95 28.64 -20.67
CA LEU D 117 -30.85 29.36 -21.57
C LEU D 117 -30.80 28.83 -23.00
N ALA D 118 -29.74 28.14 -23.37
CA ALA D 118 -29.60 27.67 -24.75
C ALA D 118 -30.56 26.52 -25.08
N VAL D 119 -31.20 25.90 -24.09
CA VAL D 119 -32.06 24.74 -24.32
C VAL D 119 -33.29 25.10 -25.16
N PRO D 120 -34.03 26.17 -24.85
CA PRO D 120 -35.13 26.55 -25.75
C PRO D 120 -34.66 26.87 -27.16
N ILE D 121 -33.42 27.32 -27.33
CA ILE D 121 -32.91 27.59 -28.67
C ILE D 121 -32.87 26.31 -29.50
N VAL D 122 -32.33 25.22 -28.94
CA VAL D 122 -32.29 23.99 -29.70
C VAL D 122 -33.68 23.36 -29.81
N HIS D 123 -34.57 23.65 -28.85
CA HIS D 123 -35.96 23.22 -29.01
C HIS D 123 -36.60 23.89 -30.22
N LEU D 124 -36.40 25.20 -30.37
CA LEU D 124 -36.89 25.90 -31.56
C LEU D 124 -36.20 25.39 -32.82
N MET D 125 -34.92 25.01 -32.71
CA MET D 125 -34.23 24.43 -33.85
C MET D 125 -34.88 23.12 -34.28
N ASP D 126 -35.26 22.28 -33.32
CA ASP D 126 -35.98 21.04 -33.64
C ASP D 126 -37.32 21.34 -34.28
N ARG D 127 -38.06 22.29 -33.71
CA ARG D 127 -39.38 22.63 -34.25
C ARG D 127 -39.28 23.23 -35.65
N ALA D 128 -38.15 23.87 -35.97
CA ALA D 128 -37.93 24.36 -37.32
C ALA D 128 -37.46 23.25 -38.25
N ALA D 129 -36.71 22.27 -37.72
CA ALA D 129 -36.28 21.14 -38.52
C ALA D 129 -37.47 20.30 -38.97
N GLU D 130 -38.46 20.12 -38.09
CA GLU D 130 -39.65 19.38 -38.50
C GLU D 130 -40.46 20.12 -39.56
N LYS D 131 -40.25 21.44 -39.71
CA LYS D 131 -40.91 22.21 -40.76
C LYS D 131 -40.12 22.24 -42.06
N GLY D 132 -38.89 21.72 -42.08
CA GLY D 132 -38.11 21.68 -43.29
C GLY D 132 -37.44 22.99 -43.68
N ASN D 133 -37.25 23.91 -42.74
CA ASN D 133 -36.60 25.19 -43.01
C ASN D 133 -35.13 25.06 -42.62
N ILE D 134 -34.24 25.09 -43.61
CA ILE D 134 -32.82 24.84 -43.36
C ILE D 134 -32.07 26.08 -42.90
N ARG D 135 -32.59 27.28 -43.17
CA ARG D 135 -31.88 28.51 -42.84
C ARG D 135 -32.19 29.02 -41.44
N SER D 136 -33.39 28.74 -40.92
CA SER D 136 -33.74 29.21 -39.59
C SER D 136 -32.93 28.49 -38.51
N VAL D 137 -32.56 27.22 -38.75
CA VAL D 137 -31.69 26.53 -37.81
C VAL D 137 -30.33 27.22 -37.74
N GLU D 138 -29.78 27.60 -38.90
CA GLU D 138 -28.53 28.35 -38.92
C GLU D 138 -28.69 29.68 -38.20
N TRP D 139 -29.80 30.37 -38.43
CA TRP D 139 -30.02 31.67 -37.79
C TRP D 139 -30.09 31.52 -36.27
N LEU D 140 -30.75 30.46 -35.79
CA LEU D 140 -30.79 30.20 -34.36
C LEU D 140 -29.42 29.87 -33.80
N HIS D 141 -28.61 29.11 -34.55
CA HIS D 141 -27.25 28.81 -34.09
C HIS D 141 -26.42 30.07 -33.98
N ILE D 142 -26.52 30.95 -34.98
CA ILE D 142 -25.77 32.21 -34.93
C ILE D 142 -26.29 33.10 -33.80
N SER D 143 -27.60 33.08 -33.54
CA SER D 143 -28.15 33.83 -32.42
C SER D 143 -27.61 33.30 -31.10
N ALA D 144 -27.48 31.98 -30.96
CA ALA D 144 -26.90 31.40 -29.76
C ALA D 144 -25.44 31.81 -29.60
N ILE D 145 -24.69 31.86 -30.71
CA ILE D 145 -23.30 32.32 -30.65
C ILE D 145 -23.25 33.78 -30.19
N CYS D 146 -24.10 34.62 -30.78
CA CYS D 146 -24.13 36.03 -30.43
C CYS D 146 -24.58 36.28 -28.99
N MET D 147 -25.45 35.42 -28.45
CA MET D 147 -25.83 35.56 -27.05
C MET D 147 -24.64 35.37 -26.12
N GLN D 148 -23.83 34.35 -26.38
CA GLN D 148 -22.63 34.15 -25.57
C GLN D 148 -21.61 35.26 -25.80
N GLY D 149 -21.53 35.79 -27.01
CA GLY D 149 -20.67 36.95 -27.24
C GLY D 149 -21.11 38.16 -26.43
N ILE D 150 -22.41 38.44 -26.43
CA ILE D 150 -22.97 39.52 -25.64
C ILE D 150 -22.77 39.30 -24.15
N ARG D 151 -22.82 38.05 -23.70
CA ARG D 151 -22.59 37.72 -22.30
C ARG D 151 -21.35 38.38 -21.73
N ILE D 152 -20.30 38.54 -22.54
CA ILE D 152 -19.11 39.25 -22.11
C ILE D 152 -19.01 40.65 -22.72
N ALA D 153 -19.66 40.91 -23.85
CA ALA D 153 -19.64 42.26 -24.42
C ALA D 153 -20.31 43.27 -23.50
N ILE D 154 -21.30 42.84 -22.73
CA ILE D 154 -22.04 43.76 -21.85
C ILE D 154 -21.22 44.15 -20.62
N PRO D 155 -20.68 43.21 -19.83
CA PRO D 155 -19.91 43.64 -18.65
C PRO D 155 -18.70 44.50 -18.98
N ALA D 156 -18.03 44.23 -20.09
CA ALA D 156 -16.88 45.02 -20.49
C ALA D 156 -17.24 46.45 -20.84
N ALA D 157 -18.39 46.67 -21.47
CA ALA D 157 -18.89 48.01 -21.72
C ALA D 157 -19.42 48.69 -20.46
N ALA D 158 -19.99 47.92 -19.54
CA ALA D 158 -20.42 48.50 -18.27
C ALA D 158 -19.22 48.98 -17.45
N LEU D 159 -18.13 48.22 -17.47
CA LEU D 159 -16.94 48.60 -16.71
C LEU D 159 -16.31 49.88 -17.26
N LEU D 160 -16.55 50.19 -18.53
CA LEU D 160 -15.88 51.33 -19.17
C LEU D 160 -16.34 52.67 -18.63
N PHE D 161 -17.62 52.81 -18.25
CA PHE D 161 -18.16 54.09 -17.80
C PHE D 161 -18.33 54.14 -16.29
N ILE D 162 -17.58 53.34 -15.54
CA ILE D 162 -17.59 53.39 -14.08
C ILE D 162 -16.15 53.58 -13.60
N PRO D 163 -15.98 54.11 -12.39
CA PRO D 163 -14.62 54.29 -11.86
C PRO D 163 -13.87 52.97 -11.76
N ALA D 164 -12.54 53.07 -11.86
CA ALA D 164 -11.69 51.88 -11.92
C ALA D 164 -11.84 51.03 -10.66
N ASP D 165 -11.82 51.67 -9.48
CA ASP D 165 -11.92 50.95 -8.21
C ASP D 165 -13.39 50.79 -7.84
N SER D 166 -14.12 50.10 -8.73
CA SER D 166 -15.51 49.73 -8.49
C SER D 166 -15.67 48.23 -8.25
N VAL D 167 -15.01 47.40 -9.07
CA VAL D 167 -15.02 45.96 -8.82
C VAL D 167 -14.24 45.65 -7.54
N GLN D 168 -13.08 46.27 -7.37
CA GLN D 168 -12.29 46.05 -6.16
C GLN D 168 -13.01 46.57 -4.92
N SER D 169 -13.66 47.73 -5.03
CA SER D 169 -14.41 48.27 -3.90
C SER D 169 -15.57 47.36 -3.53
N PHE D 170 -16.28 46.84 -4.53
CA PHE D 170 -17.38 45.93 -4.26
C PHE D 170 -16.88 44.64 -3.62
N LEU D 171 -15.75 44.12 -4.11
CA LEU D 171 -15.17 42.91 -3.52
C LEU D 171 -14.71 43.13 -2.09
N GLU D 172 -14.10 44.27 -1.77
CA GLU D 172 -13.65 44.58 -0.43
C GLU D 172 -14.81 44.89 0.51
N ALA D 173 -15.86 45.54 0.01
CA ALA D 173 -17.04 45.81 0.81
C ALA D 173 -17.99 44.61 0.79
N MET D 174 -17.45 43.43 1.09
CA MET D 174 -18.24 42.21 1.13
C MET D 174 -18.08 41.58 2.52
N PRO D 175 -19.14 41.06 3.11
CA PRO D 175 -19.03 40.47 4.45
C PRO D 175 -18.08 39.29 4.45
N ALA D 176 -17.35 39.15 5.56
CA ALA D 176 -16.37 38.07 5.68
C ALA D 176 -17.01 36.68 5.66
N TRP D 177 -18.19 36.53 6.25
CA TRP D 177 -18.86 35.23 6.24
C TRP D 177 -19.23 34.81 4.82
N LEU D 178 -19.66 35.74 3.98
CA LEU D 178 -19.95 35.41 2.59
C LEU D 178 -18.70 34.94 1.86
N THR D 179 -17.57 35.64 2.04
CA THR D 179 -16.33 35.26 1.37
C THR D 179 -15.88 33.89 1.84
N ASP D 180 -15.93 33.63 3.14
CA ASP D 180 -15.57 32.33 3.67
C ASP D 180 -16.50 31.22 3.22
N GLY D 181 -17.80 31.49 3.12
CA GLY D 181 -18.72 30.50 2.59
C GLY D 181 -18.45 30.15 1.14
N MET D 182 -18.16 31.17 0.32
CA MET D 182 -17.78 30.92 -1.07
C MET D 182 -16.49 30.11 -1.16
N ALA D 183 -15.51 30.45 -0.31
CA ALA D 183 -14.25 29.70 -0.32
C ALA D 183 -14.47 28.25 0.08
N ILE D 184 -15.32 28.01 1.09
CA ILE D 184 -15.61 26.64 1.51
C ILE D 184 -16.34 25.89 0.41
N GLY D 185 -17.35 26.52 -0.19
CA GLY D 185 -18.11 25.89 -1.25
C GLY D 185 -17.33 25.64 -2.53
N GLY D 186 -16.26 26.40 -2.73
CA GLY D 186 -15.41 26.18 -3.90
C GLY D 186 -14.58 24.93 -3.85
N GLY D 187 -14.31 24.40 -2.65
CA GLY D 187 -13.59 23.14 -2.53
C GLY D 187 -14.43 21.90 -2.68
N MET D 188 -15.75 22.04 -2.65
CA MET D 188 -16.66 20.91 -2.82
C MET D 188 -17.26 20.83 -4.21
N VAL D 189 -17.09 21.87 -5.03
CA VAL D 189 -17.68 21.90 -6.37
C VAL D 189 -17.08 20.81 -7.25
N VAL D 190 -15.76 20.58 -7.14
CA VAL D 190 -15.08 19.63 -8.03
C VAL D 190 -15.67 18.24 -7.86
N ALA D 191 -16.23 17.94 -6.69
CA ALA D 191 -16.86 16.64 -6.46
C ALA D 191 -17.97 16.40 -7.48
N VAL D 192 -18.79 17.42 -7.75
CA VAL D 192 -19.80 17.31 -8.79
C VAL D 192 -19.15 16.91 -10.11
N GLY D 193 -18.04 17.57 -10.47
CA GLY D 193 -17.33 17.21 -11.68
C GLY D 193 -16.90 15.76 -11.70
N TYR D 194 -16.56 15.22 -10.53
CA TYR D 194 -16.23 13.79 -10.47
C TYR D 194 -17.47 12.94 -10.66
N ALA D 195 -18.60 13.34 -10.06
CA ALA D 195 -19.81 12.52 -10.09
C ALA D 195 -20.26 12.25 -11.51
N LEU D 196 -20.27 13.30 -12.35
CA LEU D 196 -20.64 13.14 -13.75
C LEU D 196 -19.82 12.05 -14.43
N VAL D 197 -18.53 11.98 -14.11
CA VAL D 197 -17.69 10.94 -14.69
C VAL D 197 -18.11 9.57 -14.16
N ILE D 198 -18.34 9.48 -12.85
CA ILE D 198 -18.67 8.19 -12.25
C ILE D 198 -20.00 7.68 -12.80
N ASN D 199 -20.96 8.57 -13.00
CA ASN D 199 -22.22 8.17 -13.61
C ASN D 199 -22.02 7.65 -15.03
N MET D 200 -21.02 8.20 -15.74
CA MET D 200 -20.74 7.73 -17.10
C MET D 200 -20.20 6.31 -17.10
N MET D 201 -19.08 6.09 -16.41
CA MET D 201 -18.41 4.80 -16.38
C MET D 201 -18.40 4.26 -14.95
N ALA D 202 -19.26 3.28 -14.69
CA ALA D 202 -19.28 2.60 -13.39
C ALA D 202 -20.01 1.28 -13.57
N THR D 203 -19.26 0.18 -13.45
CA THR D 203 -19.82 -1.16 -13.50
C THR D 203 -19.47 -1.90 -12.22
N LYS D 204 -20.18 -3.01 -11.98
CA LYS D 204 -19.96 -3.81 -10.79
C LYS D 204 -18.56 -4.42 -10.72
N GLU D 205 -17.83 -4.45 -11.84
CA GLU D 205 -16.52 -5.08 -11.86
C GLU D 205 -15.38 -4.08 -11.68
N VAL D 206 -15.65 -2.78 -11.85
CA VAL D 206 -14.63 -1.76 -11.64
C VAL D 206 -14.77 -1.04 -10.30
N TRP D 207 -15.88 -1.22 -9.59
CA TRP D 207 -16.02 -0.62 -8.26
C TRP D 207 -14.93 -1.05 -7.29
N PRO D 208 -14.50 -2.32 -7.24
CA PRO D 208 -13.37 -2.66 -6.35
C PRO D 208 -12.11 -1.84 -6.61
N PHE D 209 -11.84 -1.50 -7.88
CA PHE D 209 -10.71 -0.62 -8.16
C PHE D 209 -10.92 0.77 -7.58
N PHE D 210 -12.16 1.28 -7.61
CA PHE D 210 -12.48 2.53 -6.94
C PHE D 210 -12.20 2.42 -5.44
N VAL D 211 -12.59 1.31 -4.83
CA VAL D 211 -12.36 1.14 -3.40
C VAL D 211 -10.86 1.12 -3.10
N ILE D 212 -10.09 0.39 -3.91
CA ILE D 212 -8.64 0.31 -3.69
C ILE D 212 -8.00 1.68 -3.86
N GLY D 213 -8.41 2.44 -4.88
CA GLY D 213 -7.87 3.77 -5.06
C GLY D 213 -8.18 4.69 -3.91
N PHE D 214 -9.42 4.64 -3.42
CA PHE D 214 -9.82 5.47 -2.29
C PHE D 214 -9.03 5.12 -1.05
N VAL D 215 -8.81 3.83 -0.79
CA VAL D 215 -8.02 3.41 0.36
C VAL D 215 -6.57 3.85 0.21
N VAL D 216 -6.00 3.65 -0.99
CA VAL D 216 -4.58 3.94 -1.22
C VAL D 216 -4.31 5.44 -1.13
N ALA D 217 -5.28 6.28 -1.50
CA ALA D 217 -5.06 7.72 -1.49
C ALA D 217 -4.74 8.26 -0.09
N ALA D 218 -5.07 7.51 0.97
CA ALA D 218 -4.79 7.95 2.32
C ALA D 218 -3.31 7.87 2.68
N ILE D 219 -2.49 7.23 1.87
CA ILE D 219 -1.06 7.13 2.11
C ILE D 219 -0.39 8.37 1.52
N SER D 220 0.02 9.29 2.38
CA SER D 220 0.58 10.57 1.95
C SER D 220 1.92 10.42 1.24
N GLN D 221 2.66 9.35 1.48
CA GLN D 221 3.95 9.17 0.83
C GLN D 221 3.83 8.80 -0.64
N LEU D 222 2.66 8.37 -1.08
CA LEU D 222 2.43 8.05 -2.49
C LEU D 222 1.96 9.30 -3.21
N THR D 223 2.67 9.67 -4.27
CA THR D 223 2.30 10.84 -5.06
C THR D 223 1.13 10.48 -5.98
N LEU D 224 0.62 11.51 -6.67
CA LEU D 224 -0.47 11.29 -7.61
C LEU D 224 0.02 10.51 -8.83
N ILE D 225 1.24 10.78 -9.28
CA ILE D 225 1.82 10.00 -10.38
C ILE D 225 2.05 8.57 -9.95
N ALA D 226 2.46 8.34 -8.69
CA ALA D 226 2.61 6.98 -8.20
C ALA D 226 1.26 6.26 -8.17
N ILE D 227 0.20 6.95 -7.77
CA ILE D 227 -1.13 6.34 -7.76
C ILE D 227 -1.58 6.01 -9.17
N GLY D 228 -1.32 6.91 -10.12
CA GLY D 228 -1.65 6.62 -11.51
C GLY D 228 -0.88 5.42 -12.06
N ALA D 229 0.41 5.32 -11.72
CA ALA D 229 1.20 4.18 -12.17
C ALA D 229 0.69 2.88 -11.55
N LEU D 230 0.31 2.93 -10.27
CA LEU D 230 -0.28 1.75 -9.62
C LEU D 230 -1.58 1.34 -10.32
N GLY D 231 -2.40 2.32 -10.67
CA GLY D 231 -3.63 2.02 -11.39
C GLY D 231 -3.38 1.42 -12.76
N VAL D 232 -2.39 1.94 -13.47
CA VAL D 232 -2.04 1.38 -14.79
C VAL D 232 -1.56 -0.05 -14.64
N ALA D 233 -0.71 -0.31 -13.65
CA ALA D 233 -0.20 -1.67 -13.45
C ALA D 233 -1.33 -2.63 -13.08
N LEU D 234 -2.24 -2.19 -12.21
CA LEU D 234 -3.37 -3.03 -11.83
C LEU D 234 -4.28 -3.31 -13.01
N ALA D 235 -4.53 -2.30 -13.84
CA ALA D 235 -5.35 -2.51 -15.04
C ALA D 235 -4.68 -3.48 -16.00
N LEU D 236 -3.36 -3.35 -16.18
CA LEU D 236 -2.65 -4.27 -17.07
C LEU D 236 -2.71 -5.69 -16.55
N ILE D 237 -2.52 -5.89 -15.24
CA ILE D 237 -2.61 -7.24 -14.67
C ILE D 237 -4.00 -7.80 -14.83
N TYR D 238 -5.03 -6.97 -14.58
CA TYR D 238 -6.40 -7.43 -14.73
C TYR D 238 -6.71 -7.83 -16.16
N LEU D 239 -6.27 -7.02 -17.13
CA LEU D 239 -6.48 -7.34 -18.53
C LEU D 239 -5.75 -8.62 -18.92
N ASN D 240 -4.52 -8.79 -18.44
CA ASN D 240 -3.77 -10.00 -18.76
C ASN D 240 -4.46 -11.24 -18.20
N LEU D 241 -4.93 -11.15 -16.96
CA LEU D 241 -5.61 -12.29 -16.33
C LEU D 241 -6.99 -12.55 -16.90
N SER D 242 -7.64 -11.54 -17.48
CA SER D 242 -8.98 -11.73 -18.02
C SER D 242 -8.98 -12.64 -19.26
N LYS D 243 -7.95 -12.52 -20.10
CA LYS D 243 -7.90 -13.27 -21.36
C LYS D 243 -6.98 -14.48 -21.27
N MET D 244 -6.59 -14.87 -20.05
CA MET D 244 -5.82 -16.09 -19.85
C MET D 244 -6.71 -17.32 -19.74
N GLY D 245 -7.96 -17.15 -19.31
CA GLY D 245 -8.90 -18.24 -19.24
C GLY D 245 -10.01 -18.13 -20.26
N GLY D 246 -10.29 -16.89 -20.70
CA GLY D 246 -11.32 -16.69 -21.70
C GLY D 246 -10.99 -17.35 -23.03
N GLY D 247 -9.74 -17.25 -23.45
CA GLY D 247 -9.31 -17.85 -24.71
C GLY D 247 -8.64 -19.20 -24.52
N LEU E 7 -20.45 14.43 -53.00
CA LEU E 7 -19.87 15.70 -52.63
C LEU E 7 -18.37 15.74 -52.91
N SER E 8 -17.91 16.84 -53.52
CA SER E 8 -16.51 16.98 -53.87
C SER E 8 -15.70 17.45 -52.66
N LYS E 9 -14.40 17.68 -52.89
CA LYS E 9 -13.54 18.17 -51.83
C LYS E 9 -13.97 19.55 -51.34
N ARG E 10 -14.58 20.35 -52.21
CA ARG E 10 -15.05 21.67 -51.81
C ARG E 10 -16.12 21.57 -50.73
N ASP E 11 -17.08 20.66 -50.90
CA ASP E 11 -18.14 20.50 -49.91
C ASP E 11 -17.58 20.03 -48.58
N ARG E 12 -16.61 19.11 -48.60
CA ARG E 12 -15.95 18.68 -47.38
C ARG E 12 -15.18 19.83 -46.73
N LEU E 13 -14.55 20.70 -47.50
CA LEU E 13 -13.88 21.87 -46.95
C LEU E 13 -14.87 22.83 -46.29
N ARG E 14 -16.03 23.06 -46.92
CA ARG E 14 -17.05 23.89 -46.28
C ARG E 14 -17.55 23.25 -44.99
N VAL E 15 -17.74 21.93 -44.99
CA VAL E 15 -18.18 21.23 -43.78
C VAL E 15 -17.15 21.40 -42.67
N ALA E 16 -15.86 21.24 -43.01
CA ALA E 16 -14.81 21.38 -42.01
C ALA E 16 -14.74 22.79 -41.47
N TRP E 17 -14.83 23.80 -42.34
CA TRP E 17 -14.81 25.18 -41.88
C TRP E 17 -16.02 25.50 -41.01
N ARG E 18 -17.19 24.96 -41.37
CA ARG E 18 -18.39 25.20 -40.58
C ARG E 18 -18.38 24.42 -39.28
N SER E 19 -17.53 23.39 -39.17
CA SER E 19 -17.44 22.58 -37.96
C SER E 19 -16.68 23.28 -36.82
N THR E 20 -16.06 24.43 -37.07
CA THR E 20 -15.39 25.16 -36.01
C THR E 20 -16.36 25.88 -35.08
N PHE E 21 -17.65 25.96 -35.45
CA PHE E 21 -18.68 26.51 -34.58
C PHE E 21 -19.55 25.42 -33.96
N ILE E 22 -19.00 24.22 -33.78
CA ILE E 22 -19.77 23.08 -33.26
C ILE E 22 -20.20 23.28 -31.82
N GLN E 23 -19.57 24.19 -31.08
CA GLN E 23 -19.94 24.48 -29.70
C GLN E 23 -20.75 25.77 -29.58
N GLY E 24 -21.31 26.27 -30.69
CA GLY E 24 -21.95 27.58 -30.65
C GLY E 24 -23.16 27.65 -29.73
N SER E 25 -23.96 26.59 -29.67
CA SER E 25 -25.13 26.60 -28.81
C SER E 25 -24.82 26.03 -27.42
N TRP E 26 -24.37 24.78 -27.37
CA TRP E 26 -24.00 24.09 -26.14
C TRP E 26 -25.05 24.27 -25.04
N ASN E 27 -26.21 23.69 -25.30
CA ASN E 27 -27.25 23.58 -24.28
C ASN E 27 -26.92 22.41 -23.34
N TYR E 28 -27.54 22.46 -22.16
CA TYR E 28 -27.26 21.44 -21.14
C TYR E 28 -27.98 20.12 -21.41
N GLU E 29 -29.04 20.12 -22.23
CA GLU E 29 -29.83 18.93 -22.46
C GLU E 29 -29.17 18.02 -23.49
N ARG E 30 -28.91 18.54 -24.69
CA ARG E 30 -28.15 17.86 -25.74
C ARG E 30 -27.01 18.80 -26.13
N MET E 31 -25.82 18.51 -25.63
CA MET E 31 -24.72 19.47 -25.60
C MET E 31 -24.33 20.03 -26.97
N GLN E 32 -23.79 19.19 -27.85
CA GLN E 32 -23.30 19.66 -29.15
C GLN E 32 -24.20 19.25 -30.30
N ASN E 33 -25.49 18.99 -30.04
CA ASN E 33 -26.40 18.64 -31.12
C ASN E 33 -26.54 19.79 -32.10
N GLY E 34 -26.64 21.03 -31.60
CA GLY E 34 -26.83 22.17 -32.48
C GLY E 34 -25.65 22.40 -33.41
N GLY E 35 -24.44 22.36 -32.87
CA GLY E 35 -23.26 22.53 -33.71
C GLY E 35 -23.08 21.40 -34.70
N TRP E 36 -23.36 20.17 -34.27
CA TRP E 36 -23.26 19.03 -35.17
C TRP E 36 -24.25 19.16 -36.32
N ALA E 37 -25.48 19.57 -36.03
CA ALA E 37 -26.46 19.78 -37.09
C ALA E 37 -26.06 20.94 -37.99
N PHE E 38 -25.49 21.99 -37.41
CA PHE E 38 -25.06 23.14 -38.20
C PHE E 38 -23.95 22.76 -39.17
N SER E 39 -22.98 21.96 -38.71
CA SER E 39 -21.82 21.63 -39.54
C SER E 39 -22.20 20.70 -40.68
N MET E 40 -23.32 19.98 -40.57
CA MET E 40 -23.76 19.05 -41.61
C MET E 40 -24.75 19.67 -42.57
N ILE E 41 -25.06 20.96 -42.45
CA ILE E 41 -26.05 21.59 -43.33
C ILE E 41 -25.68 21.49 -44.81
N PRO E 42 -24.46 21.88 -45.24
CA PRO E 42 -24.14 21.77 -46.67
C PRO E 42 -24.17 20.34 -47.19
N ALA E 43 -23.75 19.35 -46.41
CA ALA E 43 -23.84 17.96 -46.85
C ALA E 43 -25.29 17.54 -47.05
N ILE E 44 -26.16 17.91 -46.11
CA ILE E 44 -27.58 17.57 -46.24
C ILE E 44 -28.17 18.23 -47.48
N LYS E 45 -27.83 19.51 -47.71
CA LYS E 45 -28.33 20.20 -48.89
C LYS E 45 -27.79 19.59 -50.17
N LYS E 46 -26.57 19.05 -50.14
CA LYS E 46 -25.99 18.45 -51.33
C LYS E 46 -26.60 17.09 -51.64
N LEU E 47 -26.92 16.31 -50.61
CA LEU E 47 -27.45 14.97 -50.83
C LEU E 47 -28.97 14.96 -51.00
N TYR E 48 -29.70 15.45 -49.99
CA TYR E 48 -31.15 15.44 -50.00
C TYR E 48 -31.66 16.82 -50.41
N LYS E 49 -32.67 16.85 -51.29
CA LYS E 49 -33.03 18.12 -51.91
C LYS E 49 -34.53 18.39 -52.04
N THR E 50 -35.42 17.44 -51.76
CA THR E 50 -36.77 17.68 -52.24
C THR E 50 -37.68 18.38 -51.24
N LYS E 51 -38.15 17.69 -50.21
CA LYS E 51 -38.82 18.39 -49.11
C LYS E 51 -38.66 17.71 -47.76
N GLU E 52 -38.33 16.42 -47.77
CA GLU E 52 -38.54 15.58 -46.59
C GLU E 52 -37.29 14.86 -46.12
N ASP E 53 -36.45 14.35 -47.01
CA ASP E 53 -35.23 13.69 -46.58
C ASP E 53 -34.31 14.67 -45.85
N ARG E 54 -34.38 15.95 -46.20
CA ARG E 54 -33.64 16.97 -45.45
C ARG E 54 -34.12 17.04 -44.01
N SER E 55 -35.44 16.99 -43.80
CA SER E 55 -35.98 17.04 -42.44
C SER E 55 -35.57 15.81 -41.65
N SER E 56 -35.60 14.62 -42.28
CA SER E 56 -35.16 13.42 -41.61
C SER E 56 -33.69 13.48 -41.24
N ALA E 57 -32.86 14.02 -42.15
CA ALA E 57 -31.44 14.20 -41.84
C ALA E 57 -31.26 15.16 -40.67
N LEU E 58 -32.05 16.24 -40.65
CA LEU E 58 -31.96 17.19 -39.53
C LEU E 58 -32.32 16.53 -38.21
N LYS E 59 -33.38 15.72 -38.20
CA LYS E 59 -33.72 14.99 -36.98
C LYS E 59 -32.62 14.02 -36.58
N ARG E 60 -32.01 13.36 -37.57
CA ARG E 60 -30.91 12.44 -37.27
C ARG E 60 -29.73 13.17 -36.63
N HIS E 61 -29.40 14.35 -37.15
CA HIS E 61 -28.21 15.08 -36.70
C HIS E 61 -28.50 16.04 -35.56
N LEU E 62 -29.73 16.09 -35.06
CA LEU E 62 -30.09 16.90 -33.91
C LEU E 62 -30.21 16.08 -32.63
N GLU E 63 -29.77 14.83 -32.66
CA GLU E 63 -29.75 13.99 -31.47
C GLU E 63 -28.54 14.34 -30.61
N PHE E 64 -28.50 13.73 -29.42
CA PHE E 64 -27.45 14.04 -28.46
C PHE E 64 -26.07 13.74 -29.05
N PHE E 65 -25.17 14.70 -28.92
CA PHE E 65 -23.79 14.56 -29.37
C PHE E 65 -22.89 15.37 -28.45
N ASN E 66 -21.79 14.76 -28.01
CA ASN E 66 -20.82 15.48 -27.19
C ASN E 66 -19.47 14.76 -27.28
N THR E 67 -18.44 15.51 -27.66
CA THR E 67 -17.07 15.03 -27.65
C THR E 67 -16.16 16.25 -27.65
N HIS E 68 -14.85 15.99 -27.65
CA HIS E 68 -13.91 17.09 -27.78
C HIS E 68 -14.10 17.76 -29.14
N PRO E 69 -14.19 19.09 -29.20
CA PRO E 69 -14.56 19.74 -30.46
C PRO E 69 -13.63 19.44 -31.62
N TYR E 70 -12.33 19.31 -31.37
CA TYR E 70 -11.38 19.04 -32.45
C TYR E 70 -11.41 17.58 -32.90
N ILE E 71 -11.74 16.65 -32.01
CA ILE E 71 -11.72 15.23 -32.32
C ILE E 71 -13.04 14.83 -32.96
N ALA E 72 -13.93 15.80 -33.15
CA ALA E 72 -15.20 15.54 -33.82
C ALA E 72 -15.08 15.54 -35.34
N SER E 73 -13.94 15.95 -35.88
CA SER E 73 -13.73 15.98 -37.32
C SER E 73 -13.69 14.59 -37.96
N PRO E 74 -12.99 13.59 -37.38
CA PRO E 74 -13.05 12.26 -38.00
C PRO E 74 -14.45 11.68 -38.03
N ILE E 75 -15.20 11.80 -36.92
CA ILE E 75 -16.57 11.31 -36.89
C ILE E 75 -17.38 11.94 -38.01
N LEU E 76 -17.29 13.27 -38.15
CA LEU E 76 -17.94 13.95 -39.26
C LEU E 76 -17.58 13.30 -40.58
N GLY E 77 -16.28 13.04 -40.81
CA GLY E 77 -15.87 12.38 -42.03
C GLY E 77 -16.59 11.06 -42.21
N VAL E 78 -16.63 10.24 -41.16
CA VAL E 78 -17.39 9.00 -41.23
C VAL E 78 -18.85 9.31 -41.51
N THR E 79 -19.42 10.29 -40.79
CA THR E 79 -20.78 10.71 -41.06
C THR E 79 -20.92 11.25 -42.47
N LEU E 80 -19.85 11.86 -43.00
CA LEU E 80 -19.87 12.27 -44.41
C LEU E 80 -19.85 11.06 -45.34
N ALA E 81 -19.08 10.02 -45.00
CA ALA E 81 -18.96 8.88 -45.90
C ALA E 81 -20.22 8.03 -45.90
N LEU E 82 -20.76 7.74 -44.71
CA LEU E 82 -21.91 6.85 -44.62
C LEU E 82 -23.18 7.49 -45.18
N GLU E 83 -23.36 8.80 -44.95
CA GLU E 83 -24.56 9.47 -45.44
C GLU E 83 -24.60 9.55 -46.95
N GLU E 84 -23.46 9.73 -47.62
CA GLU E 84 -23.43 9.87 -49.07
C GLU E 84 -23.97 8.61 -49.76
N GLU E 85 -23.80 7.44 -49.14
CA GLU E 85 -24.39 6.23 -49.70
C GLU E 85 -25.91 6.30 -49.69
N ARG E 86 -26.49 6.82 -48.61
CA ARG E 86 -27.95 6.87 -48.51
C ARG E 86 -28.58 7.67 -49.63
N ALA E 87 -27.91 8.73 -50.08
CA ALA E 87 -28.39 9.48 -51.24
C ALA E 87 -28.39 8.60 -52.48
N ASN E 88 -27.31 7.84 -52.68
CA ASN E 88 -27.26 6.90 -53.79
C ASN E 88 -28.14 5.68 -53.53
N GLY E 89 -28.07 5.16 -52.30
CA GLY E 89 -28.83 3.99 -51.92
C GLY E 89 -27.96 2.82 -51.53
N ALA E 90 -27.95 2.47 -50.24
CA ALA E 90 -27.16 1.35 -49.77
C ALA E 90 -27.89 0.50 -48.72
N GLU E 91 -29.16 0.78 -48.46
CA GLU E 91 -30.01 0.07 -47.49
C GLU E 91 -29.55 0.26 -46.05
N VAL E 92 -28.51 1.05 -45.80
CA VAL E 92 -28.05 1.33 -44.44
C VAL E 92 -28.67 2.66 -44.03
N ASP E 93 -29.86 2.60 -43.43
CA ASP E 93 -30.58 3.79 -43.00
C ASP E 93 -30.92 3.66 -41.52
N ASP E 94 -30.48 4.65 -40.72
CA ASP E 94 -30.68 4.69 -39.28
C ASP E 94 -30.09 3.46 -38.58
N VAL E 95 -29.23 2.71 -39.27
CA VAL E 95 -28.62 1.51 -38.70
C VAL E 95 -27.32 1.88 -38.01
N ALA E 96 -26.38 2.45 -38.77
CA ALA E 96 -25.05 2.77 -38.25
C ALA E 96 -24.81 4.26 -38.08
N ILE E 97 -25.64 5.12 -38.69
CA ILE E 97 -25.42 6.57 -38.57
C ILE E 97 -25.50 7.01 -37.12
N GLN E 98 -26.39 6.41 -36.34
CA GLN E 98 -26.46 6.67 -34.91
C GLN E 98 -25.42 5.86 -34.13
N GLY E 99 -25.01 4.70 -34.63
CA GLY E 99 -24.07 3.85 -33.93
C GLY E 99 -22.66 4.37 -33.86
N VAL E 100 -22.13 4.88 -34.98
CA VAL E 100 -20.75 5.36 -34.98
C VAL E 100 -20.61 6.59 -34.11
N LYS E 101 -21.61 7.47 -34.09
CA LYS E 101 -21.52 8.69 -33.29
C LYS E 101 -21.37 8.35 -31.81
N VAL E 102 -22.20 7.46 -31.28
CA VAL E 102 -22.11 7.12 -29.86
C VAL E 102 -20.93 6.21 -29.61
N GLY E 103 -20.50 5.43 -30.61
CA GLY E 103 -19.34 4.58 -30.43
C GLY E 103 -18.02 5.30 -30.46
N MET E 104 -17.98 6.51 -31.02
CA MET E 104 -16.74 7.29 -31.09
C MET E 104 -16.74 8.51 -30.19
N MET E 105 -17.91 9.05 -29.81
CA MET E 105 -17.94 10.30 -29.06
C MET E 105 -17.28 10.15 -27.69
N GLY E 106 -17.39 8.97 -27.08
CA GLY E 106 -16.83 8.73 -25.77
C GLY E 106 -15.33 8.47 -25.79
N PRO E 107 -14.92 7.38 -26.43
CA PRO E 107 -13.48 7.07 -26.48
C PRO E 107 -12.63 8.14 -27.12
N LEU E 108 -13.14 8.84 -28.15
CA LEU E 108 -12.35 9.89 -28.78
C LEU E 108 -12.26 11.13 -27.90
N ALA E 109 -13.32 11.46 -27.16
CA ALA E 109 -13.22 12.55 -26.19
C ALA E 109 -12.23 12.20 -25.09
N GLY E 110 -12.24 10.95 -24.62
CA GLY E 110 -11.33 10.52 -23.57
C GLY E 110 -9.87 10.63 -23.91
N VAL E 111 -9.52 10.72 -25.19
CA VAL E 111 -8.14 10.97 -25.60
C VAL E 111 -7.93 12.40 -26.08
N GLY E 112 -8.90 13.02 -26.73
CA GLY E 112 -8.76 14.40 -27.16
C GLY E 112 -8.71 15.42 -26.04
N ASP E 113 -9.45 15.18 -24.95
CA ASP E 113 -9.41 16.13 -23.83
C ASP E 113 -8.03 16.19 -23.19
N PRO E 114 -7.38 15.08 -22.82
CA PRO E 114 -6.00 15.20 -22.31
C PRO E 114 -5.01 15.72 -23.34
N VAL E 115 -5.21 15.43 -24.64
CA VAL E 115 -4.24 15.80 -25.65
C VAL E 115 -4.24 17.31 -25.88
N PHE E 116 -5.42 17.90 -26.07
CA PHE E 116 -5.49 19.31 -26.43
C PHE E 116 -5.62 20.22 -25.22
N TRP E 117 -6.51 19.87 -24.28
CA TRP E 117 -6.78 20.77 -23.16
C TRP E 117 -5.68 20.74 -22.11
N PHE E 118 -5.06 19.57 -21.90
CA PHE E 118 -4.14 19.40 -20.79
C PHE E 118 -2.74 18.99 -21.19
N THR E 119 -2.47 18.78 -22.48
CA THR E 119 -1.12 18.47 -22.94
C THR E 119 -0.56 19.56 -23.85
N ILE E 120 -1.26 19.89 -24.94
CA ILE E 120 -0.74 20.87 -25.88
C ILE E 120 -0.93 22.28 -25.36
N ARG E 121 -2.14 22.59 -24.88
CA ARG E 121 -2.46 23.95 -24.44
C ARG E 121 -1.63 24.41 -23.25
N PRO E 122 -1.45 23.60 -22.20
CA PRO E 122 -0.60 24.06 -21.08
C PRO E 122 0.84 24.35 -21.50
N MET E 123 1.44 23.49 -22.34
CA MET E 123 2.82 23.74 -22.75
C MET E 123 2.91 24.96 -23.66
N LEU E 124 1.97 25.10 -24.59
CA LEU E 124 1.97 26.27 -25.47
C LEU E 124 1.76 27.55 -24.65
N GLY E 125 0.86 27.51 -23.68
CA GLY E 125 0.63 28.68 -22.85
C GLY E 125 1.83 29.04 -21.99
N ALA E 126 2.49 28.02 -21.42
CA ALA E 126 3.71 28.29 -20.65
C ALA E 126 4.80 28.88 -21.52
N LEU E 127 4.98 28.34 -22.74
CA LEU E 127 5.99 28.86 -23.64
C LEU E 127 5.68 30.31 -24.03
N GLY E 128 4.41 30.60 -24.32
CA GLY E 128 4.05 31.98 -24.64
C GLY E 128 4.21 32.92 -23.47
N ALA E 129 3.83 32.48 -22.27
CA ALA E 129 3.92 33.33 -21.09
C ALA E 129 5.38 33.59 -20.72
N SER E 130 6.27 32.65 -21.02
CA SER E 130 7.69 32.86 -20.78
C SER E 130 8.17 34.13 -21.49
N LEU E 131 7.81 34.27 -22.76
CA LEU E 131 8.18 35.48 -23.50
C LEU E 131 7.31 36.67 -23.10
N ALA E 132 6.05 36.44 -22.75
CA ALA E 132 5.13 37.53 -22.45
C ALA E 132 5.49 38.23 -21.14
N LEU E 133 6.05 37.51 -20.17
CA LEU E 133 6.43 38.11 -18.90
C LEU E 133 7.58 39.09 -19.03
N SER E 134 8.29 39.08 -20.15
CA SER E 134 9.33 40.06 -20.43
C SER E 134 8.84 41.18 -21.35
N GLY E 135 7.56 41.18 -21.70
CA GLY E 135 7.01 42.20 -22.57
C GLY E 135 7.15 41.91 -24.04
N ASN E 136 7.57 40.71 -24.42
CA ASN E 136 7.74 40.34 -25.82
C ASN E 136 6.40 39.97 -26.44
N ILE E 137 6.07 40.62 -27.55
CA ILE E 137 4.84 40.29 -28.28
C ILE E 137 4.94 38.92 -28.94
N LEU E 138 6.15 38.38 -29.05
CA LEU E 138 6.33 37.08 -29.72
C LEU E 138 5.65 35.94 -28.98
N GLY E 139 5.41 36.07 -27.68
CA GLY E 139 4.78 35.03 -26.91
C GLY E 139 3.36 34.72 -27.34
N PRO E 140 2.47 35.71 -27.20
CA PRO E 140 1.08 35.50 -27.67
C PRO E 140 0.97 35.17 -29.13
N ILE E 141 1.81 35.78 -29.99
CA ILE E 141 1.75 35.48 -31.41
C ILE E 141 2.13 34.03 -31.67
N LEU E 142 3.21 33.57 -31.02
CA LEU E 142 3.63 32.18 -31.16
C LEU E 142 2.55 31.24 -30.68
N PHE E 143 1.95 31.53 -29.53
CA PHE E 143 0.89 30.67 -29.00
C PHE E 143 -0.28 30.60 -29.96
N PHE E 144 -0.74 31.75 -30.46
CA PHE E 144 -1.88 31.80 -31.37
C PHE E 144 -1.60 31.02 -32.64
N VAL E 145 -0.44 31.25 -33.26
CA VAL E 145 -0.13 30.62 -34.54
C VAL E 145 0.04 29.11 -34.35
N ALA E 146 0.81 28.70 -33.33
CA ALA E 146 1.03 27.28 -33.09
C ALA E 146 -0.26 26.55 -32.77
N TRP E 147 -1.17 27.17 -32.02
CA TRP E 147 -2.44 26.50 -31.73
C TRP E 147 -3.32 26.44 -32.96
N ASN E 148 -3.42 27.55 -33.71
CA ASN E 148 -4.31 27.61 -34.87
C ASN E 148 -3.89 26.65 -35.97
N VAL E 149 -2.60 26.64 -36.33
CA VAL E 149 -2.16 25.78 -37.42
C VAL E 149 -2.38 24.32 -37.07
N ILE E 150 -1.98 23.92 -35.85
CA ILE E 150 -2.15 22.54 -35.42
C ILE E 150 -3.62 22.15 -35.40
N ARG E 151 -4.47 23.03 -34.86
CA ARG E 151 -5.89 22.72 -34.75
C ARG E 151 -6.53 22.54 -36.12
N TRP E 152 -6.29 23.49 -37.04
CA TRP E 152 -6.90 23.38 -38.37
C TRP E 152 -6.34 22.19 -39.15
N GLY E 153 -5.03 21.95 -39.07
CA GLY E 153 -4.46 20.80 -39.74
C GLY E 153 -5.02 19.49 -39.22
N PHE E 154 -5.14 19.37 -37.90
CA PHE E 154 -5.72 18.18 -37.31
C PHE E 154 -7.16 17.98 -37.78
N MET E 155 -7.98 19.04 -37.73
CA MET E 155 -9.36 18.90 -38.16
C MET E 155 -9.44 18.45 -39.61
N TRP E 156 -8.73 19.12 -40.51
CA TRP E 156 -8.84 18.79 -41.93
C TRP E 156 -8.32 17.39 -42.21
N TYR E 157 -7.15 17.04 -41.66
CA TYR E 157 -6.55 15.73 -41.94
C TYR E 157 -7.42 14.60 -41.40
N THR E 158 -7.92 14.74 -40.16
CA THR E 158 -8.75 13.69 -39.60
C THR E 158 -10.10 13.60 -40.29
N GLN E 159 -10.69 14.72 -40.71
CA GLN E 159 -11.94 14.65 -41.47
C GLN E 159 -11.73 13.94 -42.81
N GLU E 160 -10.64 14.26 -43.50
CA GLU E 160 -10.36 13.59 -44.77
C GLU E 160 -10.11 12.09 -44.57
N PHE E 161 -9.36 11.73 -43.52
CA PHE E 161 -9.10 10.33 -43.25
C PHE E 161 -10.39 9.59 -42.90
N GLY E 162 -11.25 10.20 -42.10
CA GLY E 162 -12.50 9.56 -41.75
C GLY E 162 -13.43 9.41 -42.95
N TYR E 163 -13.45 10.41 -43.83
CA TYR E 163 -14.29 10.30 -45.02
C TYR E 163 -13.77 9.23 -45.97
N LYS E 164 -12.47 9.22 -46.24
CA LYS E 164 -11.92 8.25 -47.19
C LYS E 164 -11.98 6.84 -46.62
N ALA E 165 -11.73 6.69 -45.32
CA ALA E 165 -11.88 5.40 -44.65
C ALA E 165 -13.25 5.27 -43.99
N GLY E 166 -14.30 5.53 -44.77
CA GLY E 166 -15.64 5.51 -44.21
C GLY E 166 -16.09 4.12 -43.80
N SER E 167 -15.84 3.12 -44.65
CA SER E 167 -16.28 1.75 -44.37
C SER E 167 -15.25 0.96 -43.57
N LYS E 168 -13.96 1.23 -43.76
CA LYS E 168 -12.93 0.45 -43.09
C LYS E 168 -12.92 0.65 -41.58
N ILE E 169 -13.55 1.71 -41.08
CA ILE E 169 -13.49 2.03 -39.66
C ILE E 169 -14.84 1.91 -38.95
N THR E 170 -15.96 1.91 -39.67
CA THR E 170 -17.25 1.79 -39.01
C THR E 170 -17.48 0.38 -38.47
N ASP E 171 -16.94 -0.63 -39.14
CA ASP E 171 -17.06 -2.01 -38.70
C ASP E 171 -15.92 -2.46 -37.81
N ASP E 172 -14.73 -1.85 -37.91
CA ASP E 172 -13.61 -2.17 -37.05
C ASP E 172 -13.82 -1.71 -35.61
N LEU E 173 -14.85 -0.89 -35.35
CA LEU E 173 -15.10 -0.45 -33.98
C LEU E 173 -15.40 -1.63 -33.07
N SER E 174 -16.09 -2.65 -33.59
CA SER E 174 -16.35 -3.87 -32.85
C SER E 174 -15.11 -4.76 -32.95
N GLY E 175 -14.11 -4.44 -32.14
CA GLY E 175 -12.86 -5.18 -32.15
C GLY E 175 -12.26 -5.26 -30.77
N GLY E 176 -11.33 -6.21 -30.61
CA GLY E 176 -10.71 -6.44 -29.32
C GLY E 176 -9.90 -5.28 -28.81
N LEU E 177 -9.25 -4.53 -29.71
CA LEU E 177 -8.42 -3.41 -29.29
C LEU E 177 -9.26 -2.31 -28.63
N LEU E 178 -10.40 -1.96 -29.26
CA LEU E 178 -11.23 -0.89 -28.73
C LEU E 178 -11.79 -1.25 -27.36
N GLN E 179 -12.32 -2.46 -27.20
CA GLN E 179 -12.88 -2.86 -25.91
C GLN E 179 -11.80 -3.00 -24.84
N ASP E 180 -10.62 -3.51 -25.23
CA ASP E 180 -9.53 -3.59 -24.27
C ASP E 180 -9.11 -2.21 -23.79
N ILE E 181 -9.00 -1.25 -24.71
CA ILE E 181 -8.66 0.12 -24.33
C ILE E 181 -9.74 0.70 -23.43
N THR E 182 -11.01 0.48 -23.78
CA THR E 182 -12.11 0.99 -22.97
C THR E 182 -12.09 0.42 -21.56
N LYS E 183 -11.84 -0.89 -21.44
CA LYS E 183 -11.84 -1.54 -20.13
C LYS E 183 -10.68 -1.03 -19.28
N GLY E 184 -9.48 -0.98 -19.87
CA GLY E 184 -8.33 -0.47 -19.12
C GLY E 184 -8.50 0.98 -18.72
N ALA E 185 -9.04 1.80 -19.62
CA ALA E 185 -9.30 3.20 -19.30
C ALA E 185 -10.32 3.32 -18.19
N SER E 186 -11.36 2.48 -18.20
CA SER E 186 -12.35 2.51 -17.13
C SER E 186 -11.73 2.17 -15.79
N ILE E 187 -10.87 1.14 -15.75
CA ILE E 187 -10.25 0.74 -14.49
C ILE E 187 -9.32 1.84 -13.98
N LEU E 188 -8.46 2.36 -14.86
CA LEU E 188 -7.54 3.42 -14.47
C LEU E 188 -8.29 4.66 -14.01
N GLY E 189 -9.35 5.03 -14.72
CA GLY E 189 -10.12 6.20 -14.35
C GLY E 189 -10.82 6.02 -13.02
N MET E 190 -11.38 4.84 -12.77
CA MET E 190 -12.01 4.60 -11.47
C MET E 190 -11.00 4.74 -10.34
N PHE E 191 -9.82 4.14 -10.51
CA PHE E 191 -8.77 4.22 -9.49
C PHE E 191 -8.36 5.67 -9.23
N VAL E 192 -8.01 6.39 -10.30
CA VAL E 192 -7.46 7.73 -10.14
C VAL E 192 -8.54 8.71 -9.68
N LEU E 193 -9.78 8.54 -10.14
CA LEU E 193 -10.87 9.39 -9.67
C LEU E 193 -11.20 9.13 -8.21
N ALA E 194 -11.08 7.88 -7.75
CA ALA E 194 -11.22 7.62 -6.32
C ALA E 194 -10.13 8.35 -5.52
N ALA E 195 -8.89 8.27 -6.01
CA ALA E 195 -7.82 9.00 -5.33
C ALA E 195 -8.07 10.51 -5.32
N LEU E 196 -8.55 11.06 -6.44
CA LEU E 196 -8.84 12.48 -6.53
C LEU E 196 -10.02 12.90 -5.66
N VAL E 197 -11.03 12.04 -5.54
CA VAL E 197 -12.13 12.31 -4.61
C VAL E 197 -11.59 12.37 -3.19
N GLN E 198 -10.70 11.45 -2.84
CA GLN E 198 -10.17 11.43 -1.48
C GLN E 198 -9.28 12.65 -1.20
N ARG E 199 -8.49 13.09 -2.20
CA ARG E 199 -7.45 14.07 -1.93
C ARG E 199 -7.82 15.50 -2.28
N TRP E 200 -8.68 15.72 -3.28
CA TRP E 200 -8.96 17.06 -3.80
C TRP E 200 -10.31 17.61 -3.37
N VAL E 201 -11.22 16.78 -2.88
CA VAL E 201 -12.51 17.24 -2.38
C VAL E 201 -12.31 17.62 -0.91
N ASN E 202 -12.24 18.91 -0.63
CA ASN E 202 -11.88 19.42 0.69
C ASN E 202 -13.16 19.73 1.47
N ILE E 203 -13.44 18.91 2.48
CA ILE E 203 -14.54 19.14 3.41
C ILE E 203 -13.95 19.01 4.81
N GLN E 204 -13.77 20.15 5.48
CA GLN E 204 -13.20 20.19 6.82
C GLN E 204 -14.24 20.72 7.80
N PHE E 205 -14.58 19.90 8.78
CA PHE E 205 -15.52 20.29 9.83
C PHE E 205 -14.76 20.94 10.99
N ALA E 206 -15.38 21.96 11.59
CA ALA E 206 -14.78 22.56 12.77
C ALA E 206 -15.71 22.67 13.96
N PRO E 207 -16.46 21.61 14.35
CA PRO E 207 -17.05 21.61 15.69
C PRO E 207 -16.16 20.86 16.67
N ILE E 208 -16.03 21.35 17.89
CA ILE E 208 -15.27 20.67 18.92
C ILE E 208 -16.20 19.71 19.66
N ILE E 209 -15.81 18.45 19.73
CA ILE E 209 -16.66 17.40 20.28
C ILE E 209 -16.37 17.17 21.75
N SER E 210 -15.12 16.87 22.10
CA SER E 210 -14.74 16.59 23.47
C SER E 210 -13.49 17.37 23.84
N LYS E 211 -13.40 17.76 25.11
CA LYS E 211 -12.27 18.49 25.66
C LYS E 211 -11.83 17.88 26.98
N VAL E 212 -11.72 16.56 27.00
CA VAL E 212 -11.31 15.84 28.21
C VAL E 212 -9.86 16.19 28.53
N LYS E 213 -9.60 16.53 29.80
CA LYS E 213 -8.26 16.89 30.21
C LYS E 213 -7.41 15.62 30.39
N LEU E 214 -6.11 15.77 30.16
CA LEU E 214 -5.20 14.64 30.27
C LEU E 214 -4.73 14.47 31.73
N ASP E 215 -4.40 13.22 32.06
CA ASP E 215 -3.87 12.92 33.38
C ASP E 215 -2.49 13.55 33.56
N GLU E 216 -2.09 13.72 34.82
CA GLU E 216 -0.82 14.36 35.12
C GLU E 216 0.33 13.37 35.01
N GLY E 217 0.37 12.63 33.90
CA GLY E 217 1.49 11.77 33.59
C GLY E 217 1.71 11.69 32.09
N ALA E 218 0.97 12.51 31.33
CA ALA E 218 0.97 12.42 29.88
C ALA E 218 1.29 13.73 29.17
N TYR E 219 1.21 14.87 29.85
CA TYR E 219 1.58 16.14 29.24
C TYR E 219 2.92 16.63 29.80
N ILE E 220 3.55 17.52 29.04
CA ILE E 220 4.91 17.96 29.36
C ILE E 220 4.97 18.78 30.64
N ASP E 221 3.90 19.48 31.01
CA ASP E 221 3.80 20.21 32.27
C ASP E 221 4.90 21.27 32.38
N TRP E 222 4.77 22.28 31.51
CA TRP E 222 5.79 23.33 31.41
C TRP E 222 5.73 24.27 32.62
N SER E 223 5.80 23.72 33.82
CA SER E 223 5.91 24.53 35.02
C SER E 223 6.92 24.00 36.02
N HIS E 224 7.53 22.83 35.77
CA HIS E 224 8.58 22.26 36.61
C HIS E 224 9.69 21.69 35.76
N LEU E 225 10.09 22.40 34.71
CA LEU E 225 10.99 21.90 33.69
C LEU E 225 12.37 22.51 33.87
N PRO E 226 13.45 21.83 33.46
CA PRO E 226 14.78 22.42 33.53
C PRO E 226 14.86 23.78 32.87
N GLN E 227 15.76 24.64 33.36
CA GLN E 227 15.86 26.02 32.92
C GLN E 227 17.22 26.27 32.29
N GLY E 228 17.26 26.40 30.96
CA GLY E 228 18.47 26.78 30.26
C GLY E 228 19.19 25.63 29.60
N ALA E 229 19.01 25.49 28.29
CA ALA E 229 19.75 24.55 27.45
C ALA E 229 19.44 23.10 27.79
N GLN E 230 18.61 22.87 28.80
CA GLN E 230 18.22 21.50 29.15
C GLN E 230 16.71 21.32 29.05
N GLY E 231 15.95 22.40 29.25
CA GLY E 231 14.52 22.36 29.10
C GLY E 231 14.10 22.00 27.69
N ILE E 232 14.77 22.57 26.69
CA ILE E 232 14.48 22.26 25.30
C ILE E 232 14.74 20.79 25.03
N LYS E 233 15.89 20.29 25.51
CA LYS E 233 16.25 18.89 25.28
C LYS E 233 15.23 17.95 25.91
N THR E 234 14.84 18.23 27.16
CA THR E 234 13.91 17.34 27.84
C THR E 234 12.52 17.44 27.24
N ALA E 235 12.14 18.62 26.74
CA ALA E 235 10.84 18.77 26.07
C ALA E 235 10.82 17.97 24.78
N LEU E 236 11.92 18.02 24.02
CA LEU E 236 11.99 17.23 22.79
C LEU E 236 11.98 15.74 23.09
N GLN E 237 12.67 15.32 24.16
CA GLN E 237 12.67 13.92 24.53
C GLN E 237 11.29 13.45 24.98
N GLN E 238 10.56 14.30 25.69
CA GLN E 238 9.20 13.95 26.10
C GLN E 238 8.26 13.89 24.89
N GLN E 239 8.41 14.82 23.95
CA GLN E 239 7.62 14.77 22.72
C GLN E 239 7.93 13.51 21.92
N GLN E 240 9.19 13.07 21.92
CA GLN E 240 9.53 11.81 21.27
C GLN E 240 8.90 10.63 21.98
N ALA E 241 8.73 10.72 23.30
CA ALA E 241 8.08 9.66 24.07
C ALA E 241 6.57 9.62 23.84
N GLY E 242 6.00 10.61 23.16
CA GLY E 242 4.59 10.64 22.88
C GLY E 242 3.76 11.52 23.81
N LEU E 243 4.40 12.25 24.71
CA LEU E 243 3.66 13.13 25.60
C LEU E 243 3.09 14.32 24.84
N ALA E 244 2.02 14.89 25.36
CA ALA E 244 1.29 15.97 24.71
C ALA E 244 1.82 17.32 25.15
N LEU E 245 1.69 18.30 24.25
CA LEU E 245 2.15 19.65 24.55
C LEU E 245 1.21 20.36 25.52
N SER E 246 -0.10 20.19 25.33
CA SER E 246 -1.11 20.83 26.16
C SER E 246 -1.70 19.82 27.13
N GLU E 247 -2.10 20.31 28.31
CA GLU E 247 -2.66 19.46 29.34
C GLU E 247 -4.10 19.04 29.05
N ILE E 248 -4.77 19.69 28.10
CA ILE E 248 -6.13 19.35 27.73
C ILE E 248 -6.12 18.78 26.31
N LYS E 249 -6.88 17.71 26.10
CA LYS E 249 -6.96 17.06 24.80
C LYS E 249 -8.25 17.50 24.10
N VAL E 250 -8.10 18.14 22.94
CA VAL E 250 -9.23 18.62 22.16
C VAL E 250 -9.44 17.66 20.99
N THR E 251 -10.66 17.13 20.89
CA THR E 251 -11.03 16.23 19.80
C THR E 251 -12.17 16.86 19.01
N THR E 252 -11.97 17.01 17.71
CA THR E 252 -12.96 17.62 16.83
C THR E 252 -13.74 16.54 16.09
N LEU E 253 -14.83 16.98 15.45
CA LEU E 253 -15.63 16.06 14.63
C LEU E 253 -14.80 15.51 13.48
N GLN E 254 -13.91 16.34 12.92
CA GLN E 254 -13.02 15.86 11.87
C GLN E 254 -12.12 14.74 12.36
N ASN E 255 -11.64 14.83 13.59
CA ASN E 255 -10.80 13.76 14.13
C ASN E 255 -11.58 12.45 14.26
N ASN E 256 -12.83 12.53 14.72
CA ASN E 256 -13.64 11.32 14.83
C ASN E 256 -13.98 10.76 13.46
N LEU E 257 -14.22 11.63 12.47
CA LEU E 257 -14.49 11.15 11.11
C LEU E 257 -13.26 10.48 10.52
N ASP E 258 -12.07 11.03 10.76
CA ASP E 258 -10.84 10.43 10.28
C ASP E 258 -10.48 9.15 11.03
N ASN E 259 -10.99 8.99 12.26
CA ASN E 259 -10.77 7.76 12.99
C ASN E 259 -11.42 6.57 12.29
N LEU E 260 -12.53 6.80 11.58
CA LEU E 260 -13.14 5.73 10.80
C LEU E 260 -12.37 5.52 9.49
N ILE E 261 -12.32 6.54 8.65
CA ILE E 261 -11.53 6.51 7.41
C ILE E 261 -11.38 7.95 6.90
N PRO E 262 -10.20 8.35 6.45
CA PRO E 262 -10.06 9.68 5.86
C PRO E 262 -10.89 9.82 4.59
N GLY E 263 -11.43 11.02 4.40
CA GLY E 263 -12.18 11.32 3.19
C GLY E 263 -13.58 10.74 3.12
N LEU E 264 -14.15 10.36 4.27
CA LEU E 264 -15.51 9.80 4.26
C LEU E 264 -16.53 10.84 3.83
N ALA E 265 -16.40 12.07 4.30
CA ALA E 265 -17.32 13.13 3.91
C ALA E 265 -17.23 13.40 2.42
N ALA E 266 -16.02 13.40 1.86
CA ALA E 266 -15.85 13.65 0.43
C ALA E 266 -16.55 12.58 -0.42
N VAL E 267 -16.34 11.31 -0.08
CA VAL E 267 -16.96 10.24 -0.86
C VAL E 267 -18.47 10.23 -0.65
N ALA E 268 -18.95 10.55 0.55
CA ALA E 268 -20.39 10.63 0.78
C ALA E 268 -21.01 11.75 -0.06
N LEU E 269 -20.35 12.91 -0.12
CA LEU E 269 -20.85 14.00 -0.95
C LEU E 269 -20.82 13.61 -2.42
N THR E 270 -19.78 12.89 -2.85
CA THR E 270 -19.72 12.46 -4.24
C THR E 270 -20.86 11.51 -4.57
N PHE E 271 -21.16 10.56 -3.67
CA PHE E 271 -22.27 9.64 -3.91
C PHE E 271 -23.61 10.37 -3.92
N LEU E 272 -23.77 11.36 -3.03
CA LEU E 272 -24.99 12.16 -3.04
C LEU E 272 -25.13 12.92 -4.36
N CYS E 273 -24.02 13.45 -4.87
CA CYS E 273 -24.05 14.15 -6.16
C CYS E 273 -24.42 13.19 -7.29
N MET E 274 -23.88 11.97 -7.26
CA MET E 274 -24.26 10.97 -8.26
C MET E 274 -25.75 10.66 -8.20
N TRP E 275 -26.29 10.50 -6.99
CA TRP E 275 -27.72 10.24 -6.85
C TRP E 275 -28.55 11.40 -7.37
N LEU E 276 -28.16 12.63 -7.04
CA LEU E 276 -28.89 13.80 -7.51
C LEU E 276 -28.85 13.90 -9.03
N LEU E 277 -27.69 13.63 -9.64
CA LEU E 277 -27.60 13.64 -11.09
C LEU E 277 -28.46 12.54 -11.70
N LYS E 278 -28.50 11.36 -11.08
CA LYS E 278 -29.37 10.29 -11.55
C LYS E 278 -30.84 10.65 -11.41
N LYS E 279 -31.18 11.55 -10.49
CA LYS E 279 -32.54 12.07 -10.37
C LYS E 279 -32.88 13.11 -11.44
N LYS E 280 -32.06 13.22 -12.48
CA LYS E 280 -32.30 14.15 -13.58
C LYS E 280 -32.31 15.60 -13.11
N ILE E 281 -31.42 15.93 -12.18
CA ILE E 281 -31.24 17.29 -11.72
C ILE E 281 -30.02 17.89 -12.41
N SER E 282 -30.17 19.08 -12.97
CA SER E 282 -29.09 19.69 -13.72
C SER E 282 -27.90 20.00 -12.81
N PRO E 283 -26.67 19.89 -13.33
CA PRO E 283 -25.49 20.16 -12.51
C PRO E 283 -25.42 21.59 -12.01
N ILE E 284 -26.02 22.55 -12.70
CA ILE E 284 -25.98 23.94 -12.24
C ILE E 284 -26.70 24.07 -10.91
N ILE E 285 -27.85 23.41 -10.76
CA ILE E 285 -28.58 23.45 -9.50
C ILE E 285 -27.75 22.83 -8.38
N ILE E 286 -27.06 21.73 -8.68
CA ILE E 286 -26.27 21.06 -7.66
C ILE E 286 -25.09 21.92 -7.23
N ILE E 287 -24.42 22.59 -8.18
CA ILE E 287 -23.30 23.46 -7.85
C ILE E 287 -23.76 24.65 -7.03
N LEU E 288 -24.86 25.28 -7.44
CA LEU E 288 -25.41 26.41 -6.70
C LEU E 288 -25.91 26.00 -5.33
N GLY E 289 -26.39 24.77 -5.16
CA GLY E 289 -26.73 24.26 -3.86
C GLY E 289 -25.54 23.92 -2.99
N LEU E 290 -24.44 23.46 -3.58
CA LEU E 290 -23.23 23.23 -2.83
C LEU E 290 -22.62 24.53 -2.32
N PHE E 291 -22.67 25.60 -3.12
CA PHE E 291 -22.21 26.90 -2.64
C PHE E 291 -23.05 27.36 -1.46
N VAL E 292 -24.37 27.22 -1.54
CA VAL E 292 -25.25 27.62 -0.45
C VAL E 292 -25.01 26.74 0.78
N VAL E 293 -24.77 25.45 0.57
CA VAL E 293 -24.47 24.54 1.68
C VAL E 293 -23.19 24.96 2.38
N GLY E 294 -22.15 25.29 1.61
CA GLY E 294 -20.92 25.78 2.24
C GLY E 294 -21.14 27.06 3.02
N ILE E 295 -21.91 27.99 2.45
CA ILE E 295 -22.19 29.25 3.14
C ILE E 295 -22.92 28.99 4.45
N VAL E 296 -23.95 28.14 4.41
CA VAL E 296 -24.73 27.84 5.60
C VAL E 296 -23.88 27.13 6.65
N GLY E 297 -23.07 26.16 6.21
CA GLY E 297 -22.20 25.46 7.15
C GLY E 297 -21.19 26.36 7.81
N HIS E 298 -20.66 27.34 7.07
CA HIS E 298 -19.80 28.33 7.70
C HIS E 298 -20.58 29.23 8.66
N LEU E 299 -21.83 29.55 8.32
CA LEU E 299 -22.65 30.39 9.19
C LEU E 299 -22.97 29.71 10.51
N ILE E 300 -23.25 28.41 10.49
CA ILE E 300 -23.64 27.68 11.69
C ILE E 300 -22.45 27.02 12.37
N GLY E 301 -21.23 27.27 11.88
CA GLY E 301 -20.03 26.71 12.48
C GLY E 301 -19.73 25.28 12.11
N LEU E 302 -20.59 24.62 11.32
CA LEU E 302 -20.33 23.24 10.93
C LEU E 302 -19.09 23.14 10.05
N LEU E 303 -18.91 24.06 9.12
CA LEU E 303 -17.77 24.04 8.21
C LEU E 303 -16.96 25.33 8.33
N PRO F 1 -0.55 40.22 5.81
CA PRO F 1 -0.30 39.32 4.69
C PRO F 1 -0.25 40.06 3.35
N HIS F 2 0.85 39.91 2.62
CA HIS F 2 1.03 40.56 1.33
C HIS F 2 1.54 39.65 0.23
N MET F 3 1.93 38.41 0.55
CA MET F 3 2.42 37.46 -0.44
C MET F 3 1.37 36.38 -0.66
N LYS F 4 0.50 36.62 -1.63
CA LYS F 4 -0.54 35.65 -1.97
C LYS F 4 0.03 34.57 -2.88
N TYR F 5 -0.78 33.52 -3.08
CA TYR F 5 -0.46 32.44 -4.00
C TYR F 5 -1.68 32.15 -4.85
N TYR F 6 -1.47 32.04 -6.17
CA TYR F 6 -2.56 31.87 -7.11
C TYR F 6 -2.51 30.53 -7.84
N GLY F 7 -1.59 29.65 -7.47
CA GLY F 7 -1.45 28.37 -8.14
C GLY F 7 -0.50 28.44 -9.33
N ASN F 8 -0.03 27.26 -9.73
CA ASN F 8 0.95 27.11 -10.81
C ASN F 8 2.22 27.93 -10.58
N GLY F 9 2.56 28.18 -9.31
CA GLY F 9 3.77 28.90 -9.00
C GLY F 9 3.73 30.38 -9.26
N VAL F 10 2.56 31.02 -9.12
CA VAL F 10 2.40 32.44 -9.31
C VAL F 10 2.16 33.08 -7.94
N THR F 11 2.97 34.09 -7.61
CA THR F 11 2.89 34.75 -6.31
C THR F 11 2.11 36.06 -6.39
N CYS F 12 2.52 36.98 -7.25
CA CYS F 12 1.88 38.28 -7.42
C CYS F 12 1.85 39.05 -6.10
N GLY F 13 3.05 39.37 -5.62
CA GLY F 13 3.19 40.13 -4.39
C GLY F 13 2.63 41.54 -4.50
N LYS F 14 2.84 42.30 -3.43
CA LYS F 14 2.27 43.64 -3.30
C LYS F 14 2.79 44.60 -4.36
N HIS F 15 3.95 44.31 -4.94
CA HIS F 15 4.54 45.20 -5.93
C HIS F 15 4.78 44.57 -7.30
N SER F 16 4.97 43.25 -7.38
CA SER F 16 5.27 42.61 -8.65
C SER F 16 4.82 41.16 -8.58
N CYS F 17 4.75 40.53 -9.75
CA CYS F 17 4.38 39.13 -9.88
C CYS F 17 5.59 38.34 -10.37
N SER F 18 5.85 37.21 -9.72
CA SER F 18 6.97 36.36 -10.08
C SER F 18 6.48 34.92 -10.19
N VAL F 19 7.13 34.16 -11.08
CA VAL F 19 6.78 32.77 -11.32
C VAL F 19 8.01 31.93 -11.05
N ASP F 20 7.88 30.97 -10.13
CA ASP F 20 8.92 29.97 -9.91
C ASP F 20 8.62 28.77 -10.82
N TRP F 21 9.53 28.51 -11.75
CA TRP F 21 9.21 27.60 -12.85
C TRP F 21 9.26 26.13 -12.44
N GLY F 22 9.96 25.80 -11.36
CA GLY F 22 9.95 24.42 -10.89
C GLY F 22 8.56 23.98 -10.45
N LYS F 23 7.90 24.80 -9.64
CA LYS F 23 6.55 24.48 -9.19
C LYS F 23 5.57 24.51 -10.36
N ALA F 24 5.74 25.45 -11.29
CA ALA F 24 4.87 25.48 -12.46
C ALA F 24 5.01 24.22 -13.31
N THR F 25 6.25 23.77 -13.52
CA THR F 25 6.46 22.55 -14.30
C THR F 25 5.91 21.33 -13.56
N THR F 26 6.09 21.27 -12.24
CA THR F 26 5.52 20.17 -11.46
C THR F 26 4.01 20.15 -11.57
N CYS F 27 3.37 21.32 -11.46
CA CYS F 27 1.92 21.39 -11.59
C CYS F 27 1.46 20.96 -12.97
N ILE F 28 2.17 21.41 -14.02
CA ILE F 28 1.79 21.04 -15.38
C ILE F 28 1.90 19.54 -15.57
N ILE F 29 3.00 18.95 -15.12
CA ILE F 29 3.21 17.51 -15.30
C ILE F 29 2.16 16.71 -14.52
N ASN F 30 1.90 17.11 -13.28
CA ASN F 30 0.90 16.39 -12.48
C ASN F 30 -0.50 16.50 -13.08
N ASN F 31 -0.87 17.70 -13.54
CA ASN F 31 -2.18 17.87 -14.15
C ASN F 31 -2.30 17.07 -15.43
N GLY F 32 -1.24 17.04 -16.24
CA GLY F 32 -1.26 16.23 -17.45
C GLY F 32 -1.37 14.74 -17.15
N ALA F 33 -0.64 14.26 -16.14
CA ALA F 33 -0.72 12.86 -15.77
C ALA F 33 -2.12 12.51 -15.27
N MET F 34 -2.73 13.37 -14.46
CA MET F 34 -4.08 13.12 -14.00
C MET F 34 -5.09 13.16 -15.14
N ALA F 35 -4.92 14.07 -16.10
CA ALA F 35 -5.81 14.12 -17.25
C ALA F 35 -5.69 12.88 -18.11
N TRP F 36 -4.46 12.38 -18.32
CA TRP F 36 -4.29 11.16 -19.10
C TRP F 36 -4.79 9.93 -18.36
N ALA F 37 -4.71 9.93 -17.03
CA ALA F 37 -5.22 8.81 -16.26
C ALA F 37 -6.75 8.81 -16.15
N THR F 38 -7.37 9.98 -16.15
CA THR F 38 -8.82 10.09 -16.01
C THR F 38 -9.51 10.51 -17.30
N GLY F 39 -8.80 10.56 -18.43
CA GLY F 39 -9.41 11.03 -19.65
C GLY F 39 -9.70 12.51 -19.65
N GLY F 40 -8.95 13.30 -18.88
CA GLY F 40 -9.20 14.72 -18.78
C GLY F 40 -10.35 15.08 -17.89
N HIS F 41 -10.63 14.29 -16.86
CA HIS F 41 -11.75 14.52 -15.95
C HIS F 41 -11.28 14.84 -14.53
N GLN F 42 -10.03 15.23 -14.34
CA GLN F 42 -9.48 15.43 -13.00
C GLN F 42 -10.04 16.67 -12.32
N GLY F 43 -10.66 17.57 -13.07
CA GLY F 43 -11.19 18.80 -12.50
C GLY F 43 -10.12 19.87 -12.35
N ASN F 44 -10.55 21.02 -11.82
CA ASN F 44 -9.67 22.15 -11.60
C ASN F 44 -9.24 22.17 -10.13
N HIS F 45 -7.95 22.01 -9.89
CA HIS F 45 -7.38 22.02 -8.55
C HIS F 45 -6.20 22.97 -8.51
N LYS F 46 -6.13 23.79 -7.46
CA LYS F 46 -5.02 24.73 -7.29
C LYS F 46 -3.80 23.98 -6.79
N CYS F 47 -2.86 23.71 -7.69
CA CYS F 47 -1.67 22.94 -7.35
C CYS F 47 -0.56 23.85 -6.86
N MET G 1 62.29 -8.33 8.21
CA MET G 1 61.52 -9.51 7.88
C MET G 1 62.35 -10.46 7.00
N SER G 2 62.31 -11.74 7.34
CA SER G 2 63.13 -12.73 6.65
C SER G 2 62.69 -12.90 5.20
N VAL G 3 63.64 -13.32 4.36
CA VAL G 3 63.35 -13.53 2.94
C VAL G 3 62.37 -14.69 2.76
N ILE G 4 62.45 -15.71 3.62
CA ILE G 4 61.51 -16.82 3.54
C ILE G 4 60.09 -16.33 3.80
N SER G 5 59.94 -15.38 4.72
CA SER G 5 58.63 -14.77 4.95
C SER G 5 58.15 -14.05 3.69
N ILE G 6 59.05 -13.39 2.97
CA ILE G 6 58.69 -12.73 1.72
C ILE G 6 58.19 -13.75 0.71
N ILE G 7 58.92 -14.87 0.58
CA ILE G 7 58.52 -15.91 -0.37
C ILE G 7 57.14 -16.45 -0.02
N LEU G 8 56.91 -16.73 1.27
CA LEU G 8 55.62 -17.26 1.68
C LEU G 8 54.49 -16.26 1.48
N VAL G 9 54.71 -14.97 1.77
CA VAL G 9 53.63 -14.01 1.58
C VAL G 9 53.33 -13.82 0.10
N VAL G 10 54.35 -13.87 -0.76
CA VAL G 10 54.09 -13.80 -2.19
C VAL G 10 53.31 -15.04 -2.66
N LEU G 11 53.65 -16.21 -2.12
CA LEU G 11 52.91 -17.42 -2.48
C LEU G 11 51.46 -17.34 -2.04
N ILE G 12 51.21 -16.83 -0.83
CA ILE G 12 49.84 -16.68 -0.35
C ILE G 12 49.08 -15.66 -1.18
N ALA G 13 49.76 -14.59 -1.60
CA ALA G 13 49.12 -13.61 -2.48
C ALA G 13 48.75 -14.24 -3.82
N PHE G 14 49.63 -15.07 -4.37
CA PHE G 14 49.32 -15.76 -5.61
C PHE G 14 48.12 -16.70 -5.44
N LEU G 15 48.09 -17.42 -4.31
CA LEU G 15 46.96 -18.32 -4.05
C LEU G 15 45.66 -17.54 -3.90
N ALA G 16 45.70 -16.39 -3.22
CA ALA G 16 44.52 -15.55 -3.09
C ALA G 16 44.06 -15.01 -4.43
N GLY G 17 45.01 -14.64 -5.30
CA GLY G 17 44.66 -14.21 -6.64
C GLY G 17 43.98 -15.31 -7.44
N ILE G 18 44.50 -16.54 -7.32
CA ILE G 18 43.86 -17.66 -8.00
C ILE G 18 42.45 -17.91 -7.47
N GLU G 19 42.29 -17.89 -6.14
CA GLU G 19 40.99 -18.18 -5.56
C GLU G 19 40.01 -17.02 -5.69
N GLY G 20 40.47 -15.84 -6.06
CA GLY G 20 39.56 -14.75 -6.38
C GLY G 20 38.64 -15.11 -7.54
N ILE G 21 39.17 -15.80 -8.54
CA ILE G 21 38.35 -16.27 -9.66
C ILE G 21 37.82 -17.66 -9.41
N LEU G 22 38.64 -18.58 -8.89
CA LEU G 22 38.15 -19.94 -8.65
C LEU G 22 36.98 -19.94 -7.67
N ASP G 23 37.12 -19.22 -6.56
CA ASP G 23 36.05 -19.07 -5.57
C ASP G 23 35.54 -20.42 -5.07
N GLU G 24 36.45 -21.37 -4.87
CA GLU G 24 36.08 -22.66 -4.31
C GLU G 24 36.71 -22.92 -2.95
N PHE G 25 38.03 -22.84 -2.83
CA PHE G 25 38.69 -23.11 -1.57
C PHE G 25 38.64 -21.90 -0.63
N GLN G 26 38.30 -20.72 -1.15
CA GLN G 26 38.18 -19.49 -0.37
C GLN G 26 39.49 -19.12 0.33
N PHE G 27 40.59 -19.22 -0.41
CA PHE G 27 41.85 -18.65 0.06
C PHE G 27 41.88 -17.14 -0.08
N HIS G 28 40.94 -16.56 -0.81
CA HIS G 28 40.85 -15.12 -1.00
C HIS G 28 40.01 -14.44 0.07
N GLN G 29 39.32 -15.21 0.90
CA GLN G 29 38.53 -14.62 1.97
C GLN G 29 39.45 -14.05 3.04
N PRO G 30 39.09 -12.93 3.67
CA PRO G 30 39.95 -12.37 4.73
C PRO G 30 40.21 -13.35 5.86
N LEU G 31 39.20 -14.14 6.24
CA LEU G 31 39.31 -15.03 7.37
C LEU G 31 40.44 -16.03 7.21
N ILE G 32 40.77 -16.41 5.97
CA ILE G 32 41.85 -17.32 5.69
C ILE G 32 43.12 -16.59 5.28
N ALA G 33 42.98 -15.59 4.41
CA ALA G 33 44.16 -14.88 3.87
C ALA G 33 44.93 -14.17 4.98
N CYS G 34 44.22 -13.48 5.87
CA CYS G 34 44.91 -12.72 6.91
C CYS G 34 45.69 -13.62 7.85
N THR G 35 45.07 -14.71 8.30
CA THR G 35 45.76 -15.62 9.22
C THR G 35 46.90 -16.36 8.51
N LEU G 36 46.73 -16.68 7.21
CA LEU G 36 47.83 -17.30 6.48
C LEU G 36 49.01 -16.34 6.35
N ILE G 37 48.74 -15.07 6.07
CA ILE G 37 49.82 -14.09 5.92
C ILE G 37 50.46 -13.77 7.26
N GLY G 38 49.72 -13.90 8.37
CA GLY G 38 50.28 -13.62 9.67
C GLY G 38 50.99 -14.80 10.31
N LEU G 39 50.66 -16.01 9.84
CA LEU G 39 51.27 -17.21 10.41
C LEU G 39 52.70 -17.37 9.94
N VAL G 40 53.00 -16.96 8.71
CA VAL G 40 54.33 -17.11 8.14
C VAL G 40 55.19 -15.91 8.50
N THR G 41 54.64 -14.98 9.28
CA THR G 41 55.37 -13.79 9.71
C THR G 41 55.46 -13.63 11.22
N GLY G 42 54.75 -14.45 11.99
CA GLY G 42 54.77 -14.37 13.45
C GLY G 42 53.67 -13.53 14.04
N ASN G 43 52.95 -12.76 13.24
CA ASN G 43 51.85 -11.94 13.73
C ASN G 43 50.53 -12.71 13.60
N LEU G 44 50.42 -13.78 14.39
CA LEU G 44 49.28 -14.69 14.27
C LEU G 44 48.00 -14.03 14.78
N THR G 45 47.97 -13.67 16.05
CA THR G 45 46.72 -13.23 16.67
C THR G 45 46.24 -11.90 16.09
N ALA G 46 47.16 -10.97 15.80
CA ALA G 46 46.76 -9.69 15.23
C ALA G 46 46.13 -9.88 13.86
N CYS G 47 46.73 -10.73 13.03
CA CYS G 47 46.16 -11.00 11.72
C CYS G 47 44.85 -11.77 11.82
N ILE G 48 44.70 -12.62 12.85
CA ILE G 48 43.42 -13.29 13.06
C ILE G 48 42.33 -12.28 13.39
N ILE G 49 42.64 -11.31 14.26
CA ILE G 49 41.66 -10.27 14.59
C ILE G 49 41.32 -9.47 13.34
N LEU G 50 42.33 -9.08 12.56
CA LEU G 50 42.07 -8.30 11.35
C LEU G 50 41.23 -9.09 10.35
N GLY G 51 41.53 -10.38 10.18
CA GLY G 51 40.74 -11.20 9.28
C GLY G 51 39.31 -11.37 9.73
N GLY G 52 39.10 -11.57 11.04
CA GLY G 52 37.74 -11.64 11.56
C GLY G 52 36.96 -10.36 11.33
N THR G 53 37.60 -9.21 11.59
CA THR G 53 36.94 -7.92 11.38
C THR G 53 36.60 -7.71 9.91
N LEU G 54 37.55 -8.00 9.03
CA LEU G 54 37.31 -7.79 7.60
C LEU G 54 36.24 -8.75 7.06
N GLN G 55 36.25 -10.00 7.53
CA GLN G 55 35.21 -10.94 7.13
C GLN G 55 33.85 -10.48 7.62
N MET G 56 33.78 -9.94 8.84
CA MET G 56 32.55 -9.32 9.30
C MET G 56 32.12 -8.18 8.38
N ILE G 57 33.08 -7.40 7.89
CA ILE G 57 32.76 -6.35 6.93
C ILE G 57 32.37 -6.94 5.57
N ALA G 58 33.16 -7.87 5.05
CA ALA G 58 32.96 -8.41 3.69
C ALA G 58 32.11 -9.67 3.69
N LEU G 59 30.92 -9.63 4.28
CA LEU G 59 30.02 -10.77 4.34
C LEU G 59 29.19 -10.93 3.08
N GLY G 60 29.01 -9.86 2.31
CA GLY G 60 28.12 -9.91 1.17
C GLY G 60 28.79 -9.62 -0.17
N TRP G 61 30.11 -9.75 -0.23
CA TRP G 61 30.85 -9.49 -1.46
C TRP G 61 30.92 -10.78 -2.27
N ALA G 62 30.00 -10.91 -3.23
CA ALA G 62 29.92 -12.07 -4.09
C ALA G 62 29.77 -11.65 -5.55
N ASN G 63 30.49 -12.35 -6.43
CA ASN G 63 30.38 -12.11 -7.86
C ASN G 63 29.11 -12.77 -8.39
N ILE G 64 28.28 -11.99 -9.09
CA ILE G 64 27.02 -12.47 -9.63
C ILE G 64 26.99 -12.06 -11.10
N GLY G 65 27.20 -13.02 -11.99
CA GLY G 65 27.25 -12.72 -13.42
C GLY G 65 28.35 -11.73 -13.72
N ALA G 66 28.04 -10.72 -14.51
CA ALA G 66 29.02 -9.69 -14.87
C ALA G 66 29.16 -8.60 -13.82
N ALA G 67 28.40 -8.69 -12.73
CA ALA G 67 28.52 -7.74 -11.62
C ALA G 67 29.57 -8.26 -10.65
N VAL G 68 30.81 -7.80 -10.86
CA VAL G 68 31.93 -8.27 -10.05
C VAL G 68 31.84 -7.71 -8.64
N ALA G 69 32.23 -8.53 -7.68
CA ALA G 69 32.26 -8.18 -6.27
C ALA G 69 33.43 -7.26 -5.96
N PRO G 70 33.39 -6.56 -4.83
CA PRO G 70 34.49 -5.64 -4.48
C PRO G 70 35.85 -6.32 -4.29
N ASP G 71 35.96 -7.62 -4.55
CA ASP G 71 37.24 -8.32 -4.61
C ASP G 71 37.98 -8.22 -3.26
N ALA G 72 37.40 -8.90 -2.28
CA ALA G 72 37.92 -8.91 -0.91
C ALA G 72 39.34 -9.45 -0.83
N ALA G 73 39.80 -10.15 -1.87
CA ALA G 73 41.12 -10.76 -1.88
C ALA G 73 42.25 -9.73 -1.75
N LEU G 74 42.24 -8.69 -2.58
CA LEU G 74 43.31 -7.71 -2.54
C LEU G 74 43.32 -6.96 -1.22
N ALA G 75 42.14 -6.57 -0.72
CA ALA G 75 42.07 -5.92 0.59
C ALA G 75 42.64 -6.83 1.67
N SER G 76 42.19 -8.08 1.69
CA SER G 76 42.62 -9.02 2.72
C SER G 76 44.13 -9.22 2.70
N VAL G 77 44.72 -9.33 1.51
CA VAL G 77 46.16 -9.51 1.42
C VAL G 77 46.90 -8.23 1.82
N ALA G 78 46.53 -7.10 1.21
CA ALA G 78 47.35 -5.89 1.31
C ALA G 78 47.22 -5.23 2.68
N SER G 79 45.99 -5.13 3.20
CA SER G 79 45.82 -4.52 4.52
C SER G 79 46.55 -5.32 5.59
N ALA G 80 46.48 -6.66 5.51
CA ALA G 80 47.21 -7.50 6.44
C ALA G 80 48.72 -7.36 6.28
N ILE G 81 49.22 -7.25 5.03
CA ILE G 81 50.65 -7.06 4.83
C ILE G 81 51.11 -5.74 5.45
N ILE G 82 50.34 -4.67 5.23
CA ILE G 82 50.72 -3.37 5.78
C ILE G 82 50.64 -3.38 7.30
N LEU G 83 49.66 -4.10 7.86
CA LEU G 83 49.62 -4.27 9.31
C LEU G 83 50.84 -5.02 9.81
N VAL G 84 51.29 -6.04 9.09
CA VAL G 84 52.43 -6.83 9.51
C VAL G 84 53.70 -5.99 9.51
N LEU G 85 53.98 -5.32 8.40
CA LEU G 85 55.22 -4.54 8.31
C LEU G 85 54.98 -3.07 8.69
N GLY G 86 54.32 -2.85 9.82
CA GLY G 86 54.13 -1.51 10.33
C GLY G 86 54.13 -1.43 11.83
N GLY G 87 54.45 -2.55 12.48
CA GLY G 87 54.29 -2.62 13.92
C GLY G 87 52.83 -2.51 14.30
N GLN G 88 52.58 -2.13 15.55
CA GLN G 88 51.23 -1.90 16.06
C GLN G 88 50.31 -3.09 15.75
N GLY G 89 50.68 -4.24 16.33
CA GLY G 89 50.00 -5.49 16.07
C GLY G 89 48.48 -5.42 16.18
N VAL G 90 47.97 -5.15 17.38
CA VAL G 90 46.53 -5.09 17.60
C VAL G 90 45.97 -3.68 17.41
N ALA G 91 46.72 -2.65 17.80
CA ALA G 91 46.23 -1.27 17.72
C ALA G 91 46.26 -0.72 16.30
N GLY G 92 47.02 -1.33 15.39
CA GLY G 92 47.06 -0.89 14.01
C GLY G 92 45.96 -1.43 13.14
N ILE G 93 45.07 -2.25 13.71
CA ILE G 93 43.99 -2.84 12.91
C ILE G 93 43.06 -1.80 12.32
N PRO G 94 42.60 -0.77 13.05
CA PRO G 94 41.68 0.21 12.43
C PRO G 94 42.28 0.95 11.25
N SER G 95 43.59 1.07 11.14
CA SER G 95 44.19 1.67 9.95
C SER G 95 44.14 0.72 8.75
N ALA G 96 44.42 -0.57 8.98
CA ALA G 96 44.30 -1.54 7.91
C ALA G 96 42.87 -1.65 7.42
N ILE G 97 41.90 -1.64 8.35
CA ILE G 97 40.49 -1.66 7.97
C ILE G 97 40.14 -0.42 7.15
N ALA G 98 40.62 0.75 7.57
CA ALA G 98 40.32 1.99 6.86
C ALA G 98 40.89 1.97 5.44
N ILE G 99 42.11 1.48 5.28
CA ILE G 99 42.74 1.47 3.96
C ILE G 99 42.26 0.30 3.10
N ALA G 100 41.61 -0.71 3.69
CA ALA G 100 41.18 -1.85 2.89
C ALA G 100 40.09 -1.48 1.89
N ILE G 101 39.15 -0.62 2.28
CA ILE G 101 37.97 -0.39 1.45
C ILE G 101 38.31 0.21 0.08
N PRO G 102 39.09 1.30 -0.02
CA PRO G 102 39.48 1.77 -1.37
C PRO G 102 40.32 0.78 -2.14
N LEU G 103 41.15 0.00 -1.46
CA LEU G 103 41.92 -1.03 -2.13
C LEU G 103 41.06 -2.17 -2.65
N ALA G 104 39.90 -2.41 -2.02
CA ALA G 104 38.93 -3.33 -2.59
C ALA G 104 38.42 -2.83 -3.93
N VAL G 105 38.14 -1.54 -4.03
CA VAL G 105 37.70 -0.97 -5.31
C VAL G 105 38.82 -1.07 -6.35
N ALA G 106 40.06 -0.81 -5.92
CA ALA G 106 41.19 -0.96 -6.83
C ALA G 106 41.31 -2.40 -7.33
N GLY G 107 41.15 -3.37 -6.44
CA GLY G 107 41.16 -4.76 -6.86
C GLY G 107 40.02 -5.11 -7.79
N LEU G 108 38.85 -4.51 -7.56
CA LEU G 108 37.72 -4.69 -8.47
C LEU G 108 38.08 -4.18 -9.86
N PHE G 109 38.70 -3.00 -9.94
CA PHE G 109 39.13 -2.48 -11.23
C PHE G 109 40.14 -3.41 -11.90
N LEU G 110 41.10 -3.91 -11.13
CA LEU G 110 42.12 -4.80 -11.69
C LEU G 110 41.50 -6.09 -12.21
N THR G 111 40.58 -6.69 -11.45
CA THR G 111 39.98 -7.94 -11.87
C THR G 111 39.04 -7.73 -13.06
N MET G 112 38.39 -6.57 -13.14
CA MET G 112 37.61 -6.26 -14.33
C MET G 112 38.51 -6.13 -15.55
N ILE G 113 39.67 -5.50 -15.39
CA ILE G 113 40.61 -5.36 -16.50
C ILE G 113 41.08 -6.73 -16.96
N VAL G 114 41.43 -7.61 -16.02
CA VAL G 114 41.89 -8.94 -16.41
C VAL G 114 40.77 -9.79 -17.02
N ARG G 115 39.53 -9.69 -16.51
CA ARG G 115 38.42 -10.39 -17.12
C ARG G 115 38.18 -9.90 -18.55
N THR G 116 38.31 -8.60 -18.79
CA THR G 116 38.22 -8.09 -20.16
C THR G 116 39.35 -8.65 -21.02
N LEU G 117 40.58 -8.69 -20.49
CA LEU G 117 41.73 -9.20 -21.21
C LEU G 117 41.62 -10.70 -21.48
N ALA G 118 40.78 -11.42 -20.75
CA ALA G 118 40.68 -12.87 -20.92
C ALA G 118 39.98 -13.27 -22.22
N VAL G 119 39.34 -12.34 -22.93
CA VAL G 119 38.59 -12.66 -24.14
C VAL G 119 39.50 -13.18 -25.26
N PRO G 120 40.62 -12.52 -25.58
CA PRO G 120 41.52 -13.12 -26.58
C PRO G 120 42.05 -14.49 -26.17
N ILE G 121 42.13 -14.77 -24.86
CA ILE G 121 42.57 -16.09 -24.43
C ILE G 121 41.61 -17.17 -24.91
N VAL G 122 40.31 -16.97 -24.71
CA VAL G 122 39.35 -17.98 -25.17
C VAL G 122 39.22 -17.94 -26.69
N HIS G 123 39.52 -16.80 -27.32
CA HIS G 123 39.59 -16.78 -28.78
C HIS G 123 40.71 -17.70 -29.29
N LEU G 124 41.89 -17.62 -28.66
CA LEU G 124 42.97 -18.53 -29.01
C LEU G 124 42.60 -19.98 -28.68
N MET G 125 41.84 -20.18 -27.60
CA MET G 125 41.37 -21.52 -27.28
C MET G 125 40.47 -22.08 -28.38
N ASP G 126 39.59 -21.24 -28.92
CA ASP G 126 38.74 -21.67 -30.04
C ASP G 126 39.59 -21.98 -31.27
N ARG G 127 40.56 -21.10 -31.58
CA ARG G 127 41.42 -21.32 -32.74
C ARG G 127 42.26 -22.58 -32.58
N ALA G 128 42.61 -22.95 -31.34
CA ALA G 128 43.29 -24.20 -31.10
C ALA G 128 42.35 -25.40 -31.17
N ALA G 129 41.09 -25.20 -30.77
CA ALA G 129 40.10 -26.26 -30.88
C ALA G 129 39.84 -26.63 -32.33
N GLU G 130 39.80 -25.65 -33.22
CA GLU G 130 39.61 -25.96 -34.64
C GLU G 130 40.80 -26.70 -35.22
N LYS G 131 41.96 -26.63 -34.58
CA LYS G 131 43.13 -27.37 -35.04
C LYS G 131 43.24 -28.75 -34.42
N GLY G 132 42.39 -29.10 -33.45
CA GLY G 132 42.42 -30.41 -32.84
C GLY G 132 43.50 -30.62 -31.80
N ASN G 133 44.01 -29.55 -31.19
CA ASN G 133 45.04 -29.66 -30.16
C ASN G 133 44.35 -29.59 -28.79
N ILE G 134 44.34 -30.71 -28.08
CA ILE G 134 43.61 -30.80 -26.82
C ILE G 134 44.41 -30.27 -25.64
N ARG G 135 45.74 -30.19 -25.73
CA ARG G 135 46.56 -29.78 -24.61
C ARG G 135 46.81 -28.28 -24.58
N SER G 136 46.81 -27.61 -25.73
CA SER G 136 47.02 -26.17 -25.75
C SER G 136 45.85 -25.43 -25.13
N VAL G 137 44.63 -25.98 -25.23
CA VAL G 137 43.49 -25.37 -24.54
C VAL G 137 43.70 -25.41 -23.03
N GLU G 138 44.17 -26.55 -22.51
CA GLU G 138 44.50 -26.65 -21.10
C GLU G 138 45.59 -25.65 -20.73
N TRP G 139 46.61 -25.54 -21.57
CA TRP G 139 47.70 -24.60 -21.31
C TRP G 139 47.18 -23.17 -21.23
N LEU G 140 46.29 -22.78 -22.14
CA LEU G 140 45.74 -21.44 -22.13
C LEU G 140 44.86 -21.21 -20.90
N HIS G 141 44.09 -22.23 -20.49
CA HIS G 141 43.27 -22.10 -19.29
C HIS G 141 44.15 -21.91 -18.05
N ILE G 142 45.23 -22.68 -17.94
CA ILE G 142 46.15 -22.52 -16.81
C ILE G 142 46.84 -21.16 -16.87
N SER G 143 47.18 -20.68 -18.08
CA SER G 143 47.77 -19.36 -18.20
C SER G 143 46.79 -18.27 -17.75
N ALA G 144 45.51 -18.43 -18.08
CA ALA G 144 44.50 -17.49 -17.60
C ALA G 144 44.39 -17.52 -16.08
N ILE G 145 44.45 -18.71 -15.48
CA ILE G 145 44.41 -18.81 -14.01
C ILE G 145 45.63 -18.09 -13.42
N CYS G 146 46.81 -18.35 -13.97
CA CYS G 146 48.03 -17.73 -13.47
C CYS G 146 48.04 -16.22 -13.67
N MET G 147 47.39 -15.71 -14.71
CA MET G 147 47.32 -14.27 -14.90
C MET G 147 46.56 -13.60 -13.76
N GLN G 148 45.42 -14.19 -13.35
CA GLN G 148 44.67 -13.60 -12.23
C GLN G 148 45.38 -13.84 -10.91
N GLY G 149 46.15 -14.93 -10.80
CA GLY G 149 47.01 -15.08 -9.62
C GLY G 149 48.06 -13.99 -9.53
N ILE G 150 48.71 -13.70 -10.65
CA ILE G 150 49.71 -12.64 -10.72
C ILE G 150 49.10 -11.28 -10.46
N ARG G 151 47.85 -11.07 -10.89
CA ARG G 151 47.15 -9.81 -10.66
C ARG G 151 47.23 -9.36 -9.20
N ILE G 152 47.24 -10.29 -8.26
CA ILE G 152 47.42 -9.96 -6.86
C ILE G 152 48.81 -10.30 -6.34
N ALA G 153 49.54 -11.22 -6.99
CA ALA G 153 50.91 -11.50 -6.57
C ALA G 153 51.81 -10.28 -6.74
N ILE G 154 51.59 -9.48 -7.77
CA ILE G 154 52.45 -8.32 -8.04
C ILE G 154 52.25 -7.21 -7.01
N PRO G 155 51.02 -6.72 -6.76
CA PRO G 155 50.88 -5.61 -5.80
C PRO G 155 51.35 -5.96 -4.40
N ALA G 156 51.14 -7.19 -3.96
CA ALA G 156 51.58 -7.60 -2.64
C ALA G 156 53.10 -7.61 -2.50
N ALA G 157 53.82 -8.00 -3.55
CA ALA G 157 55.27 -7.90 -3.56
C ALA G 157 55.77 -6.47 -3.71
N ALA G 158 55.04 -5.63 -4.46
CA ALA G 158 55.42 -4.22 -4.56
C ALA G 158 55.28 -3.52 -3.21
N LEU G 159 54.22 -3.85 -2.46
CA LEU G 159 54.03 -3.24 -1.14
C LEU G 159 55.13 -3.65 -0.17
N LEU G 160 55.82 -4.75 -0.43
CA LEU G 160 56.80 -5.27 0.51
C LEU G 160 58.06 -4.40 0.62
N PHE G 161 58.50 -3.78 -0.47
CA PHE G 161 59.71 -2.97 -0.48
C PHE G 161 59.43 -1.47 -0.45
N ILE G 162 58.27 -1.06 0.04
CA ILE G 162 57.97 0.36 0.20
C ILE G 162 57.57 0.59 1.65
N PRO G 163 57.69 1.83 2.14
CA PRO G 163 57.29 2.12 3.52
C PRO G 163 55.83 1.81 3.77
N ALA G 164 55.52 1.46 5.02
CA ALA G 164 54.18 1.02 5.37
C ALA G 164 53.15 2.11 5.11
N ASP G 165 53.46 3.35 5.48
CA ASP G 165 52.55 4.47 5.30
C ASP G 165 52.73 5.08 3.91
N SER G 166 52.55 4.22 2.91
CA SER G 166 52.56 4.64 1.51
C SER G 166 51.18 4.60 0.88
N VAL G 167 50.42 3.52 1.10
CA VAL G 167 49.03 3.48 0.64
C VAL G 167 48.19 4.49 1.40
N GLN G 168 48.38 4.58 2.71
CA GLN G 168 47.66 5.55 3.53
C GLN G 168 48.03 6.97 3.14
N SER G 169 49.32 7.22 2.90
CA SER G 169 49.77 8.54 2.49
C SER G 169 49.18 8.92 1.14
N PHE G 170 49.15 7.98 0.20
CA PHE G 170 48.57 8.27 -1.11
C PHE G 170 47.07 8.54 -1.00
N LEU G 171 46.37 7.76 -0.16
CA LEU G 171 44.95 7.99 0.05
C LEU G 171 44.66 9.33 0.71
N GLU G 172 45.47 9.74 1.69
CA GLU G 172 45.29 11.02 2.37
C GLU G 172 45.72 12.20 1.52
N ALA G 173 46.75 12.03 0.70
CA ALA G 173 47.17 13.09 -0.22
C ALA G 173 46.38 12.99 -1.52
N MET G 174 45.05 12.97 -1.41
CA MET G 174 44.16 12.87 -2.55
C MET G 174 43.17 14.03 -2.48
N PRO G 175 42.89 14.68 -3.60
CA PRO G 175 41.96 15.83 -3.56
C PRO G 175 40.58 15.41 -3.09
N ALA G 176 39.93 16.31 -2.35
CA ALA G 176 38.62 16.01 -1.78
C ALA G 176 37.55 15.83 -2.85
N TRP G 177 37.59 16.60 -3.94
CA TRP G 177 36.59 16.46 -4.98
C TRP G 177 36.64 15.09 -5.63
N LEU G 178 37.84 14.53 -5.83
CA LEU G 178 37.94 13.19 -6.40
C LEU G 178 37.32 12.15 -5.48
N THR G 179 37.62 12.23 -4.18
CA THR G 179 37.06 11.27 -3.23
C THR G 179 35.53 11.38 -3.18
N ASP G 180 35.01 12.60 -3.16
CA ASP G 180 33.57 12.81 -3.20
C ASP G 180 32.94 12.31 -4.49
N GLY G 181 33.59 12.51 -5.63
CA GLY G 181 33.07 11.98 -6.88
C GLY G 181 33.04 10.46 -6.89
N MET G 182 34.09 9.82 -6.37
CA MET G 182 34.08 8.37 -6.26
C MET G 182 32.98 7.88 -5.33
N ALA G 183 32.79 8.58 -4.20
CA ALA G 183 31.73 8.19 -3.28
C ALA G 183 30.35 8.33 -3.93
N ILE G 184 30.14 9.41 -4.68
CA ILE G 184 28.87 9.60 -5.37
C ILE G 184 28.66 8.54 -6.43
N GLY G 185 29.70 8.24 -7.22
CA GLY G 185 29.59 7.25 -8.26
C GLY G 185 29.44 5.83 -7.75
N GLY G 186 29.89 5.56 -6.53
CA GLY G 186 29.73 4.25 -5.93
C GLY G 186 28.31 3.89 -5.55
N GLY G 187 27.45 4.89 -5.32
CA GLY G 187 26.05 4.63 -5.07
C GLY G 187 25.21 4.41 -6.30
N MET G 188 25.77 4.65 -7.48
CA MET G 188 25.06 4.46 -8.74
C MET G 188 25.52 3.22 -9.50
N VAL G 189 26.62 2.60 -9.08
CA VAL G 189 27.14 1.42 -9.77
C VAL G 189 26.18 0.26 -9.67
N VAL G 190 25.53 0.08 -8.52
CA VAL G 190 24.66 -1.08 -8.31
C VAL G 190 23.52 -1.09 -9.31
N ALA G 191 23.14 0.09 -9.82
CA ALA G 191 22.08 0.15 -10.83
C ALA G 191 22.45 -0.67 -12.06
N VAL G 192 23.71 -0.58 -12.49
CA VAL G 192 24.18 -1.44 -13.58
C VAL G 192 23.93 -2.90 -13.25
N GLY G 193 24.29 -3.31 -12.03
CA GLY G 193 24.03 -4.67 -11.61
C GLY G 193 22.57 -5.05 -11.70
N TYR G 194 21.68 -4.09 -11.44
CA TYR G 194 20.26 -4.35 -11.61
C TYR G 194 19.89 -4.49 -13.08
N ALA G 195 20.47 -3.64 -13.93
CA ALA G 195 20.09 -3.62 -15.34
C ALA G 195 20.34 -4.97 -16.00
N LEU G 196 21.52 -5.56 -15.74
CA LEU G 196 21.84 -6.87 -16.28
C LEU G 196 20.76 -7.89 -15.93
N VAL G 197 20.21 -7.80 -14.72
CA VAL G 197 19.14 -8.73 -14.34
C VAL G 197 17.88 -8.43 -15.12
N ILE G 198 17.54 -7.14 -15.25
CA ILE G 198 16.29 -6.78 -15.92
C ILE G 198 16.34 -7.18 -17.38
N ASN G 199 17.49 -7.00 -18.04
CA ASN G 199 17.64 -7.45 -19.41
C ASN G 199 17.47 -8.96 -19.52
N MET G 200 17.82 -9.69 -18.46
CA MET G 200 17.66 -11.15 -18.49
C MET G 200 16.19 -11.55 -18.51
N MET G 201 15.44 -11.14 -17.48
CA MET G 201 14.03 -11.49 -17.33
C MET G 201 13.19 -10.22 -17.34
N ALA G 202 12.55 -9.95 -18.48
CA ALA G 202 11.63 -8.82 -18.59
C ALA G 202 10.66 -9.10 -19.72
N THR G 203 9.41 -9.39 -19.38
CA THR G 203 8.36 -9.61 -20.35
C THR G 203 7.24 -8.59 -20.14
N LYS G 204 6.37 -8.49 -21.13
CA LYS G 204 5.26 -7.52 -21.07
C LYS G 204 4.26 -7.84 -19.97
N GLU G 205 4.30 -9.04 -19.39
CA GLU G 205 3.33 -9.45 -18.39
C GLU G 205 3.87 -9.31 -16.96
N VAL G 206 5.18 -9.17 -16.79
CA VAL G 206 5.77 -8.95 -15.47
C VAL G 206 6.12 -7.49 -15.21
N TRP G 207 6.11 -6.64 -16.24
CA TRP G 207 6.38 -5.22 -16.04
C TRP G 207 5.41 -4.56 -15.06
N PRO G 208 4.10 -4.83 -15.08
CA PRO G 208 3.22 -4.24 -14.06
C PRO G 208 3.65 -4.54 -12.64
N PHE G 209 4.18 -5.75 -12.38
CA PHE G 209 4.71 -6.03 -11.06
C PHE G 209 5.92 -5.17 -10.73
N PHE G 210 6.76 -4.88 -11.73
CA PHE G 210 7.85 -3.93 -11.53
C PHE G 210 7.31 -2.56 -11.15
N VAL G 211 6.25 -2.11 -11.83
CA VAL G 211 5.66 -0.81 -11.53
C VAL G 211 5.11 -0.79 -10.09
N ILE G 212 4.41 -1.86 -9.71
CA ILE G 212 3.84 -1.92 -8.36
C ILE G 212 4.95 -1.92 -7.31
N GLY G 213 6.02 -2.68 -7.55
CA GLY G 213 7.12 -2.69 -6.61
C GLY G 213 7.78 -1.33 -6.47
N PHE G 214 8.01 -0.65 -7.60
CA PHE G 214 8.61 0.67 -7.57
C PHE G 214 7.73 1.66 -6.81
N VAL G 215 6.41 1.59 -7.02
CA VAL G 215 5.50 2.48 -6.30
C VAL G 215 5.50 2.16 -4.81
N VAL G 216 5.43 0.87 -4.46
CA VAL G 216 5.32 0.45 -3.06
C VAL G 216 6.58 0.79 -2.28
N ALA G 217 7.75 0.76 -2.95
CA ALA G 217 9.00 1.03 -2.25
C ALA G 217 9.06 2.42 -1.63
N ALA G 218 8.22 3.35 -2.09
CA ALA G 218 8.22 4.69 -1.53
C ALA G 218 7.61 4.76 -0.13
N ILE G 219 6.92 3.71 0.30
CA ILE G 219 6.32 3.67 1.64
C ILE G 219 7.41 3.22 2.62
N SER G 220 7.90 4.15 3.44
CA SER G 220 9.01 3.87 4.34
C SER G 220 8.64 2.93 5.48
N GLN G 221 7.36 2.80 5.82
CA GLN G 221 6.97 1.91 6.91
C GLN G 221 7.01 0.44 6.50
N LEU G 222 7.14 0.14 5.22
CA LEU G 222 7.26 -1.24 4.75
C LEU G 222 8.74 -1.60 4.65
N THR G 223 9.14 -2.67 5.33
CA THR G 223 10.52 -3.11 5.28
C THR G 223 10.79 -3.86 3.98
N LEU G 224 12.05 -4.26 3.80
CA LEU G 224 12.42 -5.01 2.60
C LEU G 224 11.87 -6.43 2.66
N ILE G 225 11.84 -7.03 3.86
CA ILE G 225 11.22 -8.33 4.02
C ILE G 225 9.71 -8.25 3.78
N ALA G 226 9.09 -7.17 4.23
CA ALA G 226 7.66 -6.98 3.96
C ALA G 226 7.39 -6.86 2.46
N ILE G 227 8.25 -6.14 1.75
CA ILE G 227 8.09 -6.00 0.31
C ILE G 227 8.28 -7.34 -0.39
N GLY G 228 9.27 -8.12 0.06
CA GLY G 228 9.45 -9.46 -0.48
C GLY G 228 8.25 -10.36 -0.24
N ALA G 229 7.69 -10.30 0.97
CA ALA G 229 6.51 -11.11 1.27
C ALA G 229 5.31 -10.67 0.42
N LEU G 230 5.14 -9.37 0.23
CA LEU G 230 4.08 -8.88 -0.66
C LEU G 230 4.29 -9.40 -2.08
N GLY G 231 5.53 -9.38 -2.56
CA GLY G 231 5.80 -9.90 -3.89
C GLY G 231 5.51 -11.39 -4.01
N VAL G 232 5.88 -12.16 -2.99
CA VAL G 232 5.59 -13.59 -2.99
C VAL G 232 4.08 -13.83 -3.02
N ALA G 233 3.33 -13.09 -2.19
CA ALA G 233 1.88 -13.25 -2.16
C ALA G 233 1.25 -12.89 -3.50
N LEU G 234 1.71 -11.79 -4.11
CA LEU G 234 1.19 -11.38 -5.40
C LEU G 234 1.50 -12.42 -6.47
N ALA G 235 2.72 -12.96 -6.47
CA ALA G 235 3.07 -14.00 -7.45
C ALA G 235 2.22 -15.24 -7.25
N LEU G 236 1.99 -15.64 -5.99
CA LEU G 236 1.15 -16.81 -5.72
C LEU G 236 -0.28 -16.60 -6.19
N ILE G 237 -0.85 -15.41 -5.93
CA ILE G 237 -2.20 -15.12 -6.40
C ILE G 237 -2.26 -15.13 -7.92
N TYR G 238 -1.25 -14.53 -8.56
CA TYR G 238 -1.23 -14.50 -10.03
C TYR G 238 -1.15 -15.91 -10.61
N LEU G 239 -0.30 -16.76 -10.03
CA LEU G 239 -0.19 -18.14 -10.50
C LEU G 239 -1.49 -18.90 -10.28
N ASN G 240 -2.12 -18.70 -9.13
CA ASN G 240 -3.39 -19.38 -8.86
C ASN G 240 -4.46 -18.96 -9.85
N LEU G 241 -4.54 -17.66 -10.15
CA LEU G 241 -5.53 -17.16 -11.09
C LEU G 241 -5.21 -17.53 -12.54
N SER G 242 -3.94 -17.76 -12.87
CA SER G 242 -3.57 -18.08 -14.24
C SER G 242 -4.08 -19.45 -14.67
N LYS G 243 -4.05 -20.44 -13.78
CA LYS G 243 -4.38 -21.82 -14.12
C LYS G 243 -5.80 -22.20 -13.67
N MET G 244 -6.65 -21.21 -13.45
CA MET G 244 -8.06 -21.47 -13.15
C MET G 244 -8.94 -21.43 -14.39
N GLY G 245 -8.52 -20.73 -15.43
CA GLY G 245 -9.25 -20.71 -16.68
C GLY G 245 -8.54 -21.48 -17.77
N GLY G 246 -7.22 -21.62 -17.65
CA GLY G 246 -6.46 -22.37 -18.63
C GLY G 246 -6.84 -23.84 -18.66
N GLY G 247 -7.04 -24.43 -17.49
CA GLY G 247 -7.41 -25.84 -17.40
C GLY G 247 -8.87 -26.05 -17.07
N LEU H 7 32.44 -44.42 -19.77
CA LEU H 7 33.49 -43.97 -18.85
C LEU H 7 33.25 -44.52 -17.44
N SER H 8 34.34 -44.87 -16.76
CA SER H 8 34.26 -45.45 -15.43
C SER H 8 34.11 -44.34 -14.38
N LYS H 9 34.00 -44.77 -13.12
CA LYS H 9 33.89 -43.81 -12.03
C LYS H 9 35.15 -42.97 -11.89
N ARG H 10 36.31 -43.50 -12.28
CA ARG H 10 37.54 -42.73 -12.21
C ARG H 10 37.48 -41.53 -13.15
N ASP H 11 36.93 -41.72 -14.36
CA ASP H 11 36.81 -40.60 -15.30
C ASP H 11 35.86 -39.54 -14.76
N ARG H 12 34.74 -39.96 -14.15
CA ARG H 12 33.83 -38.99 -13.55
C ARG H 12 34.45 -38.24 -12.38
N LEU H 13 35.22 -38.93 -11.54
CA LEU H 13 35.93 -38.27 -10.45
C LEU H 13 36.97 -37.28 -10.97
N ARG H 14 37.68 -37.65 -12.04
CA ARG H 14 38.63 -36.73 -12.65
C ARG H 14 37.92 -35.50 -13.20
N VAL H 15 36.77 -35.69 -13.85
CA VAL H 15 36.00 -34.58 -14.37
C VAL H 15 35.54 -33.67 -13.23
N ALA H 16 35.05 -34.27 -12.15
CA ALA H 16 34.58 -33.48 -11.00
C ALA H 16 35.72 -32.68 -10.38
N TRP H 17 36.90 -33.30 -10.22
CA TRP H 17 38.05 -32.59 -9.67
C TRP H 17 38.50 -31.47 -10.59
N ARG H 18 38.48 -31.72 -11.90
CA ARG H 18 38.87 -30.70 -12.86
C ARG H 18 37.84 -29.58 -12.96
N SER H 19 36.60 -29.82 -12.54
CA SER H 19 35.54 -28.83 -12.61
C SER H 19 35.66 -27.74 -11.54
N THR H 20 36.58 -27.86 -10.59
CA THR H 20 36.78 -26.79 -9.61
C THR H 20 37.51 -25.59 -10.21
N PHE H 21 38.06 -25.72 -11.40
CA PHE H 21 38.68 -24.60 -12.11
C PHE H 21 37.79 -24.07 -13.24
N ILE H 22 36.47 -24.24 -13.11
CA ILE H 22 35.54 -23.85 -14.16
C ILE H 22 35.47 -22.33 -14.35
N GLN H 23 35.94 -21.55 -13.37
CA GLN H 23 35.95 -20.10 -13.47
C GLN H 23 37.33 -19.54 -13.77
N GLY H 24 38.27 -20.38 -14.25
CA GLY H 24 39.64 -19.95 -14.39
C GLY H 24 39.84 -18.82 -15.40
N SER H 25 39.12 -18.87 -16.52
CA SER H 25 39.29 -17.83 -17.54
C SER H 25 38.33 -16.66 -17.30
N TRP H 26 37.02 -16.94 -17.31
CA TRP H 26 35.96 -15.96 -17.07
C TRP H 26 36.17 -14.70 -17.90
N ASN H 27 36.05 -14.87 -19.21
CA ASN H 27 35.99 -13.74 -20.11
C ASN H 27 34.60 -13.11 -20.08
N TYR H 28 34.51 -11.87 -20.56
CA TYR H 28 33.27 -11.12 -20.47
C TYR H 28 32.26 -11.51 -21.55
N GLU H 29 32.70 -12.13 -22.64
CA GLU H 29 31.80 -12.42 -23.74
C GLU H 29 31.11 -13.78 -23.56
N ARG H 30 31.88 -14.82 -23.30
CA ARG H 30 31.37 -16.15 -22.95
C ARG H 30 32.01 -16.51 -21.61
N MET H 31 31.25 -16.30 -20.54
CA MET H 31 31.82 -16.26 -19.19
C MET H 31 32.54 -17.55 -18.78
N GLN H 32 31.84 -18.66 -18.66
CA GLN H 32 32.45 -19.90 -18.19
C GLN H 32 32.64 -20.93 -19.31
N ASN H 33 32.73 -20.48 -20.56
CA ASN H 33 32.96 -21.42 -21.66
C ASN H 33 34.31 -22.12 -21.51
N GLY H 34 35.34 -21.38 -21.11
CA GLY H 34 36.67 -21.97 -21.00
C GLY H 34 36.76 -23.04 -19.92
N GLY H 35 36.21 -22.73 -18.74
CA GLY H 35 36.22 -23.72 -17.67
C GLY H 35 35.37 -24.93 -17.98
N TRP H 36 34.22 -24.71 -18.62
CA TRP H 36 33.36 -25.84 -19.00
C TRP H 36 34.07 -26.74 -20.01
N ALA H 37 34.74 -26.14 -21.00
CA ALA H 37 35.49 -26.93 -21.97
C ALA H 37 36.65 -27.65 -21.30
N PHE H 38 37.29 -27.00 -20.32
CA PHE H 38 38.39 -27.62 -19.59
C PHE H 38 37.91 -28.84 -18.81
N SER H 39 36.74 -28.73 -18.18
CA SER H 39 36.25 -29.83 -17.33
C SER H 39 35.89 -31.06 -18.15
N MET H 40 35.52 -30.88 -19.42
CA MET H 40 35.11 -32.01 -20.26
C MET H 40 36.27 -32.62 -21.04
N ILE H 41 37.49 -32.15 -20.87
CA ILE H 41 38.62 -32.67 -21.65
C ILE H 41 38.80 -34.17 -21.47
N PRO H 42 38.89 -34.72 -20.25
CA PRO H 42 39.03 -36.18 -20.12
C PRO H 42 37.86 -36.97 -20.67
N ALA H 43 36.62 -36.48 -20.53
CA ALA H 43 35.48 -37.16 -21.12
C ALA H 43 35.57 -37.19 -22.64
N ILE H 44 35.95 -36.06 -23.24
CA ILE H 44 36.09 -36.00 -24.70
C ILE H 44 37.19 -36.96 -25.15
N LYS H 45 38.32 -36.98 -24.43
CA LYS H 45 39.40 -37.91 -24.78
C LYS H 45 38.97 -39.35 -24.61
N LYS H 46 38.09 -39.63 -23.65
CA LYS H 46 37.65 -41.01 -23.41
C LYS H 46 36.66 -41.46 -24.49
N LEU H 47 35.80 -40.56 -24.96
CA LEU H 47 34.77 -40.95 -25.93
C LEU H 47 35.28 -40.83 -27.37
N TYR H 48 35.68 -39.63 -27.78
CA TYR H 48 36.12 -39.39 -29.16
C TYR H 48 37.64 -39.40 -29.20
N LYS H 49 38.19 -40.08 -30.22
CA LYS H 49 39.63 -40.34 -30.18
C LYS H 49 40.38 -40.16 -31.50
N THR H 50 39.72 -39.89 -32.62
CA THR H 50 40.47 -40.06 -33.86
C THR H 50 41.16 -38.78 -34.36
N LYS H 51 40.40 -37.85 -34.93
CA LYS H 51 40.99 -36.53 -35.19
C LYS H 51 39.96 -35.40 -35.14
N GLU H 52 38.68 -35.74 -35.29
CA GLU H 52 37.67 -34.75 -35.64
C GLU H 52 36.52 -34.65 -34.66
N ASP H 53 36.00 -35.77 -34.15
CA ASP H 53 34.92 -35.70 -33.18
C ASP H 53 35.36 -34.97 -31.92
N ARG H 54 36.65 -35.03 -31.59
CA ARG H 54 37.17 -34.25 -30.47
C ARG H 54 37.02 -32.76 -30.73
N SER H 55 37.31 -32.32 -31.96
CA SER H 55 37.17 -30.91 -32.31
C SER H 55 35.70 -30.49 -32.25
N SER H 56 34.81 -31.33 -32.75
CA SER H 56 33.38 -31.02 -32.70
C SER H 56 32.90 -30.92 -31.25
N ALA H 57 33.36 -31.83 -30.39
CA ALA H 57 33.03 -31.74 -28.97
C ALA H 57 33.58 -30.46 -28.36
N LEU H 58 34.78 -30.05 -28.77
CA LEU H 58 35.36 -28.81 -28.27
C LEU H 58 34.50 -27.61 -28.64
N LYS H 59 34.05 -27.55 -29.90
CA LYS H 59 33.15 -26.46 -30.30
C LYS H 59 31.83 -26.53 -29.54
N ARG H 60 31.32 -27.75 -29.29
CA ARG H 60 30.08 -27.89 -28.53
C ARG H 60 30.23 -27.34 -27.11
N HIS H 61 31.36 -27.61 -26.47
CA HIS H 61 31.57 -27.23 -25.08
C HIS H 61 32.29 -25.90 -24.93
N LEU H 62 32.57 -25.19 -26.01
CA LEU H 62 33.15 -23.86 -25.96
C LEU H 62 32.13 -22.76 -26.21
N GLU H 63 30.85 -23.11 -26.24
CA GLU H 63 29.80 -22.11 -26.39
C GLU H 63 29.53 -21.44 -25.04
N PHE H 64 28.67 -20.43 -25.07
CA PHE H 64 28.39 -19.64 -23.89
C PHE H 64 27.85 -20.52 -22.76
N PHE H 65 28.43 -20.34 -21.58
CA PHE H 65 27.99 -21.05 -20.39
C PHE H 65 28.22 -20.15 -19.18
N ASN H 66 27.21 -20.05 -18.31
CA ASN H 66 27.36 -19.31 -17.07
C ASN H 66 26.32 -19.77 -16.07
N THR H 67 26.78 -20.19 -14.90
CA THR H 67 25.91 -20.51 -13.77
C THR H 67 26.76 -20.43 -12.51
N HIS H 68 26.13 -20.72 -11.38
CA HIS H 68 26.87 -20.79 -10.13
C HIS H 68 27.88 -21.93 -10.23
N PRO H 69 29.14 -21.71 -9.86
CA PRO H 69 30.17 -22.73 -10.12
C PRO H 69 29.90 -24.08 -9.47
N TYR H 70 29.32 -24.10 -8.28
CA TYR H 70 29.05 -25.37 -7.61
C TYR H 70 27.83 -26.09 -8.17
N ILE H 71 26.85 -25.35 -8.68
CA ILE H 71 25.60 -25.94 -9.17
C ILE H 71 25.79 -26.41 -10.61
N ALA H 72 26.99 -26.22 -11.15
CA ALA H 72 27.29 -26.68 -12.50
C ALA H 72 27.63 -28.17 -12.55
N SER H 73 27.84 -28.81 -11.40
CA SER H 73 28.18 -30.23 -11.34
C SER H 73 27.06 -31.13 -11.88
N PRO H 74 25.80 -30.95 -11.48
CA PRO H 74 24.75 -31.82 -12.05
C PRO H 74 24.63 -31.69 -13.56
N ILE H 75 24.70 -30.45 -14.07
CA ILE H 75 24.66 -30.24 -15.52
C ILE H 75 25.76 -31.03 -16.19
N LEU H 76 26.99 -30.92 -15.67
CA LEU H 76 28.10 -31.73 -16.17
C LEU H 76 27.71 -33.20 -16.20
N GLY H 77 27.14 -33.71 -15.11
CA GLY H 77 26.71 -35.10 -15.11
C GLY H 77 25.75 -35.41 -16.23
N VAL H 78 24.76 -34.54 -16.45
CA VAL H 78 23.86 -34.72 -17.57
C VAL H 78 24.64 -34.66 -18.88
N THR H 79 25.55 -33.69 -18.99
CA THR H 79 26.39 -33.61 -20.18
C THR H 79 27.28 -34.83 -20.30
N LEU H 80 27.66 -35.43 -19.16
CA LEU H 80 28.38 -36.70 -19.22
C LEU H 80 27.51 -37.83 -19.72
N ALA H 81 26.22 -37.85 -19.34
CA ALA H 81 25.35 -38.94 -19.75
C ALA H 81 24.99 -38.82 -21.23
N LEU H 82 24.60 -37.62 -21.67
CA LEU H 82 24.18 -37.42 -23.04
C LEU H 82 25.31 -37.63 -24.04
N GLU H 83 26.52 -37.19 -23.69
CA GLU H 83 27.67 -37.37 -24.57
C GLU H 83 28.06 -38.84 -24.75
N GLU H 84 28.00 -39.63 -23.67
CA GLU H 84 28.44 -41.02 -23.75
C GLU H 84 27.61 -41.83 -24.74
N GLU H 85 26.34 -41.47 -24.92
CA GLU H 85 25.53 -42.14 -25.93
C GLU H 85 26.07 -41.86 -27.33
N ARG H 86 26.48 -40.61 -27.59
CA ARG H 86 26.94 -40.25 -28.92
C ARG H 86 28.15 -41.07 -29.35
N ALA H 87 29.03 -41.41 -28.41
CA ALA H 87 30.13 -42.30 -28.72
C ALA H 87 29.63 -43.67 -29.15
N ASN H 88 28.64 -44.21 -28.42
CA ASN H 88 28.04 -45.48 -28.81
C ASN H 88 27.11 -45.31 -30.00
N GLY H 89 26.31 -44.24 -29.98
CA GLY H 89 25.37 -43.96 -31.04
C GLY H 89 23.93 -43.99 -30.59
N ALA H 90 23.29 -42.81 -30.57
CA ALA H 90 21.89 -42.73 -30.14
C ALA H 90 21.08 -41.75 -30.99
N GLU H 91 21.66 -41.21 -32.07
CA GLU H 91 21.04 -40.26 -32.99
C GLU H 91 20.70 -38.93 -32.33
N VAL H 92 21.05 -38.71 -31.07
CA VAL H 92 20.84 -37.44 -30.40
C VAL H 92 22.17 -36.70 -30.45
N ASP H 93 22.36 -35.88 -31.48
CA ASP H 93 23.58 -35.12 -31.66
C ASP H 93 23.24 -33.64 -31.82
N ASP H 94 23.78 -32.81 -30.92
CA ASP H 94 23.55 -31.37 -30.90
C ASP H 94 22.07 -31.01 -30.79
N VAL H 95 21.23 -31.98 -30.43
CA VAL H 95 19.79 -31.73 -30.28
C VAL H 95 19.51 -31.33 -28.84
N ALA H 96 19.87 -32.19 -27.90
CA ALA H 96 19.59 -31.94 -26.49
C ALA H 96 20.83 -31.56 -25.69
N ILE H 97 22.03 -31.88 -26.17
CA ILE H 97 23.25 -31.55 -25.43
C ILE H 97 23.41 -30.04 -25.27
N GLN H 98 22.87 -29.26 -26.22
CA GLN H 98 22.89 -27.81 -26.11
C GLN H 98 21.69 -27.27 -25.35
N GLY H 99 20.54 -27.92 -25.44
CA GLY H 99 19.33 -27.46 -24.78
C GLY H 99 19.36 -27.57 -23.26
N VAL H 100 19.91 -28.65 -22.72
CA VAL H 100 19.91 -28.83 -21.28
C VAL H 100 20.79 -27.77 -20.61
N LYS H 101 21.92 -27.42 -21.24
CA LYS H 101 22.80 -26.42 -20.65
C LYS H 101 22.09 -25.08 -20.50
N VAL H 102 21.40 -24.63 -21.55
CA VAL H 102 20.69 -23.35 -21.47
C VAL H 102 19.49 -23.45 -20.54
N GLY H 103 18.79 -24.58 -20.56
CA GLY H 103 17.62 -24.73 -19.71
C GLY H 103 17.94 -24.94 -18.25
N MET H 104 19.19 -25.24 -17.91
CA MET H 104 19.59 -25.44 -16.52
C MET H 104 20.47 -24.33 -15.97
N MET H 105 21.22 -23.62 -16.82
CA MET H 105 22.18 -22.64 -16.33
C MET H 105 21.50 -21.48 -15.63
N GLY H 106 20.30 -21.10 -16.08
CA GLY H 106 19.59 -19.98 -15.51
C GLY H 106 18.90 -20.31 -14.20
N PRO H 107 17.91 -21.20 -14.24
CA PRO H 107 17.19 -21.55 -13.01
C PRO H 107 18.06 -22.12 -11.91
N LEU H 108 19.10 -22.89 -12.26
CA LEU H 108 19.97 -23.44 -11.23
C LEU H 108 20.89 -22.39 -10.64
N ALA H 109 21.36 -21.43 -11.44
CA ALA H 109 22.10 -20.31 -10.88
C ALA H 109 21.22 -19.48 -9.96
N GLY H 110 19.96 -19.26 -10.34
CA GLY H 110 19.04 -18.47 -9.54
C GLY H 110 18.75 -19.06 -8.17
N VAL H 111 19.06 -20.34 -7.96
CA VAL H 111 18.93 -20.95 -6.64
C VAL H 111 20.27 -21.21 -5.98
N GLY H 112 21.35 -21.44 -6.75
CA GLY H 112 22.66 -21.64 -6.16
C GLY H 112 23.33 -20.38 -5.68
N ASP H 113 23.05 -19.23 -6.33
CA ASP H 113 23.62 -17.98 -5.84
C ASP H 113 23.09 -17.61 -4.47
N PRO H 114 21.77 -17.61 -4.21
CA PRO H 114 21.31 -17.36 -2.83
C PRO H 114 21.76 -18.40 -1.82
N VAL H 115 21.90 -19.67 -2.23
CA VAL H 115 22.20 -20.73 -1.28
C VAL H 115 23.65 -20.64 -0.81
N PHE H 116 24.59 -20.52 -1.75
CA PHE H 116 26.00 -20.57 -1.38
C PHE H 116 26.59 -19.20 -1.08
N TRP H 117 26.30 -18.20 -1.92
CA TRP H 117 26.91 -16.90 -1.74
C TRP H 117 26.28 -16.10 -0.61
N PHE H 118 24.98 -16.27 -0.38
CA PHE H 118 24.25 -15.41 0.54
C PHE H 118 23.54 -16.14 1.67
N THR H 119 23.59 -17.48 1.70
CA THR H 119 22.98 -18.23 2.80
C THR H 119 24.02 -19.01 3.60
N ILE H 120 24.87 -19.80 2.94
CA ILE H 120 25.84 -20.61 3.67
C ILE H 120 27.08 -19.78 4.03
N ARG H 121 27.62 -19.05 3.05
CA ARG H 121 28.85 -18.30 3.26
C ARG H 121 28.71 -17.20 4.31
N PRO H 122 27.66 -16.38 4.31
CA PRO H 122 27.55 -15.35 5.38
C PRO H 122 27.50 -15.94 6.78
N MET H 123 26.74 -17.02 6.98
CA MET H 123 26.64 -17.60 8.32
C MET H 123 27.94 -18.27 8.72
N LEU H 124 28.58 -18.98 7.78
CA LEU H 124 29.86 -19.60 8.09
C LEU H 124 30.91 -18.55 8.41
N GLY H 125 30.93 -17.45 7.66
CA GLY H 125 31.87 -16.38 7.92
C GLY H 125 31.63 -15.70 9.25
N ALA H 126 30.36 -15.47 9.60
CA ALA H 126 30.03 -14.89 10.89
C ALA H 126 30.46 -15.82 12.02
N LEU H 127 30.21 -17.12 11.88
CA LEU H 127 30.60 -18.08 12.91
C LEU H 127 32.12 -18.11 13.06
N GLY H 128 32.85 -18.10 11.95
CA GLY H 128 34.31 -18.07 12.03
C GLY H 128 34.84 -16.79 12.63
N ALA H 129 34.24 -15.66 12.26
CA ALA H 129 34.71 -14.36 12.76
C ALA H 129 34.41 -14.22 14.25
N SER H 130 33.34 -14.85 14.74
CA SER H 130 33.04 -14.83 16.16
C SER H 130 34.23 -15.34 16.97
N LEU H 131 34.80 -16.47 16.55
CA LEU H 131 35.98 -17.00 17.22
C LEU H 131 37.24 -16.22 16.85
N ALA H 132 37.31 -15.72 15.62
CA ALA H 132 38.52 -15.04 15.17
C ALA H 132 38.73 -13.69 15.85
N LEU H 133 37.65 -13.03 16.27
CA LEU H 133 37.79 -11.75 16.95
C LEU H 133 38.38 -11.89 18.34
N SER H 134 38.43 -13.09 18.90
CA SER H 134 39.08 -13.36 20.17
C SER H 134 40.48 -13.93 19.99
N GLY H 135 40.95 -14.04 18.75
CA GLY H 135 42.27 -14.59 18.49
C GLY H 135 42.32 -16.09 18.37
N ASN H 136 41.17 -16.76 18.34
CA ASN H 136 41.11 -18.21 18.23
C ASN H 136 41.33 -18.64 16.78
N ILE H 137 42.33 -19.50 16.57
CA ILE H 137 42.59 -20.04 15.24
C ILE H 137 41.46 -20.97 14.78
N LEU H 138 40.62 -21.42 15.71
CA LEU H 138 39.54 -22.36 15.37
C LEU H 138 38.52 -21.74 14.41
N GLY H 139 38.40 -20.42 14.38
CA GLY H 139 37.45 -19.76 13.52
C GLY H 139 37.71 -19.99 12.04
N PRO H 140 38.86 -19.50 11.55
CA PRO H 140 39.20 -19.72 10.13
C PRO H 140 39.28 -21.18 9.74
N ILE H 141 39.80 -22.03 10.64
CA ILE H 141 39.90 -23.46 10.33
C ILE H 141 38.51 -24.06 10.17
N LEU H 142 37.60 -23.73 11.08
CA LEU H 142 36.23 -24.22 11.00
C LEU H 142 35.57 -23.73 9.72
N PHE H 143 35.74 -22.45 9.40
CA PHE H 143 35.14 -21.92 8.18
C PHE H 143 35.66 -22.66 6.95
N PHE H 144 36.98 -22.82 6.86
CA PHE H 144 37.59 -23.47 5.71
C PHE H 144 37.10 -24.91 5.56
N VAL H 145 37.12 -25.67 6.65
CA VAL H 145 36.74 -27.09 6.58
C VAL H 145 35.25 -27.23 6.27
N ALA H 146 34.40 -26.49 6.99
CA ALA H 146 32.97 -26.58 6.76
C ALA H 146 32.58 -26.16 5.35
N TRP H 147 33.24 -25.15 4.79
CA TRP H 147 32.93 -24.74 3.43
C TRP H 147 33.41 -25.77 2.42
N ASN H 148 34.64 -26.27 2.59
CA ASN H 148 35.23 -27.12 1.57
C ASN H 148 34.61 -28.51 1.54
N VAL H 149 34.34 -29.10 2.71
CA VAL H 149 33.73 -30.42 2.75
C VAL H 149 32.35 -30.38 2.10
N ILE H 150 31.55 -29.37 2.47
CA ILE H 150 30.21 -29.22 1.90
C ILE H 150 30.30 -28.99 0.39
N ARG H 151 31.23 -28.14 -0.04
CA ARG H 151 31.36 -27.84 -1.47
C ARG H 151 31.72 -29.08 -2.28
N TRP H 152 32.75 -29.82 -1.84
CA TRP H 152 33.15 -31.02 -2.57
C TRP H 152 32.07 -32.09 -2.54
N GLY H 153 31.45 -32.31 -1.38
CA GLY H 153 30.38 -33.30 -1.31
C GLY H 153 29.21 -32.94 -2.20
N PHE H 154 28.80 -31.67 -2.20
CA PHE H 154 27.72 -31.24 -3.09
C PHE H 154 28.08 -31.49 -4.55
N MET H 155 29.27 -31.05 -4.97
CA MET H 155 29.65 -31.25 -6.37
C MET H 155 29.65 -32.71 -6.75
N TRP H 156 30.29 -33.56 -5.94
CA TRP H 156 30.39 -34.98 -6.30
C TRP H 156 29.01 -35.64 -6.32
N TYR H 157 28.19 -35.40 -5.28
CA TYR H 157 26.89 -36.05 -5.20
C TYR H 157 25.98 -35.60 -6.34
N THR H 158 25.94 -34.29 -6.62
CA THR H 158 25.09 -33.82 -7.70
C THR H 158 25.59 -34.24 -9.07
N GLN H 159 26.90 -34.32 -9.27
CA GLN H 159 27.42 -34.81 -10.54
C GLN H 159 27.05 -36.28 -10.74
N GLU H 160 27.19 -37.09 -9.70
CA GLU H 160 26.81 -38.50 -9.80
C GLU H 160 25.31 -38.65 -10.06
N PHE H 161 24.49 -37.86 -9.36
CA PHE H 161 23.05 -37.92 -9.58
C PHE H 161 22.68 -37.50 -11.00
N GLY H 162 23.31 -36.44 -11.51
CA GLY H 162 23.02 -36.01 -12.87
C GLY H 162 23.47 -37.02 -13.91
N TYR H 163 24.60 -37.67 -13.68
CA TYR H 163 25.07 -38.69 -14.62
C TYR H 163 24.14 -39.91 -14.60
N LYS H 164 23.79 -40.40 -13.41
CA LYS H 164 22.95 -41.59 -13.34
C LYS H 164 21.54 -41.30 -13.83
N ALA H 165 21.02 -40.12 -13.52
CA ALA H 165 19.71 -39.70 -14.04
C ALA H 165 19.86 -38.85 -15.30
N GLY H 166 20.61 -39.35 -16.27
CA GLY H 166 20.86 -38.59 -17.48
C GLY H 166 19.61 -38.40 -18.32
N SER H 167 18.84 -39.46 -18.52
CA SER H 167 17.64 -39.39 -19.35
C SER H 167 16.40 -38.97 -18.57
N LYS H 168 16.31 -39.36 -17.29
CA LYS H 168 15.12 -39.08 -16.51
C LYS H 168 14.90 -37.58 -16.28
N ILE H 169 15.93 -36.77 -16.43
CA ILE H 169 15.83 -35.35 -16.12
C ILE H 169 15.96 -34.44 -17.34
N THR H 170 16.49 -34.92 -18.47
CA THR H 170 16.61 -34.06 -19.64
C THR H 170 15.25 -33.76 -20.27
N ASP H 171 14.31 -34.71 -20.18
CA ASP H 171 12.97 -34.53 -20.73
C ASP H 171 11.99 -33.99 -19.71
N ASP H 172 12.24 -34.18 -18.40
CA ASP H 172 11.38 -33.61 -17.38
C ASP H 172 11.53 -32.10 -17.25
N LEU H 173 12.53 -31.50 -17.90
CA LEU H 173 12.67 -30.05 -17.87
C LEU H 173 11.46 -29.36 -18.50
N SER H 174 10.90 -29.95 -19.55
CA SER H 174 9.69 -29.44 -20.18
C SER H 174 8.49 -29.92 -19.36
N GLY H 175 8.26 -29.23 -18.25
CA GLY H 175 7.19 -29.60 -17.34
C GLY H 175 6.58 -28.39 -16.67
N GLY H 176 5.40 -28.61 -16.10
CA GLY H 176 4.67 -27.52 -15.45
C GLY H 176 5.34 -26.97 -14.21
N LEU H 177 6.00 -27.82 -13.43
CA LEU H 177 6.62 -27.35 -12.18
C LEU H 177 7.75 -26.37 -12.45
N LEU H 178 8.62 -26.68 -13.40
CA LEU H 178 9.72 -25.77 -13.73
C LEU H 178 9.20 -24.46 -14.30
N GLN H 179 8.17 -24.53 -15.16
CA GLN H 179 7.59 -23.32 -15.72
C GLN H 179 6.97 -22.45 -14.64
N ASP H 180 6.23 -23.06 -13.70
CA ASP H 180 5.63 -22.30 -12.61
C ASP H 180 6.69 -21.67 -11.73
N ILE H 181 7.76 -22.41 -11.43
CA ILE H 181 8.84 -21.87 -10.61
C ILE H 181 9.49 -20.69 -11.31
N THR H 182 9.75 -20.82 -12.61
CA THR H 182 10.37 -19.74 -13.37
C THR H 182 9.48 -18.51 -13.41
N LYS H 183 8.17 -18.70 -13.61
CA LYS H 183 7.25 -17.57 -13.70
C LYS H 183 7.15 -16.85 -12.36
N GLY H 184 6.98 -17.60 -11.28
CA GLY H 184 6.91 -16.98 -9.96
C GLY H 184 8.20 -16.28 -9.58
N ALA H 185 9.34 -16.90 -9.91
CA ALA H 185 10.62 -16.26 -9.65
C ALA H 185 10.77 -14.97 -10.44
N SER H 186 10.31 -14.97 -11.70
CA SER H 186 10.37 -13.75 -12.51
C SER H 186 9.52 -12.64 -11.89
N ILE H 187 8.31 -12.96 -11.45
CA ILE H 187 7.44 -11.95 -10.86
C ILE H 187 8.05 -11.39 -9.57
N LEU H 188 8.48 -12.30 -8.69
CA LEU H 188 9.08 -11.87 -7.42
C LEU H 188 10.34 -11.04 -7.66
N GLY H 189 11.16 -11.47 -8.61
CA GLY H 189 12.37 -10.73 -8.91
C GLY H 189 12.08 -9.35 -9.46
N MET H 190 11.10 -9.24 -10.36
CA MET H 190 10.75 -7.93 -10.89
C MET H 190 10.29 -7.00 -9.77
N PHE H 191 9.42 -7.50 -8.89
CA PHE H 191 8.91 -6.70 -7.78
C PHE H 191 10.05 -6.23 -6.87
N VAL H 192 10.88 -7.18 -6.41
CA VAL H 192 11.91 -6.85 -5.42
C VAL H 192 13.01 -6.01 -6.06
N LEU H 193 13.36 -6.26 -7.32
CA LEU H 193 14.35 -5.44 -7.99
C LEU H 193 13.85 -4.03 -8.23
N ALA H 194 12.56 -3.85 -8.51
CA ALA H 194 12.01 -2.50 -8.57
C ALA H 194 12.14 -1.80 -7.23
N ALA H 195 11.82 -2.50 -6.14
CA ALA H 195 11.98 -1.91 -4.82
C ALA H 195 13.44 -1.56 -4.53
N LEU H 196 14.36 -2.43 -4.92
CA LEU H 196 15.79 -2.18 -4.71
C LEU H 196 16.32 -1.04 -5.57
N VAL H 197 15.82 -0.91 -6.80
CA VAL H 197 16.18 0.23 -7.62
C VAL H 197 15.71 1.52 -6.95
N GLN H 198 14.49 1.50 -6.39
CA GLN H 198 13.98 2.70 -5.73
C GLN H 198 14.76 3.04 -4.46
N ARG H 199 15.17 2.03 -3.69
CA ARG H 199 15.68 2.30 -2.35
C ARG H 199 17.20 2.30 -2.25
N TRP H 200 17.91 1.57 -3.11
CA TRP H 200 19.35 1.39 -2.97
C TRP H 200 20.18 2.15 -4.00
N VAL H 201 19.57 2.62 -5.08
CA VAL H 201 20.26 3.44 -6.08
C VAL H 201 20.17 4.88 -5.61
N ASN H 202 21.26 5.42 -5.07
CA ASN H 202 21.27 6.72 -4.43
C ASN H 202 21.73 7.77 -5.43
N ILE H 203 20.82 8.63 -5.85
CA ILE H 203 21.11 9.77 -6.71
C ILE H 203 20.46 10.98 -6.06
N GLN H 204 21.27 11.81 -5.41
CA GLN H 204 20.79 13.02 -4.73
C GLN H 204 21.37 14.24 -5.41
N PHE H 205 20.50 15.10 -5.93
CA PHE H 205 20.90 16.33 -6.55
C PHE H 205 20.98 17.45 -5.52
N ALA H 206 21.95 18.33 -5.68
CA ALA H 206 22.03 19.48 -4.78
C ALA H 206 22.13 20.83 -5.49
N PRO H 207 21.31 21.12 -6.52
CA PRO H 207 21.16 22.52 -6.93
C PRO H 207 19.95 23.16 -6.27
N ILE H 208 20.06 24.42 -5.85
CA ILE H 208 18.94 25.14 -5.26
C ILE H 208 18.16 25.81 -6.39
N ILE H 209 16.87 25.55 -6.45
CA ILE H 209 16.03 26.02 -7.54
C ILE H 209 15.35 27.34 -7.19
N SER H 210 14.62 27.37 -6.07
CA SER H 210 13.90 28.58 -5.67
C SER H 210 14.18 28.85 -4.20
N LYS H 211 14.19 30.14 -3.85
CA LYS H 211 14.41 30.61 -2.49
C LYS H 211 13.41 31.70 -2.14
N VAL H 212 12.14 31.47 -2.49
CA VAL H 212 11.09 32.44 -2.22
C VAL H 212 10.88 32.55 -0.71
N LYS H 213 10.79 33.78 -0.21
CA LYS H 213 10.58 33.99 1.21
C LYS H 213 9.11 33.75 1.57
N LEU H 214 8.89 33.36 2.82
CA LEU H 214 7.55 33.08 3.29
C LEU H 214 6.86 34.35 3.78
N ASP H 215 5.54 34.36 3.72
CA ASP H 215 4.76 35.46 4.26
C ASP H 215 4.88 35.50 5.78
N GLU H 216 4.60 36.66 6.35
CA GLU H 216 4.73 36.82 7.80
C GLU H 216 3.51 36.27 8.52
N GLY H 217 3.10 35.06 8.16
CA GLY H 217 2.06 34.35 8.88
C GLY H 217 2.31 32.86 8.87
N ALA H 218 3.48 32.45 8.40
CA ALA H 218 3.79 31.04 8.20
C ALA H 218 5.06 30.58 8.90
N TYR H 219 5.95 31.47 9.29
CA TYR H 219 7.15 31.09 10.02
C TYR H 219 7.04 31.48 11.49
N ILE H 220 7.85 30.83 12.31
CA ILE H 220 7.74 30.97 13.76
C ILE H 220 8.16 32.36 14.23
N ASP H 221 9.05 33.04 13.52
CA ASP H 221 9.44 34.42 13.82
C ASP H 221 10.05 34.51 15.22
N TRP H 222 11.24 33.90 15.35
CA TRP H 222 11.91 33.82 16.63
C TRP H 222 12.50 35.16 17.04
N SER H 223 11.68 36.20 17.07
CA SER H 223 12.10 37.49 17.59
C SER H 223 11.05 38.15 18.47
N HIS H 224 9.86 37.57 18.62
CA HIS H 224 8.82 38.09 19.49
C HIS H 224 8.14 36.97 20.25
N LEU H 225 8.93 36.02 20.76
CA LEU H 225 8.42 34.80 21.36
C LEU H 225 8.48 34.89 22.87
N PRO H 226 7.62 34.15 23.60
CA PRO H 226 7.74 34.10 25.06
C PRO H 226 9.14 33.73 25.52
N GLN H 227 9.53 34.22 26.70
CA GLN H 227 10.89 34.05 27.20
C GLN H 227 10.87 33.23 28.48
N GLY H 228 11.32 31.98 28.40
CA GLY H 228 11.48 31.14 29.56
C GLY H 228 10.37 30.12 29.76
N ALA H 229 10.64 28.88 29.35
CA ALA H 229 9.77 27.73 29.63
C ALA H 229 8.44 27.82 28.89
N GLN H 230 8.21 28.92 28.16
CA GLN H 230 6.98 29.05 27.38
C GLN H 230 7.27 29.22 25.90
N GLY H 231 8.43 29.78 25.57
CA GLY H 231 8.84 29.90 24.19
C GLY H 231 8.99 28.54 23.53
N ILE H 232 9.57 27.58 24.27
CA ILE H 232 9.72 26.23 23.76
C ILE H 232 8.36 25.62 23.46
N LYS H 233 7.42 25.78 24.40
CA LYS H 233 6.09 25.21 24.24
C LYS H 233 5.37 25.81 23.05
N THR H 234 5.43 27.14 22.90
CA THR H 234 4.73 27.79 21.80
C THR H 234 5.41 27.47 20.47
N ALA H 235 6.72 27.30 20.47
CA ALA H 235 7.42 26.91 19.24
C ALA H 235 7.02 25.50 18.82
N LEU H 236 6.93 24.59 19.78
CA LEU H 236 6.49 23.23 19.46
C LEU H 236 5.04 23.22 18.97
N GLN H 237 4.18 24.04 19.58
CA GLN H 237 2.80 24.11 19.13
C GLN H 237 2.69 24.68 17.73
N GLN H 238 3.51 25.70 17.42
CA GLN H 238 3.50 26.27 16.07
C GLN H 238 4.05 25.28 15.04
N GLN H 239 5.09 24.53 15.40
CA GLN H 239 5.59 23.49 14.51
C GLN H 239 4.55 22.41 14.28
N GLN H 240 3.80 22.05 15.31
CA GLN H 240 2.70 21.10 15.14
C GLN H 240 1.60 21.69 14.25
N ALA H 241 1.40 23.00 14.31
CA ALA H 241 0.41 23.65 13.45
C ALA H 241 0.87 23.74 12.00
N GLY H 242 2.11 23.41 11.70
CA GLY H 242 2.63 23.45 10.35
C GLY H 242 3.47 24.66 10.01
N LEU H 243 3.74 25.54 10.98
CA LEU H 243 4.59 26.69 10.71
C LEU H 243 6.03 26.25 10.47
N ALA H 244 6.75 27.04 9.67
CA ALA H 244 8.11 26.72 9.27
C ALA H 244 9.11 27.30 10.25
N LEU H 245 10.26 26.63 10.36
CA LEU H 245 11.32 27.07 11.27
C LEU H 245 11.99 28.34 10.75
N SER H 246 12.30 28.38 9.47
CA SER H 246 12.99 29.50 8.85
C SER H 246 11.99 30.36 8.07
N GLU H 247 12.31 31.65 7.97
CA GLU H 247 11.46 32.59 7.26
C GLU H 247 11.57 32.50 5.75
N ILE H 248 12.59 31.83 5.23
CA ILE H 248 12.77 31.64 3.80
C ILE H 248 12.60 30.16 3.48
N LYS H 249 11.88 29.88 2.41
CA LYS H 249 11.62 28.51 1.96
C LYS H 249 12.58 28.18 0.81
N VAL H 250 13.40 27.16 1.01
CA VAL H 250 14.37 26.72 0.00
C VAL H 250 13.86 25.43 -0.63
N THR H 251 13.70 25.46 -1.95
CA THR H 251 13.28 24.29 -2.72
C THR H 251 14.41 23.88 -3.66
N THR H 252 14.82 22.63 -3.57
CA THR H 252 15.92 22.11 -4.37
C THR H 252 15.39 21.31 -5.56
N LEU H 253 16.31 20.95 -6.46
CA LEU H 253 15.95 20.12 -7.60
C LEU H 253 15.45 18.75 -7.14
N GLN H 254 16.07 18.21 -6.08
CA GLN H 254 15.61 16.94 -5.53
C GLN H 254 14.17 17.03 -5.02
N ASN H 255 13.81 18.16 -4.41
CA ASN H 255 12.44 18.34 -3.95
C ASN H 255 11.45 18.33 -5.11
N ASN H 256 11.78 19.03 -6.19
CA ASN H 256 10.91 19.04 -7.36
C ASN H 256 10.83 17.68 -8.02
N LEU H 257 11.93 16.93 -8.03
CA LEU H 257 11.90 15.58 -8.59
C LEU H 257 11.05 14.65 -7.74
N ASP H 258 11.15 14.77 -6.41
CA ASP H 258 10.34 13.96 -5.51
C ASP H 258 8.87 14.36 -5.53
N ASN H 259 8.57 15.61 -5.90
CA ASN H 259 7.18 16.03 -6.04
C ASN H 259 6.46 15.24 -7.12
N LEU H 260 7.18 14.81 -8.15
CA LEU H 260 6.57 13.95 -9.17
C LEU H 260 6.46 12.51 -8.66
N ILE H 261 7.60 11.88 -8.39
CA ILE H 261 7.65 10.55 -7.79
C ILE H 261 9.05 10.31 -7.23
N PRO H 262 9.16 9.75 -6.03
CA PRO H 262 10.49 9.42 -5.50
C PRO H 262 11.19 8.37 -6.36
N GLY H 263 12.51 8.53 -6.48
CA GLY H 263 13.32 7.56 -7.19
C GLY H 263 13.24 7.63 -8.70
N LEU H 264 12.78 8.75 -9.26
CA LEU H 264 12.68 8.86 -10.71
C LEU H 264 14.05 8.83 -11.37
N ALA H 265 15.04 9.52 -10.78
CA ALA H 265 16.38 9.51 -11.33
C ALA H 265 16.98 8.11 -11.31
N ALA H 266 16.75 7.36 -10.23
CA ALA H 266 17.28 6.01 -10.13
C ALA H 266 16.74 5.11 -11.24
N VAL H 267 15.42 5.14 -11.44
CA VAL H 267 14.82 4.28 -12.47
C VAL H 267 15.22 4.75 -13.87
N ALA H 268 15.36 6.06 -14.07
CA ALA H 268 15.81 6.56 -15.37
C ALA H 268 17.24 6.10 -15.66
N LEU H 269 18.12 6.15 -14.66
CA LEU H 269 19.48 5.66 -14.84
C LEU H 269 19.48 4.16 -15.10
N THR H 270 18.62 3.41 -14.41
CA THR H 270 18.54 1.98 -14.66
C THR H 270 18.10 1.67 -16.08
N PHE H 271 17.11 2.40 -16.59
CA PHE H 271 16.66 2.20 -17.96
C PHE H 271 17.75 2.59 -18.96
N LEU H 272 18.48 3.66 -18.68
CA LEU H 272 19.60 4.05 -19.55
C LEU H 272 20.67 2.98 -19.57
N CYS H 273 20.97 2.38 -18.41
CA CYS H 273 21.94 1.29 -18.36
C CYS H 273 21.43 0.07 -19.13
N MET H 274 20.13 -0.22 -19.02
CA MET H 274 19.56 -1.31 -19.80
C MET H 274 19.73 -1.07 -21.29
N TRP H 275 19.45 0.15 -21.74
CA TRP H 275 19.60 0.48 -23.16
C TRP H 275 21.06 0.36 -23.60
N LEU H 276 21.99 0.86 -22.78
CA LEU H 276 23.41 0.77 -23.12
C LEU H 276 23.87 -0.68 -23.20
N LEU H 277 23.42 -1.52 -22.26
CA LEU H 277 23.77 -2.93 -22.32
C LEU H 277 23.16 -3.60 -23.56
N LYS H 278 21.94 -3.24 -23.91
CA LYS H 278 21.33 -3.74 -25.14
C LYS H 278 22.08 -3.28 -26.38
N LYS H 279 22.78 -2.16 -26.31
CA LYS H 279 23.64 -1.71 -27.39
C LYS H 279 24.96 -2.46 -27.46
N LYS H 280 25.08 -3.59 -26.75
CA LYS H 280 26.28 -4.43 -26.76
C LYS H 280 27.51 -3.68 -26.23
N ILE H 281 27.30 -2.88 -25.19
CA ILE H 281 28.40 -2.20 -24.52
C ILE H 281 28.73 -2.97 -23.24
N SER H 282 30.02 -3.23 -23.02
CA SER H 282 30.43 -4.03 -21.88
C SER H 282 30.13 -3.30 -20.57
N PRO H 283 29.76 -4.05 -19.52
CA PRO H 283 29.44 -3.43 -18.23
C PRO H 283 30.60 -2.66 -17.61
N ILE H 284 31.84 -3.05 -17.89
CA ILE H 284 32.98 -2.33 -17.32
C ILE H 284 33.01 -0.90 -17.82
N ILE H 285 32.76 -0.69 -19.11
CA ILE H 285 32.73 0.66 -19.66
C ILE H 285 31.62 1.48 -19.01
N ILE H 286 30.46 0.86 -18.77
CA ILE H 286 29.34 1.59 -18.17
C ILE H 286 29.67 1.96 -16.73
N ILE H 287 30.32 1.06 -15.98
CA ILE H 287 30.68 1.35 -14.59
C ILE H 287 31.70 2.49 -14.54
N LEU H 288 32.72 2.41 -15.40
CA LEU H 288 33.71 3.48 -15.46
C LEU H 288 33.11 4.81 -15.93
N GLY H 289 32.11 4.77 -16.80
CA GLY H 289 31.39 5.97 -17.18
C GLY H 289 30.53 6.54 -16.07
N LEU H 290 29.91 5.69 -15.25
CA LEU H 290 29.16 6.18 -14.11
C LEU H 290 30.06 6.80 -13.05
N PHE H 291 31.24 6.23 -12.83
CA PHE H 291 32.18 6.87 -11.91
C PHE H 291 32.58 8.27 -12.41
N VAL H 292 32.86 8.39 -13.71
CA VAL H 292 33.22 9.68 -14.28
C VAL H 292 32.04 10.65 -14.22
N VAL H 293 30.83 10.13 -14.45
CA VAL H 293 29.63 10.97 -14.36
C VAL H 293 29.44 11.50 -12.95
N GLY H 294 29.63 10.66 -11.94
CA GLY H 294 29.55 11.13 -10.56
C GLY H 294 30.60 12.17 -10.25
N ILE H 295 31.83 11.95 -10.71
CA ILE H 295 32.90 12.92 -10.49
C ILE H 295 32.56 14.25 -11.12
N VAL H 296 32.08 14.22 -12.37
CA VAL H 296 31.74 15.45 -13.08
C VAL H 296 30.58 16.16 -12.40
N GLY H 297 29.55 15.41 -12.00
CA GLY H 297 28.42 16.01 -11.32
C GLY H 297 28.78 16.64 -10.01
N HIS H 298 29.71 16.03 -9.27
CA HIS H 298 30.20 16.69 -8.07
C HIS H 298 31.05 17.91 -8.40
N LEU H 299 31.77 17.89 -9.52
CA LEU H 299 32.59 19.04 -9.91
C LEU H 299 31.73 20.24 -10.29
N ILE H 300 30.60 20.01 -10.96
CA ILE H 300 29.75 21.09 -11.44
C ILE H 300 28.61 21.39 -10.48
N GLY H 301 28.60 20.75 -9.31
CA GLY H 301 27.59 21.00 -8.30
C GLY H 301 26.25 20.32 -8.55
N LEU H 302 26.09 19.60 -9.66
CA LEU H 302 24.83 18.92 -9.92
C LEU H 302 24.57 17.81 -8.91
N LEU H 303 25.60 17.07 -8.56
CA LEU H 303 25.47 15.96 -7.61
C LEU H 303 26.32 16.20 -6.37
N PRO I 1 35.78 13.75 13.71
CA PRO I 1 35.14 12.44 13.58
C PRO I 1 36.12 11.28 13.73
N HIS I 2 35.81 10.33 14.61
CA HIS I 2 36.66 9.18 14.85
C HIS I 2 35.92 7.85 14.89
N MET I 3 34.58 7.86 14.85
CA MET I 3 33.80 6.63 14.88
C MET I 3 33.19 6.40 13.51
N LYS I 4 33.94 5.67 12.67
CA LYS I 4 33.47 5.33 11.34
C LYS I 4 32.50 4.14 11.41
N TYR I 5 31.83 3.89 10.28
CA TYR I 5 30.96 2.75 10.11
C TYR I 5 31.31 2.07 8.80
N TYR I 6 31.45 0.74 8.84
CA TYR I 6 31.88 -0.03 7.68
C TYR I 6 30.83 -1.01 7.19
N GLY I 7 29.63 -0.98 7.74
CA GLY I 7 28.58 -1.90 7.35
C GLY I 7 28.63 -3.20 8.14
N ASN I 8 27.51 -3.90 8.13
CA ASN I 8 27.34 -5.15 8.87
C ASN I 8 27.64 -4.98 10.36
N GLY I 9 27.41 -3.80 10.90
CA GLY I 9 27.65 -3.55 12.30
C GLY I 9 29.11 -3.56 12.73
N VAL I 10 30.00 -3.00 11.89
CA VAL I 10 31.41 -2.88 12.23
C VAL I 10 31.73 -1.40 12.37
N THR I 11 32.32 -1.03 13.51
CA THR I 11 32.62 0.36 13.82
C THR I 11 34.09 0.70 13.53
N CYS I 12 35.02 -0.03 14.15
CA CYS I 12 36.46 0.18 13.97
C CYS I 12 36.85 1.61 14.33
N GLY I 13 36.66 1.92 15.62
CA GLY I 13 37.01 3.23 16.14
C GLY I 13 38.50 3.51 16.07
N LYS I 14 38.88 4.65 16.64
CA LYS I 14 40.25 5.15 16.56
C LYS I 14 41.24 4.23 17.27
N HIS I 15 40.77 3.38 18.18
CA HIS I 15 41.65 2.50 18.93
C HIS I 15 41.31 1.02 18.83
N SER I 16 40.06 0.66 18.54
CA SER I 16 39.68 -0.74 18.48
C SER I 16 38.47 -0.89 17.56
N CYS I 17 38.20 -2.13 17.17
CA CYS I 17 37.06 -2.46 16.34
C CYS I 17 36.08 -3.31 17.14
N SER I 18 34.80 -2.94 17.08
CA SER I 18 33.76 -3.66 17.79
C SER I 18 32.62 -3.97 16.83
N VAL I 19 31.95 -5.10 17.09
CA VAL I 19 30.84 -5.55 16.26
C VAL I 19 29.61 -5.68 17.15
N ASP I 20 28.54 -4.98 16.79
CA ASP I 20 27.24 -5.17 17.43
C ASP I 20 26.45 -6.24 16.67
N TRP I 21 26.21 -7.37 17.32
CA TRP I 21 25.75 -8.55 16.61
C TRP I 21 24.28 -8.47 16.21
N GLY I 22 23.49 -7.62 16.87
CA GLY I 22 22.11 -7.43 16.44
C GLY I 22 22.02 -6.84 15.04
N LYS I 23 22.79 -5.77 14.80
CA LYS I 23 22.80 -5.15 13.48
C LYS I 23 23.42 -6.07 12.44
N ALA I 24 24.45 -6.83 12.82
CA ALA I 24 25.05 -7.77 11.89
C ALA I 24 24.07 -8.87 11.50
N THR I 25 23.33 -9.40 12.47
CA THR I 25 22.33 -10.43 12.17
C THR I 25 21.20 -9.85 11.32
N THR I 26 20.78 -8.62 11.61
CA THR I 26 19.75 -7.99 10.78
C THR I 26 20.22 -7.82 9.35
N CYS I 27 21.47 -7.37 9.16
CA CYS I 27 22.02 -7.22 7.82
C CYS I 27 22.09 -8.57 7.10
N ILE I 28 22.54 -9.61 7.81
CA ILE I 28 22.65 -10.93 7.19
C ILE I 28 21.27 -11.43 6.76
N ILE I 29 20.28 -11.31 7.63
CA ILE I 29 18.94 -11.80 7.31
C ILE I 29 18.33 -11.01 6.15
N ASN I 30 18.48 -9.69 6.17
CA ASN I 30 17.93 -8.88 5.09
C ASN I 30 18.61 -9.18 3.75
N ASN I 31 19.94 -9.31 3.76
CA ASN I 31 20.64 -9.64 2.53
C ASN I 31 20.25 -11.02 2.01
N GLY I 32 20.10 -11.98 2.91
CA GLY I 32 19.65 -13.31 2.49
C GLY I 32 18.26 -13.30 1.90
N ALA I 33 17.34 -12.55 2.53
CA ALA I 33 15.98 -12.45 2.01
C ALA I 33 15.97 -11.79 0.63
N MET I 34 16.75 -10.72 0.47
CA MET I 34 16.82 -10.07 -0.84
C MET I 34 17.44 -10.99 -1.89
N ALA I 35 18.47 -11.76 -1.52
CA ALA I 35 19.07 -12.69 -2.47
C ALA I 35 18.09 -13.80 -2.87
N TRP I 36 17.32 -14.32 -1.91
CA TRP I 36 16.35 -15.35 -2.23
C TRP I 36 15.18 -14.81 -3.05
N ALA I 37 14.82 -13.54 -2.83
CA ALA I 37 13.74 -12.94 -3.61
C ALA I 37 14.19 -12.54 -5.02
N THR I 38 15.45 -12.19 -5.20
CA THR I 38 15.97 -11.76 -6.50
C THR I 38 16.89 -12.79 -7.14
N GLY I 39 16.97 -14.00 -6.60
CA GLY I 39 17.90 -14.98 -7.12
C GLY I 39 19.35 -14.62 -6.92
N GLY I 40 19.67 -13.91 -5.84
CA GLY I 40 21.04 -13.49 -5.59
C GLY I 40 21.50 -12.34 -6.46
N HIS I 41 20.59 -11.43 -6.81
CA HIS I 41 20.91 -10.31 -7.70
C HIS I 41 20.71 -8.96 -7.02
N GLN I 42 20.61 -8.94 -5.68
CA GLN I 42 20.30 -7.70 -4.97
C GLN I 42 21.44 -6.69 -5.00
N GLY I 43 22.66 -7.13 -5.33
CA GLY I 43 23.81 -6.24 -5.34
C GLY I 43 24.40 -6.04 -3.96
N ASN I 44 25.50 -5.30 -3.92
CA ASN I 44 26.21 -5.00 -2.68
C ASN I 44 25.71 -3.67 -2.13
N HIS I 45 25.09 -3.71 -0.96
CA HIS I 45 24.57 -2.53 -0.30
C HIS I 45 25.12 -2.46 1.12
N LYS I 46 25.56 -1.28 1.52
CA LYS I 46 26.09 -1.05 2.87
C LYS I 46 24.91 -0.98 3.83
N CYS I 47 24.64 -2.08 4.54
CA CYS I 47 23.50 -2.15 5.43
C CYS I 47 23.87 -1.71 6.84
#